data_2JW4
#
_entry.id   2JW4
#
_entity_poly.entity_id   1
_entity_poly.type   'polypeptide(L)'
_entity_poly.pdbx_seq_one_letter_code
;GSTMAEEVVVVAKFDYVAQQEQELDIKKNERLWLLDDSKSWWRVRNSMNKTGFVPSNYVERKNSARAAANSS
;
_entity_poly.pdbx_strand_id   A
#
# COMPACT_ATOMS: atom_id res chain seq x y z
N GLY A 1 3.29 -20.08 8.32
CA GLY A 1 4.62 -19.55 8.08
C GLY A 1 4.58 -18.17 7.43
N SER A 2 5.05 -18.09 6.20
CA SER A 2 5.07 -16.83 5.47
C SER A 2 5.09 -17.07 3.96
N THR A 3 3.92 -17.27 3.38
CA THR A 3 3.81 -17.52 1.95
C THR A 3 3.95 -16.22 1.16
N MET A 4 5.00 -16.13 0.36
CA MET A 4 5.25 -14.95 -0.45
C MET A 4 5.59 -13.75 0.43
N ALA A 5 6.43 -12.85 -0.10
CA ALA A 5 6.84 -11.66 0.64
C ALA A 5 5.76 -10.59 0.58
N GLU A 6 4.77 -10.70 1.45
CA GLU A 6 3.67 -9.73 1.48
C GLU A 6 3.01 -9.73 2.85
N GLU A 7 3.48 -8.88 3.75
CA GLU A 7 2.94 -8.78 5.09
C GLU A 7 2.87 -7.32 5.55
N VAL A 8 2.52 -6.44 4.63
CA VAL A 8 2.43 -5.02 4.93
C VAL A 8 1.37 -4.34 4.07
N VAL A 9 0.43 -3.67 4.71
CA VAL A 9 -0.64 -2.97 4.01
C VAL A 9 -0.72 -1.51 4.43
N VAL A 10 -1.05 -0.64 3.48
CA VAL A 10 -1.16 0.79 3.76
C VAL A 10 -2.48 1.34 3.24
N VAL A 11 -3.05 2.28 3.99
CA VAL A 11 -4.32 2.90 3.60
C VAL A 11 -4.09 4.29 3.01
N ALA A 12 -4.90 4.64 2.01
CA ALA A 12 -4.79 5.93 1.37
C ALA A 12 -5.70 6.97 2.04
N LYS A 13 -5.19 8.17 2.24
CA LYS A 13 -5.95 9.24 2.87
C LYS A 13 -6.59 10.14 1.83
N PHE A 14 -5.91 10.31 0.69
CA PHE A 14 -6.42 11.15 -0.39
C PHE A 14 -6.48 10.37 -1.69
N ASP A 15 -6.81 11.06 -2.79
CA ASP A 15 -6.90 10.44 -4.09
C ASP A 15 -5.72 10.84 -4.97
N TYR A 16 -5.29 9.91 -5.83
CA TYR A 16 -4.17 10.18 -6.72
C TYR A 16 -4.32 9.40 -8.03
N VAL A 17 -3.80 9.97 -9.11
CA VAL A 17 -3.89 9.34 -10.42
C VAL A 17 -2.51 8.86 -10.89
N ALA A 18 -2.31 7.54 -10.87
CA ALA A 18 -1.05 6.96 -11.29
C ALA A 18 -0.52 7.64 -12.56
N GLN A 19 0.29 8.68 -12.37
CA GLN A 19 0.86 9.41 -13.50
C GLN A 19 1.31 8.46 -14.59
N GLN A 20 2.33 7.67 -14.30
CA GLN A 20 2.87 6.71 -15.26
C GLN A 20 2.01 5.45 -15.30
N GLU A 21 2.03 4.77 -16.45
CA GLU A 21 1.26 3.54 -16.62
C GLU A 21 1.73 2.47 -15.66
N GLN A 22 2.94 2.62 -15.14
CA GLN A 22 3.51 1.65 -14.21
C GLN A 22 2.95 1.86 -12.80
N GLU A 23 2.59 3.11 -12.49
CA GLU A 23 2.05 3.43 -11.18
C GLU A 23 0.61 2.93 -11.05
N LEU A 24 0.15 2.78 -9.81
CA LEU A 24 -1.20 2.31 -9.55
C LEU A 24 -2.07 3.43 -9.00
N ASP A 25 -3.31 3.50 -9.47
CA ASP A 25 -4.25 4.53 -9.03
C ASP A 25 -4.75 4.23 -7.61
N ILE A 26 -4.93 5.29 -6.83
CA ILE A 26 -5.40 5.14 -5.45
C ILE A 26 -6.75 5.83 -5.26
N LYS A 27 -7.29 5.74 -4.05
CA LYS A 27 -8.57 6.36 -3.73
C LYS A 27 -8.65 6.72 -2.25
N LYS A 28 -9.29 7.83 -1.94
CA LYS A 28 -9.44 8.28 -0.56
C LYS A 28 -10.11 7.22 0.29
N ASN A 29 -9.39 6.74 1.30
CA ASN A 29 -9.91 5.71 2.18
C ASN A 29 -9.82 4.33 1.55
N GLU A 30 -8.76 4.11 0.77
CA GLU A 30 -8.56 2.83 0.10
C GLU A 30 -7.37 2.08 0.69
N ARG A 31 -7.61 0.84 1.12
CA ARG A 31 -6.55 0.03 1.70
C ARG A 31 -5.77 -0.72 0.63
N LEU A 32 -4.53 -0.30 0.42
CA LEU A 32 -3.67 -0.92 -0.58
C LEU A 32 -2.64 -1.85 0.07
N TRP A 33 -2.43 -3.01 -0.55
CA TRP A 33 -1.47 -3.98 -0.04
C TRP A 33 -0.06 -3.69 -0.53
N LEU A 34 0.82 -3.34 0.40
CA LEU A 34 2.20 -3.03 0.05
C LEU A 34 2.96 -4.29 -0.32
N LEU A 35 3.56 -4.29 -1.51
CA LEU A 35 4.32 -5.45 -1.99
C LEU A 35 5.81 -5.18 -1.88
N ASP A 36 6.28 -4.15 -2.57
CA ASP A 36 7.70 -3.79 -2.54
C ASP A 36 7.89 -2.36 -2.09
N ASP A 37 8.48 -2.19 -0.91
CA ASP A 37 8.71 -0.85 -0.36
C ASP A 37 10.21 -0.60 -0.18
N SER A 38 10.99 -0.91 -1.21
CA SER A 38 12.43 -0.72 -1.17
C SER A 38 12.85 0.47 -2.02
N LYS A 39 12.28 0.58 -3.22
CA LYS A 39 12.59 1.68 -4.12
C LYS A 39 11.88 2.95 -3.69
N SER A 40 12.42 4.09 -4.10
CA SER A 40 11.82 5.38 -3.76
C SER A 40 10.30 5.29 -3.73
N TRP A 41 9.73 4.66 -4.76
CA TRP A 41 8.28 4.51 -4.85
C TRP A 41 7.84 3.22 -4.19
N TRP A 42 6.79 3.31 -3.36
CA TRP A 42 6.26 2.15 -2.66
C TRP A 42 5.27 1.39 -3.54
N ARG A 43 5.62 0.17 -3.92
CA ARG A 43 4.76 -0.65 -4.76
C ARG A 43 3.65 -1.29 -3.92
N VAL A 44 2.41 -1.06 -4.33
CA VAL A 44 1.26 -1.63 -3.63
C VAL A 44 0.33 -2.36 -4.59
N ARG A 45 -0.67 -3.04 -4.04
CA ARG A 45 -1.63 -3.78 -4.85
C ARG A 45 -3.06 -3.30 -4.57
N ASN A 46 -3.92 -3.41 -5.57
CA ASN A 46 -5.31 -2.99 -5.43
C ASN A 46 -6.24 -4.20 -5.42
N SER A 47 -7.48 -3.98 -4.99
CA SER A 47 -8.47 -5.05 -4.93
C SER A 47 -8.70 -5.65 -6.31
N MET A 48 -8.31 -4.91 -7.34
CA MET A 48 -8.48 -5.38 -8.71
C MET A 48 -7.33 -6.31 -9.12
N ASN A 49 -6.52 -6.70 -8.15
CA ASN A 49 -5.39 -7.58 -8.41
C ASN A 49 -4.26 -6.83 -9.12
N LYS A 50 -4.51 -5.57 -9.44
CA LYS A 50 -3.52 -4.75 -10.12
C LYS A 50 -2.45 -4.28 -9.14
N THR A 51 -1.27 -3.96 -9.68
CA THR A 51 -0.15 -3.50 -8.86
C THR A 51 0.60 -2.36 -9.55
N GLY A 52 1.25 -1.52 -8.74
CA GLY A 52 1.99 -0.40 -9.28
C GLY A 52 2.76 0.35 -8.23
N PHE A 53 3.65 1.25 -8.66
CA PHE A 53 4.46 2.04 -7.74
C PHE A 53 3.77 3.36 -7.40
N VAL A 54 3.65 3.63 -6.10
CA VAL A 54 3.02 4.87 -5.65
C VAL A 54 3.82 5.52 -4.51
N PRO A 55 3.74 6.85 -4.43
CA PRO A 55 4.45 7.63 -3.41
C PRO A 55 3.88 7.40 -2.02
N SER A 56 4.70 7.65 -0.99
CA SER A 56 4.28 7.47 0.38
C SER A 56 3.67 8.76 0.94
N ASN A 57 2.97 9.48 0.08
CA ASN A 57 2.34 10.74 0.48
C ASN A 57 0.83 10.56 0.62
N TYR A 58 0.25 9.70 -0.21
CA TYR A 58 -1.19 9.45 -0.18
C TYR A 58 -1.47 8.07 0.40
N VAL A 59 -0.56 7.57 1.21
CA VAL A 59 -0.72 6.26 1.84
C VAL A 59 -0.02 6.21 3.19
N GLU A 60 -0.27 5.14 3.94
CA GLU A 60 0.34 4.96 5.25
C GLU A 60 0.21 3.52 5.72
N ARG A 61 1.32 2.94 6.18
CA ARG A 61 1.32 1.57 6.66
C ARG A 61 0.42 1.42 7.88
N LYS A 62 -0.26 0.28 7.97
CA LYS A 62 -1.16 0.02 9.09
C LYS A 62 -0.59 -1.08 9.99
N ASN A 63 -1.42 -1.59 10.88
CA ASN A 63 -0.99 -2.65 11.80
C ASN A 63 -0.20 -2.07 12.97
N SER A 64 -0.45 -0.80 13.27
CA SER A 64 0.25 -0.12 14.36
C SER A 64 -0.06 -0.79 15.70
N ALA A 65 0.62 -0.34 16.75
CA ALA A 65 0.42 -0.89 18.08
C ALA A 65 -0.18 0.15 19.02
N ARG A 66 0.02 -0.05 20.32
CA ARG A 66 -0.51 0.87 21.33
C ARG A 66 -0.25 2.32 20.92
N ALA A 67 -1.21 3.18 21.21
CA ALA A 67 -1.10 4.60 20.88
C ALA A 67 0.08 5.24 21.61
N ALA A 68 0.15 5.01 22.92
CA ALA A 68 1.22 5.56 23.74
C ALA A 68 2.59 5.17 23.19
N ALA A 69 2.82 3.86 23.09
CA ALA A 69 4.09 3.36 22.58
C ALA A 69 4.10 3.34 21.06
N ASN A 70 5.05 4.06 20.46
CA ASN A 70 5.17 4.13 19.02
C ASN A 70 6.56 3.70 18.56
N SER A 71 6.75 2.40 18.40
CA SER A 71 8.03 1.85 17.97
C SER A 71 9.18 2.67 18.55
N SER A 72 9.55 2.36 19.80
CA SER A 72 10.64 3.06 20.47
C SER A 72 10.93 2.44 21.83
N GLY A 1 -1.68 -23.34 -2.56
CA GLY A 1 -0.77 -22.36 -3.16
C GLY A 1 0.00 -21.58 -2.13
N SER A 2 1.33 -21.68 -2.19
CA SER A 2 2.20 -20.98 -1.25
C SER A 2 2.17 -19.48 -1.50
N THR A 3 2.00 -18.71 -0.42
CA THR A 3 1.95 -17.26 -0.53
C THR A 3 3.34 -16.65 -0.35
N MET A 4 3.48 -15.39 -0.75
CA MET A 4 4.76 -14.69 -0.65
C MET A 4 4.92 -14.09 0.74
N ALA A 5 6.12 -14.20 1.30
CA ALA A 5 6.41 -13.66 2.62
C ALA A 5 6.14 -12.16 2.67
N GLU A 6 6.31 -11.57 3.85
CA GLU A 6 6.08 -10.14 4.03
C GLU A 6 4.65 -9.76 3.62
N GLU A 7 3.81 -9.49 4.62
CA GLU A 7 2.43 -9.12 4.36
C GLU A 7 2.10 -7.77 5.00
N VAL A 8 2.40 -6.69 4.29
CA VAL A 8 2.14 -5.35 4.79
C VAL A 8 0.99 -4.70 4.03
N VAL A 9 0.21 -3.87 4.73
CA VAL A 9 -0.93 -3.19 4.12
C VAL A 9 -0.88 -1.70 4.42
N VAL A 10 -1.23 -0.89 3.42
CA VAL A 10 -1.23 0.56 3.57
C VAL A 10 -2.53 1.17 3.05
N VAL A 11 -3.06 2.15 3.77
CA VAL A 11 -4.30 2.81 3.38
C VAL A 11 -4.03 4.23 2.91
N ALA A 12 -4.57 4.58 1.75
CA ALA A 12 -4.40 5.91 1.19
C ALA A 12 -5.19 6.95 1.97
N LYS A 13 -4.64 8.14 2.09
CA LYS A 13 -5.29 9.23 2.82
C LYS A 13 -5.99 10.19 1.86
N PHE A 14 -5.42 10.35 0.67
CA PHE A 14 -5.98 11.23 -0.34
C PHE A 14 -6.14 10.51 -1.67
N ASP A 15 -6.61 11.23 -2.67
CA ASP A 15 -6.80 10.66 -4.00
C ASP A 15 -5.63 10.99 -4.91
N TYR A 16 -5.22 10.02 -5.73
CA TYR A 16 -4.10 10.21 -6.64
C TYR A 16 -4.35 9.48 -7.96
N VAL A 17 -3.81 10.04 -9.05
CA VAL A 17 -3.99 9.44 -10.37
C VAL A 17 -2.65 8.91 -10.90
N ALA A 18 -2.53 7.59 -10.95
CA ALA A 18 -1.31 6.96 -11.44
C ALA A 18 -0.86 7.59 -12.75
N GLN A 19 -0.04 8.63 -12.65
CA GLN A 19 0.46 9.32 -13.83
C GLN A 19 0.90 8.34 -14.90
N GLN A 20 1.93 7.56 -14.59
CA GLN A 20 2.45 6.56 -15.53
C GLN A 20 1.58 5.31 -15.51
N GLU A 21 1.47 4.66 -16.68
CA GLU A 21 0.67 3.44 -16.80
C GLU A 21 1.17 2.37 -15.84
N GLN A 22 2.42 2.50 -15.42
CA GLN A 22 3.03 1.53 -14.51
C GLN A 22 2.51 1.74 -13.08
N GLU A 23 2.20 2.98 -12.75
CA GLU A 23 1.70 3.31 -11.41
C GLU A 23 0.26 2.82 -11.25
N LEU A 24 -0.18 2.74 -10.00
CA LEU A 24 -1.54 2.29 -9.69
C LEU A 24 -2.38 3.43 -9.15
N ASP A 25 -3.64 3.48 -9.55
CA ASP A 25 -4.56 4.52 -9.10
C ASP A 25 -5.04 4.24 -7.68
N ILE A 26 -5.13 5.30 -6.88
CA ILE A 26 -5.58 5.16 -5.49
C ILE A 26 -6.87 5.95 -5.26
N LYS A 27 -7.38 5.86 -4.04
CA LYS A 27 -8.60 6.56 -3.67
C LYS A 27 -8.63 6.88 -2.18
N LYS A 28 -9.14 8.06 -1.84
CA LYS A 28 -9.23 8.49 -0.45
C LYS A 28 -9.94 7.44 0.40
N ASN A 29 -9.24 6.91 1.40
CA ASN A 29 -9.80 5.90 2.29
C ASN A 29 -9.88 4.55 1.59
N GLU A 30 -8.85 4.23 0.82
CA GLU A 30 -8.81 2.95 0.09
C GLU A 30 -7.60 2.12 0.53
N ARG A 31 -7.86 1.03 1.23
CA ARG A 31 -6.80 0.15 1.69
C ARG A 31 -6.10 -0.54 0.53
N LEU A 32 -4.81 -0.78 0.68
CA LEU A 32 -4.01 -1.43 -0.36
C LEU A 32 -2.98 -2.37 0.24
N TRP A 33 -2.53 -3.33 -0.55
CA TRP A 33 -1.53 -4.30 -0.10
C TRP A 33 -0.13 -3.88 -0.54
N LEU A 34 0.72 -3.56 0.43
CA LEU A 34 2.09 -3.15 0.14
C LEU A 34 2.94 -4.34 -0.27
N LEU A 35 3.63 -4.21 -1.40
CA LEU A 35 4.49 -5.27 -1.91
C LEU A 35 5.96 -4.91 -1.76
N ASP A 36 6.28 -3.64 -1.97
CA ASP A 36 7.65 -3.16 -1.86
C ASP A 36 7.69 -1.73 -1.35
N ASP A 37 8.16 -1.55 -0.12
CA ASP A 37 8.25 -0.22 0.48
C ASP A 37 9.70 0.14 0.78
N SER A 38 10.62 -0.29 -0.09
CA SER A 38 12.03 -0.01 0.09
C SER A 38 12.51 1.03 -0.91
N LYS A 39 12.11 0.88 -2.16
CA LYS A 39 12.49 1.81 -3.21
C LYS A 39 11.75 3.13 -3.07
N SER A 40 12.35 4.21 -3.57
CA SER A 40 11.75 5.53 -3.49
C SER A 40 10.23 5.45 -3.60
N TRP A 41 9.76 4.76 -4.64
CA TRP A 41 8.33 4.60 -4.87
C TRP A 41 7.81 3.34 -4.19
N TRP A 42 6.82 3.51 -3.32
CA TRP A 42 6.24 2.37 -2.61
C TRP A 42 5.27 1.61 -3.50
N ARG A 43 5.65 0.40 -3.89
CA ARG A 43 4.82 -0.44 -4.74
C ARG A 43 3.73 -1.12 -3.94
N VAL A 44 2.48 -0.93 -4.37
CA VAL A 44 1.34 -1.54 -3.69
C VAL A 44 0.42 -2.26 -4.67
N ARG A 45 -0.52 -3.03 -4.14
CA ARG A 45 -1.46 -3.78 -4.98
C ARG A 45 -2.88 -3.29 -4.75
N ASN A 46 -3.74 -3.54 -5.74
CA ASN A 46 -5.14 -3.12 -5.65
C ASN A 46 -6.06 -4.33 -5.62
N SER A 47 -7.31 -4.11 -5.21
CA SER A 47 -8.30 -5.18 -5.12
C SER A 47 -8.50 -5.84 -6.48
N MET A 48 -8.14 -5.13 -7.54
CA MET A 48 -8.27 -5.65 -8.89
C MET A 48 -7.12 -6.57 -9.25
N ASN A 49 -6.32 -6.91 -8.25
CA ASN A 49 -5.17 -7.79 -8.46
C ASN A 49 -4.04 -7.06 -9.18
N LYS A 50 -4.30 -5.81 -9.56
CA LYS A 50 -3.31 -4.99 -10.24
C LYS A 50 -2.26 -4.47 -9.26
N THR A 51 -1.16 -3.95 -9.79
CA THR A 51 -0.09 -3.41 -8.97
C THR A 51 0.59 -2.23 -9.65
N GLY A 52 1.10 -1.30 -8.84
CA GLY A 52 1.78 -0.14 -9.39
C GLY A 52 2.56 0.62 -8.33
N PHE A 53 3.49 1.45 -8.78
CA PHE A 53 4.32 2.24 -7.87
C PHE A 53 3.62 3.54 -7.49
N VAL A 54 3.67 3.87 -6.20
CA VAL A 54 3.03 5.09 -5.71
C VAL A 54 3.84 5.69 -4.56
N PRO A 55 3.76 7.02 -4.42
CA PRO A 55 4.47 7.76 -3.37
C PRO A 55 3.90 7.48 -1.98
N SER A 56 4.78 7.16 -1.04
CA SER A 56 4.36 6.86 0.33
C SER A 56 3.71 8.08 0.97
N ASN A 57 3.80 9.23 0.29
CA ASN A 57 3.22 10.47 0.79
C ASN A 57 1.69 10.41 0.72
N TYR A 58 1.17 9.51 -0.11
CA TYR A 58 -0.27 9.36 -0.26
C TYR A 58 -0.77 8.16 0.51
N VAL A 59 0.09 7.16 0.68
CA VAL A 59 -0.28 5.97 1.42
C VAL A 59 0.46 5.88 2.75
N GLU A 60 0.14 4.86 3.54
CA GLU A 60 0.77 4.66 4.84
C GLU A 60 0.52 3.25 5.36
N ARG A 61 1.59 2.59 5.78
CA ARG A 61 1.49 1.23 6.31
C ARG A 61 0.72 1.21 7.63
N LYS A 62 -0.07 0.17 7.83
CA LYS A 62 -0.85 0.03 9.06
C LYS A 62 0.03 0.15 10.29
N ASN A 63 -0.58 0.40 11.44
CA ASN A 63 0.15 0.54 12.69
C ASN A 63 -0.57 -0.20 13.83
N SER A 64 -1.17 -1.33 13.48
CA SER A 64 -1.89 -2.13 14.47
C SER A 64 -0.97 -2.57 15.60
N ALA A 65 -0.80 -1.71 16.59
CA ALA A 65 0.06 -2.00 17.73
C ALA A 65 -0.77 -2.31 18.98
N ARG A 66 -1.13 -3.57 19.14
CA ARG A 66 -1.92 -3.99 20.30
C ARG A 66 -3.27 -3.28 20.32
N ALA A 67 -4.34 -4.06 20.45
CA ALA A 67 -5.69 -3.51 20.48
C ALA A 67 -5.85 -2.53 21.64
N ALA A 68 -5.47 -2.98 22.83
CA ALA A 68 -5.57 -2.15 24.03
C ALA A 68 -4.92 -0.79 23.82
N ALA A 69 -3.76 -0.79 23.19
CA ALA A 69 -3.03 0.45 22.93
C ALA A 69 -3.23 0.90 21.48
N ASN A 70 -4.22 1.77 21.27
CA ASN A 70 -4.52 2.28 19.94
C ASN A 70 -5.66 3.29 19.99
N SER A 71 -5.37 4.53 19.60
CA SER A 71 -6.38 5.58 19.60
C SER A 71 -6.93 5.80 21.01
N SER A 72 -6.77 7.02 21.51
CA SER A 72 -7.25 7.37 22.84
C SER A 72 -6.97 8.83 23.16
N GLY A 1 -10.02 -19.30 6.52
CA GLY A 1 -8.75 -19.23 7.24
C GLY A 1 -7.58 -18.89 6.33
N SER A 2 -7.25 -19.82 5.44
CA SER A 2 -6.14 -19.61 4.51
C SER A 2 -4.97 -18.92 5.21
N THR A 3 -4.57 -19.47 6.36
CA THR A 3 -3.47 -18.91 7.13
C THR A 3 -2.22 -18.75 6.26
N MET A 4 -1.81 -17.50 6.05
CA MET A 4 -0.63 -17.22 5.25
C MET A 4 0.37 -16.37 6.02
N ALA A 5 1.51 -16.09 5.40
CA ALA A 5 2.56 -15.28 6.03
C ALA A 5 2.01 -13.92 6.45
N GLU A 6 2.85 -13.12 7.09
CA GLU A 6 2.46 -11.79 7.55
C GLU A 6 2.98 -10.71 6.60
N GLU A 7 2.06 -10.06 5.90
CA GLU A 7 2.42 -9.01 4.96
C GLU A 7 2.11 -7.63 5.54
N VAL A 8 2.33 -6.59 4.73
CA VAL A 8 2.06 -5.22 5.16
C VAL A 8 0.96 -4.58 4.32
N VAL A 9 0.13 -3.79 4.97
CA VAL A 9 -0.97 -3.11 4.27
C VAL A 9 -0.96 -1.61 4.56
N VAL A 10 -1.26 -0.82 3.54
CA VAL A 10 -1.29 0.64 3.70
C VAL A 10 -2.62 1.21 3.21
N VAL A 11 -3.09 2.26 3.89
CA VAL A 11 -4.35 2.89 3.53
C VAL A 11 -4.12 4.31 3.04
N ALA A 12 -4.50 4.58 1.80
CA ALA A 12 -4.34 5.91 1.22
C ALA A 12 -5.14 6.96 1.99
N LYS A 13 -4.58 8.15 2.12
CA LYS A 13 -5.24 9.24 2.84
C LYS A 13 -5.99 10.15 1.87
N PHE A 14 -5.39 10.38 0.71
CA PHE A 14 -6.00 11.24 -0.30
C PHE A 14 -6.16 10.50 -1.63
N ASP A 15 -6.65 11.20 -2.64
CA ASP A 15 -6.85 10.60 -3.96
C ASP A 15 -5.67 10.93 -4.88
N TYR A 16 -5.23 9.92 -5.64
CA TYR A 16 -4.11 10.10 -6.56
C TYR A 16 -4.38 9.38 -7.88
N VAL A 17 -3.85 9.93 -8.96
CA VAL A 17 -4.02 9.35 -10.28
C VAL A 17 -2.70 8.82 -10.84
N ALA A 18 -2.57 7.50 -10.90
CA ALA A 18 -1.36 6.87 -11.42
C ALA A 18 -0.85 7.60 -12.66
N GLN A 19 0.02 8.57 -12.45
CA GLN A 19 0.57 9.35 -13.56
C GLN A 19 0.96 8.43 -14.72
N GLN A 20 1.97 7.58 -14.49
CA GLN A 20 2.43 6.65 -15.52
C GLN A 20 1.55 5.41 -15.55
N GLU A 21 1.50 4.77 -16.72
CA GLU A 21 0.70 3.56 -16.89
C GLU A 21 1.19 2.45 -15.96
N GLN A 22 2.43 2.58 -15.50
CA GLN A 22 3.02 1.58 -14.61
C GLN A 22 2.49 1.75 -13.19
N GLU A 23 2.31 3.00 -12.78
CA GLU A 23 1.81 3.30 -11.44
C GLU A 23 0.39 2.79 -11.27
N LEU A 24 -0.08 2.76 -10.02
CA LEU A 24 -1.43 2.30 -9.70
C LEU A 24 -2.29 3.45 -9.19
N ASP A 25 -3.59 3.38 -9.47
CA ASP A 25 -4.52 4.40 -9.03
C ASP A 25 -5.02 4.12 -7.62
N ILE A 26 -5.11 5.17 -6.81
CA ILE A 26 -5.56 5.03 -5.43
C ILE A 26 -6.84 5.82 -5.19
N LYS A 27 -7.36 5.76 -3.97
CA LYS A 27 -8.58 6.47 -3.62
C LYS A 27 -8.60 6.81 -2.13
N LYS A 28 -9.10 8.00 -1.80
CA LYS A 28 -9.17 8.43 -0.42
C LYS A 28 -9.91 7.40 0.44
N ASN A 29 -9.20 6.87 1.44
CA ASN A 29 -9.79 5.88 2.34
C ASN A 29 -9.89 4.52 1.65
N GLU A 30 -8.86 4.15 0.91
CA GLU A 30 -8.84 2.88 0.19
C GLU A 30 -7.63 2.05 0.61
N ARG A 31 -7.89 0.94 1.30
CA ARG A 31 -6.82 0.05 1.75
C ARG A 31 -6.13 -0.61 0.57
N LEU A 32 -4.83 -0.83 0.71
CA LEU A 32 -4.05 -1.47 -0.35
C LEU A 32 -3.01 -2.42 0.24
N TRP A 33 -2.50 -3.31 -0.60
CA TRP A 33 -1.49 -4.28 -0.17
C TRP A 33 -0.09 -3.84 -0.58
N LEU A 34 0.77 -3.63 0.41
CA LEU A 34 2.15 -3.20 0.15
C LEU A 34 3.02 -4.38 -0.25
N LEU A 35 3.74 -4.22 -1.35
CA LEU A 35 4.62 -5.28 -1.85
C LEU A 35 6.09 -4.88 -1.71
N ASP A 36 6.49 -3.85 -2.44
CA ASP A 36 7.86 -3.36 -2.39
C ASP A 36 7.91 -1.92 -1.87
N ASP A 37 8.46 -1.76 -0.67
CA ASP A 37 8.57 -0.44 -0.05
C ASP A 37 10.04 -0.08 0.17
N SER A 38 10.91 -0.59 -0.68
CA SER A 38 12.34 -0.32 -0.57
C SER A 38 12.75 0.84 -1.47
N LYS A 39 12.26 0.82 -2.70
CA LYS A 39 12.56 1.88 -3.67
C LYS A 39 11.80 3.15 -3.34
N SER A 40 12.37 4.29 -3.71
CA SER A 40 11.75 5.58 -3.46
C SER A 40 10.23 5.48 -3.56
N TRP A 41 9.75 4.88 -4.64
CA TRP A 41 8.32 4.72 -4.86
C TRP A 41 7.81 3.45 -4.18
N TRP A 42 6.79 3.61 -3.34
CA TRP A 42 6.20 2.47 -2.63
C TRP A 42 5.23 1.72 -3.52
N ARG A 43 5.61 0.51 -3.93
CA ARG A 43 4.76 -0.30 -4.79
C ARG A 43 3.67 -0.99 -3.97
N VAL A 44 2.42 -0.86 -4.43
CA VAL A 44 1.29 -1.47 -3.74
C VAL A 44 0.42 -2.25 -4.71
N ARG A 45 -0.55 -2.98 -4.17
CA ARG A 45 -1.46 -3.77 -4.99
C ARG A 45 -2.91 -3.36 -4.75
N ASN A 46 -3.74 -3.51 -5.77
CA ASN A 46 -5.16 -3.16 -5.67
C ASN A 46 -6.03 -4.41 -5.64
N SER A 47 -7.30 -4.23 -5.28
CA SER A 47 -8.24 -5.35 -5.21
C SER A 47 -8.41 -5.99 -6.58
N MET A 48 -8.08 -5.24 -7.64
CA MET A 48 -8.20 -5.74 -9.00
C MET A 48 -7.02 -6.64 -9.35
N ASN A 49 -6.21 -6.96 -8.36
CA ASN A 49 -5.04 -7.81 -8.56
C ASN A 49 -3.93 -7.05 -9.28
N LYS A 50 -4.22 -5.80 -9.65
CA LYS A 50 -3.24 -4.97 -10.35
C LYS A 50 -2.20 -4.43 -9.36
N THR A 51 -1.11 -3.89 -9.91
CA THR A 51 -0.04 -3.34 -9.09
C THR A 51 0.58 -2.11 -9.74
N GLY A 52 1.21 -1.28 -8.93
CA GLY A 52 1.84 -0.07 -9.45
C GLY A 52 2.61 0.68 -8.38
N PHE A 53 3.52 1.55 -8.82
CA PHE A 53 4.33 2.33 -7.90
C PHE A 53 3.63 3.64 -7.52
N VAL A 54 3.75 4.02 -6.26
CA VAL A 54 3.12 5.24 -5.76
C VAL A 54 3.92 5.84 -4.61
N PRO A 55 3.84 7.17 -4.47
CA PRO A 55 4.55 7.90 -3.40
C PRO A 55 3.96 7.62 -2.03
N SER A 56 4.79 7.12 -1.12
CA SER A 56 4.36 6.81 0.23
C SER A 56 3.71 8.03 0.89
N ASN A 57 3.91 9.19 0.29
CA ASN A 57 3.35 10.43 0.81
C ASN A 57 1.83 10.43 0.67
N TYR A 58 1.31 9.46 -0.07
CA TYR A 58 -0.14 9.35 -0.28
C TYR A 58 -0.71 8.16 0.49
N VAL A 59 0.15 7.19 0.79
CA VAL A 59 -0.26 5.99 1.52
C VAL A 59 0.41 5.93 2.87
N GLU A 60 0.01 4.94 3.68
CA GLU A 60 0.58 4.77 5.01
C GLU A 60 0.27 3.38 5.55
N ARG A 61 1.29 2.71 6.09
CA ARG A 61 1.12 1.38 6.64
C ARG A 61 0.17 1.40 7.83
N LYS A 62 -0.64 0.35 7.96
CA LYS A 62 -1.59 0.24 9.06
C LYS A 62 -0.89 0.40 10.40
N ASN A 63 -1.67 0.62 11.45
CA ASN A 63 -1.13 0.80 12.80
C ASN A 63 -2.24 0.83 13.84
N SER A 64 -3.27 0.01 13.63
CA SER A 64 -4.40 -0.05 14.55
C SER A 64 -4.02 -0.78 15.82
N ALA A 65 -3.44 -0.04 16.77
CA ALA A 65 -3.03 -0.62 18.05
C ALA A 65 -4.16 -0.55 19.07
N ARG A 66 -5.12 -1.45 18.94
CA ARG A 66 -6.26 -1.48 19.85
C ARG A 66 -7.10 -0.20 19.74
N ALA A 67 -8.36 -0.36 19.38
CA ALA A 67 -9.26 0.78 19.24
C ALA A 67 -9.25 1.65 20.48
N ALA A 68 -9.42 1.02 21.64
CA ALA A 68 -9.42 1.75 22.90
C ALA A 68 -8.00 1.98 23.41
N ALA A 69 -7.08 2.21 22.48
CA ALA A 69 -5.69 2.45 22.84
C ALA A 69 -5.57 3.42 24.00
N ASN A 70 -6.29 4.53 23.92
CA ASN A 70 -6.27 5.54 24.97
C ASN A 70 -7.60 5.59 25.71
N SER A 71 -7.68 6.43 26.73
CA SER A 71 -8.90 6.57 27.51
C SER A 71 -9.95 7.39 26.76
N SER A 72 -10.66 6.72 25.85
CA SER A 72 -11.69 7.39 25.05
C SER A 72 -11.27 8.81 24.69
N GLY A 1 -3.96 -17.00 -4.78
CA GLY A 1 -3.53 -16.73 -3.42
C GLY A 1 -2.10 -17.16 -3.17
N SER A 2 -1.22 -16.17 -2.97
CA SER A 2 0.19 -16.44 -2.72
C SER A 2 0.65 -15.76 -1.43
N THR A 3 0.67 -16.53 -0.35
CA THR A 3 1.09 -16.02 0.95
C THR A 3 2.26 -15.05 0.80
N MET A 4 3.37 -15.54 0.28
CA MET A 4 4.56 -14.71 0.09
C MET A 4 5.16 -14.30 1.42
N ALA A 5 6.49 -14.37 1.52
CA ALA A 5 7.18 -14.00 2.74
C ALA A 5 6.87 -12.56 3.14
N GLU A 6 6.49 -12.37 4.40
CA GLU A 6 6.16 -11.03 4.89
C GLU A 6 4.93 -10.47 4.18
N GLU A 7 4.31 -9.46 4.78
CA GLU A 7 3.12 -8.84 4.20
C GLU A 7 2.78 -7.54 4.93
N VAL A 8 2.59 -6.47 4.17
CA VAL A 8 2.25 -5.18 4.74
C VAL A 8 1.10 -4.53 3.99
N VAL A 9 0.29 -3.74 4.71
CA VAL A 9 -0.84 -3.07 4.12
C VAL A 9 -0.84 -1.58 4.45
N VAL A 10 -1.22 -0.76 3.47
CA VAL A 10 -1.26 0.69 3.66
C VAL A 10 -2.60 1.27 3.23
N VAL A 11 -3.12 2.21 4.02
CA VAL A 11 -4.39 2.84 3.72
C VAL A 11 -4.19 4.26 3.19
N ALA A 12 -4.67 4.51 1.98
CA ALA A 12 -4.54 5.82 1.37
C ALA A 12 -5.36 6.86 2.13
N LYS A 13 -4.80 8.07 2.25
CA LYS A 13 -5.47 9.15 2.96
C LYS A 13 -5.99 10.20 1.99
N PHE A 14 -5.50 10.14 0.75
CA PHE A 14 -5.92 11.09 -0.29
C PHE A 14 -6.12 10.38 -1.63
N ASP A 15 -6.48 11.15 -2.64
CA ASP A 15 -6.70 10.60 -3.97
C ASP A 15 -5.53 10.91 -4.90
N TYR A 16 -5.15 9.92 -5.69
CA TYR A 16 -4.03 10.09 -6.62
C TYR A 16 -4.29 9.34 -7.93
N VAL A 17 -3.76 9.87 -9.02
CA VAL A 17 -3.93 9.26 -10.34
C VAL A 17 -2.60 8.75 -10.88
N ALA A 18 -2.44 7.44 -10.94
CA ALA A 18 -1.22 6.83 -11.45
C ALA A 18 -0.80 7.46 -12.77
N GLN A 19 0.00 8.52 -12.68
CA GLN A 19 0.48 9.22 -13.88
C GLN A 19 0.94 8.23 -14.94
N GLN A 20 2.02 7.52 -14.64
CA GLN A 20 2.57 6.55 -15.57
C GLN A 20 1.69 5.30 -15.63
N GLU A 21 1.71 4.63 -16.79
CA GLU A 21 0.91 3.43 -16.97
C GLU A 21 1.37 2.31 -16.04
N GLN A 22 2.53 2.51 -15.42
CA GLN A 22 3.08 1.52 -14.51
C GLN A 22 2.55 1.72 -13.10
N GLU A 23 2.34 2.98 -12.73
CA GLU A 23 1.83 3.31 -11.40
C GLU A 23 0.39 2.81 -11.24
N LEU A 24 -0.06 2.71 -9.99
CA LEU A 24 -1.40 2.25 -9.70
C LEU A 24 -2.29 3.40 -9.23
N ASP A 25 -3.59 3.29 -9.47
CA ASP A 25 -4.53 4.33 -9.06
C ASP A 25 -5.03 4.08 -7.65
N ILE A 26 -5.11 5.15 -6.87
CA ILE A 26 -5.58 5.06 -5.48
C ILE A 26 -6.85 5.88 -5.27
N LYS A 27 -7.36 5.84 -4.05
CA LYS A 27 -8.57 6.59 -3.71
C LYS A 27 -8.57 6.97 -2.23
N LYS A 28 -9.06 8.17 -1.94
CA LYS A 28 -9.12 8.65 -0.56
C LYS A 28 -9.81 7.63 0.34
N ASN A 29 -9.06 7.10 1.30
CA ASN A 29 -9.60 6.11 2.23
C ASN A 29 -9.69 4.74 1.56
N GLU A 30 -8.67 4.38 0.79
CA GLU A 30 -8.64 3.10 0.11
C GLU A 30 -7.52 2.21 0.65
N ARG A 31 -7.89 1.03 1.13
CA ARG A 31 -6.93 0.09 1.68
C ARG A 31 -6.26 -0.71 0.58
N LEU A 32 -4.93 -0.63 0.51
CA LEU A 32 -4.17 -1.35 -0.50
C LEU A 32 -3.18 -2.32 0.14
N TRP A 33 -2.67 -3.24 -0.66
CA TRP A 33 -1.71 -4.23 -0.16
C TRP A 33 -0.28 -3.86 -0.56
N LEU A 34 0.52 -3.47 0.43
CA LEU A 34 1.91 -3.09 0.18
C LEU A 34 2.75 -4.31 -0.15
N LEU A 35 3.42 -4.26 -1.31
CA LEU A 35 4.26 -5.37 -1.76
C LEU A 35 5.74 -5.03 -1.56
N ASP A 36 6.19 -3.97 -2.23
CA ASP A 36 7.59 -3.54 -2.13
C ASP A 36 7.67 -2.07 -1.72
N ASP A 37 8.14 -1.83 -0.50
CA ASP A 37 8.27 -0.48 0.01
C ASP A 37 9.73 -0.15 0.31
N SER A 38 10.62 -0.57 -0.58
CA SER A 38 12.06 -0.33 -0.40
C SER A 38 12.51 0.86 -1.25
N LYS A 39 12.06 0.88 -2.51
CA LYS A 39 12.42 1.96 -3.43
C LYS A 39 11.63 3.23 -3.12
N SER A 40 12.19 4.37 -3.49
CA SER A 40 11.54 5.66 -3.25
C SER A 40 10.02 5.52 -3.38
N TRP A 41 9.58 4.88 -4.44
CA TRP A 41 8.15 4.69 -4.69
C TRP A 41 7.66 3.41 -4.01
N TRP A 42 6.64 3.55 -3.16
CA TRP A 42 6.07 2.42 -2.45
C TRP A 42 5.14 1.62 -3.36
N ARG A 43 5.57 0.42 -3.74
CA ARG A 43 4.77 -0.44 -4.61
C ARG A 43 3.68 -1.14 -3.81
N VAL A 44 2.44 -1.04 -4.29
CA VAL A 44 1.31 -1.67 -3.62
C VAL A 44 0.43 -2.40 -4.62
N ARG A 45 -0.59 -3.10 -4.11
CA ARG A 45 -1.51 -3.84 -4.95
C ARG A 45 -2.95 -3.37 -4.73
N ASN A 46 -3.75 -3.45 -5.78
CA ASN A 46 -5.15 -3.04 -5.70
C ASN A 46 -6.07 -4.25 -5.64
N SER A 47 -7.36 -3.99 -5.39
CA SER A 47 -8.34 -5.06 -5.30
C SER A 47 -8.54 -5.74 -6.65
N MET A 48 -8.15 -5.05 -7.71
CA MET A 48 -8.27 -5.59 -9.07
C MET A 48 -7.12 -6.53 -9.39
N ASN A 49 -6.33 -6.87 -8.38
CA ASN A 49 -5.20 -7.77 -8.56
C ASN A 49 -4.05 -7.05 -9.27
N LYS A 50 -4.28 -5.80 -9.63
CA LYS A 50 -3.27 -5.00 -10.33
C LYS A 50 -2.23 -4.47 -9.34
N THR A 51 -1.12 -3.98 -9.87
CA THR A 51 -0.05 -3.45 -9.04
C THR A 51 0.57 -2.19 -9.67
N GLY A 52 1.33 -1.45 -8.87
CA GLY A 52 1.96 -0.25 -9.37
C GLY A 52 2.74 0.48 -8.29
N PHE A 53 3.53 1.46 -8.71
CA PHE A 53 4.34 2.24 -7.76
C PHE A 53 3.64 3.54 -7.38
N VAL A 54 3.63 3.84 -6.09
CA VAL A 54 2.99 5.05 -5.59
C VAL A 54 3.80 5.66 -4.45
N PRO A 55 3.70 6.99 -4.30
CA PRO A 55 4.41 7.73 -3.26
C PRO A 55 3.85 7.43 -1.87
N SER A 56 4.74 7.35 -0.88
CA SER A 56 4.34 7.07 0.50
C SER A 56 3.72 8.30 1.14
N ASN A 57 3.55 9.36 0.34
CA ASN A 57 2.97 10.60 0.84
C ASN A 57 1.45 10.55 0.76
N TYR A 58 0.93 9.64 -0.04
CA TYR A 58 -0.51 9.49 -0.21
C TYR A 58 -1.03 8.29 0.58
N VAL A 59 -0.14 7.34 0.86
CA VAL A 59 -0.51 6.14 1.60
C VAL A 59 0.30 6.04 2.89
N GLU A 60 0.00 5.00 3.68
CA GLU A 60 0.69 4.79 4.95
C GLU A 60 0.50 3.36 5.45
N ARG A 61 1.60 2.68 5.76
CA ARG A 61 1.54 1.31 6.24
C ARG A 61 0.91 1.25 7.62
N LYS A 62 0.08 0.23 7.85
CA LYS A 62 -0.59 0.06 9.13
C LYS A 62 0.43 -0.07 10.26
N ASN A 63 -0.06 0.02 11.50
CA ASN A 63 0.81 -0.09 12.67
C ASN A 63 0.96 -1.54 13.11
N SER A 64 1.19 -2.43 12.16
CA SER A 64 1.35 -3.85 12.45
C SER A 64 2.81 -4.18 12.77
N ALA A 65 3.40 -3.38 13.64
CA ALA A 65 4.79 -3.59 14.03
C ALA A 65 4.89 -4.03 15.49
N ARG A 66 4.00 -4.93 15.90
CA ARG A 66 3.99 -5.42 17.27
C ARG A 66 4.90 -6.64 17.42
N ALA A 67 5.71 -6.63 18.47
CA ALA A 67 6.64 -7.73 18.73
C ALA A 67 5.98 -8.80 19.60
N ALA A 68 5.22 -8.37 20.59
CA ALA A 68 4.55 -9.29 21.50
C ALA A 68 3.75 -10.34 20.71
N ALA A 69 2.88 -9.88 19.83
CA ALA A 69 2.06 -10.78 19.02
C ALA A 69 2.84 -11.26 17.80
N ASN A 70 3.43 -12.45 17.91
CA ASN A 70 4.20 -13.03 16.82
C ASN A 70 5.46 -12.21 16.55
N SER A 71 6.38 -12.78 15.78
CA SER A 71 7.63 -12.11 15.45
C SER A 71 8.33 -11.61 16.72
N SER A 72 9.20 -12.45 17.27
CA SER A 72 9.93 -12.11 18.48
C SER A 72 10.73 -10.83 18.28
N GLY A 1 6.41 -21.40 0.55
CA GLY A 1 6.85 -20.06 0.90
C GLY A 1 7.61 -20.03 2.21
N SER A 2 8.42 -18.99 2.40
CA SER A 2 9.22 -18.85 3.62
C SER A 2 8.88 -17.55 4.33
N THR A 3 8.61 -17.66 5.63
CA THR A 3 8.27 -16.49 6.43
C THR A 3 9.50 -15.62 6.71
N MET A 4 9.56 -14.47 6.07
CA MET A 4 10.69 -13.55 6.23
C MET A 4 10.38 -12.19 5.61
N ALA A 5 9.82 -12.21 4.41
CA ALA A 5 9.48 -10.99 3.71
C ALA A 5 8.41 -10.20 4.45
N GLU A 6 7.41 -10.91 4.96
CA GLU A 6 6.31 -10.29 5.69
C GLU A 6 5.50 -9.38 4.76
N GLU A 7 4.17 -9.46 4.90
CA GLU A 7 3.28 -8.65 4.08
C GLU A 7 2.91 -7.36 4.79
N VAL A 8 2.90 -6.25 4.05
CA VAL A 8 2.57 -4.96 4.62
C VAL A 8 1.36 -4.34 3.92
N VAL A 9 0.55 -3.61 4.66
CA VAL A 9 -0.65 -2.97 4.12
C VAL A 9 -0.69 -1.50 4.49
N VAL A 10 -1.21 -0.67 3.57
CA VAL A 10 -1.32 0.76 3.80
C VAL A 10 -2.70 1.28 3.43
N VAL A 11 -3.11 2.37 4.04
CA VAL A 11 -4.41 2.97 3.77
C VAL A 11 -4.26 4.39 3.23
N ALA A 12 -4.64 4.58 1.97
CA ALA A 12 -4.55 5.89 1.34
C ALA A 12 -5.47 6.89 2.03
N LYS A 13 -4.90 8.05 2.38
CA LYS A 13 -5.67 9.10 3.04
C LYS A 13 -6.24 10.09 2.03
N PHE A 14 -5.60 10.17 0.86
CA PHE A 14 -6.04 11.07 -0.19
C PHE A 14 -6.21 10.33 -1.51
N ASP A 15 -6.51 11.07 -2.57
CA ASP A 15 -6.70 10.49 -3.89
C ASP A 15 -5.52 10.84 -4.80
N TYR A 16 -5.12 9.88 -5.64
CA TYR A 16 -4.01 10.08 -6.56
C TYR A 16 -4.26 9.37 -7.88
N VAL A 17 -3.74 9.94 -8.96
CA VAL A 17 -3.91 9.36 -10.28
C VAL A 17 -2.58 8.85 -10.83
N ALA A 18 -2.43 7.54 -10.89
CA ALA A 18 -1.21 6.92 -11.40
C ALA A 18 -0.67 7.69 -12.60
N GLN A 19 0.23 8.64 -12.33
CA GLN A 19 0.82 9.45 -13.40
C GLN A 19 1.14 8.60 -14.62
N GLN A 20 2.08 7.68 -14.47
CA GLN A 20 2.48 6.81 -15.56
C GLN A 20 1.59 5.57 -15.61
N GLU A 21 1.48 4.98 -16.80
CA GLU A 21 0.65 3.79 -16.99
C GLU A 21 1.16 2.64 -16.13
N GLN A 22 2.41 2.73 -15.68
CA GLN A 22 3.01 1.70 -14.85
C GLN A 22 2.54 1.82 -13.41
N GLU A 23 2.36 3.06 -12.96
CA GLU A 23 1.91 3.31 -11.59
C GLU A 23 0.49 2.80 -11.38
N LEU A 24 0.04 2.80 -10.13
CA LEU A 24 -1.30 2.33 -9.79
C LEU A 24 -2.16 3.49 -9.29
N ASP A 25 -3.47 3.35 -9.47
CA ASP A 25 -4.40 4.38 -9.04
C ASP A 25 -4.91 4.11 -7.62
N ILE A 26 -5.00 5.16 -6.81
CA ILE A 26 -5.46 5.03 -5.44
C ILE A 26 -6.75 5.81 -5.21
N LYS A 27 -7.28 5.75 -4.00
CA LYS A 27 -8.50 6.45 -3.65
C LYS A 27 -8.53 6.78 -2.16
N LYS A 28 -9.05 7.97 -1.84
CA LYS A 28 -9.14 8.41 -0.45
C LYS A 28 -9.85 7.36 0.41
N ASN A 29 -9.19 6.92 1.46
CA ASN A 29 -9.76 5.93 2.37
C ASN A 29 -9.75 4.54 1.71
N GLU A 30 -8.69 4.25 0.98
CA GLU A 30 -8.56 2.96 0.31
C GLU A 30 -7.39 2.16 0.89
N ARG A 31 -7.68 0.93 1.30
CA ARG A 31 -6.65 0.06 1.86
C ARG A 31 -6.00 -0.80 0.79
N LEU A 32 -4.71 -0.57 0.55
CA LEU A 32 -3.98 -1.33 -0.46
C LEU A 32 -2.99 -2.28 0.20
N TRP A 33 -2.50 -3.24 -0.58
CA TRP A 33 -1.55 -4.22 -0.07
C TRP A 33 -0.13 -3.89 -0.55
N LEU A 34 0.73 -3.52 0.39
CA LEU A 34 2.11 -3.18 0.07
C LEU A 34 2.92 -4.43 -0.25
N LEU A 35 3.64 -4.39 -1.36
CA LEU A 35 4.46 -5.52 -1.78
C LEU A 35 5.95 -5.20 -1.64
N ASP A 36 6.32 -3.98 -2.02
CA ASP A 36 7.72 -3.55 -1.94
C ASP A 36 7.80 -2.07 -1.56
N ASP A 37 8.28 -1.81 -0.35
CA ASP A 37 8.42 -0.44 0.14
C ASP A 37 9.88 -0.11 0.43
N SER A 38 10.77 -0.56 -0.44
CA SER A 38 12.20 -0.32 -0.29
C SER A 38 12.68 0.77 -1.24
N LYS A 39 12.24 0.67 -2.49
CA LYS A 39 12.61 1.65 -3.51
C LYS A 39 11.86 2.96 -3.31
N SER A 40 12.44 4.05 -3.80
CA SER A 40 11.83 5.37 -3.68
C SER A 40 10.31 5.27 -3.76
N TRP A 41 9.82 4.64 -4.82
CA TRP A 41 8.38 4.49 -5.02
C TRP A 41 7.88 3.24 -4.30
N TRP A 42 6.85 3.43 -3.47
CA TRP A 42 6.27 2.32 -2.71
C TRP A 42 5.33 1.51 -3.59
N ARG A 43 5.76 0.30 -3.96
CA ARG A 43 4.96 -0.58 -4.79
C ARG A 43 3.89 -1.29 -3.97
N VAL A 44 2.64 -1.15 -4.40
CA VAL A 44 1.51 -1.76 -3.70
C VAL A 44 0.57 -2.45 -4.68
N ARG A 45 -0.44 -3.13 -4.14
CA ARG A 45 -1.42 -3.82 -4.97
C ARG A 45 -2.83 -3.26 -4.75
N ASN A 46 -3.71 -3.51 -5.71
CA ASN A 46 -5.09 -3.03 -5.62
C ASN A 46 -6.07 -4.19 -5.55
N SER A 47 -7.32 -3.88 -5.23
CA SER A 47 -8.36 -4.90 -5.12
C SER A 47 -8.59 -5.58 -6.46
N MET A 48 -8.25 -4.88 -7.54
CA MET A 48 -8.43 -5.42 -8.88
C MET A 48 -7.30 -6.37 -9.23
N ASN A 49 -6.49 -6.73 -8.24
CA ASN A 49 -5.38 -7.64 -8.45
C ASN A 49 -4.23 -6.94 -9.18
N LYS A 50 -4.46 -5.68 -9.55
CA LYS A 50 -3.45 -4.90 -10.26
C LYS A 50 -2.39 -4.38 -9.29
N THR A 51 -1.19 -4.16 -9.81
CA THR A 51 -0.09 -3.66 -9.00
C THR A 51 0.63 -2.50 -9.69
N GLY A 52 1.29 -1.66 -8.89
CA GLY A 52 1.99 -0.52 -9.44
C GLY A 52 2.85 0.18 -8.40
N PHE A 53 3.51 1.26 -8.82
CA PHE A 53 4.36 2.03 -7.92
C PHE A 53 3.71 3.35 -7.54
N VAL A 54 3.61 3.60 -6.24
CA VAL A 54 3.00 4.82 -5.74
C VAL A 54 3.86 5.45 -4.64
N PRO A 55 3.82 6.79 -4.55
CA PRO A 55 4.57 7.54 -3.55
C PRO A 55 4.04 7.33 -2.14
N SER A 56 4.90 7.50 -1.14
CA SER A 56 4.52 7.33 0.26
C SER A 56 3.93 8.62 0.82
N ASN A 57 3.20 9.35 -0.02
CA ASN A 57 2.58 10.61 0.39
C ASN A 57 1.09 10.43 0.59
N TYR A 58 0.47 9.64 -0.27
CA TYR A 58 -0.97 9.39 -0.20
C TYR A 58 -1.25 8.00 0.34
N VAL A 59 -0.35 7.50 1.18
CA VAL A 59 -0.50 6.17 1.77
C VAL A 59 0.23 6.07 3.09
N GLU A 60 -0.14 5.08 3.91
CA GLU A 60 0.48 4.88 5.20
C GLU A 60 0.17 3.48 5.74
N ARG A 61 1.18 2.85 6.35
CA ARG A 61 1.01 1.52 6.91
C ARG A 61 -0.21 1.45 7.81
N LYS A 62 -0.90 0.32 7.78
CA LYS A 62 -2.10 0.13 8.60
C LYS A 62 -1.81 0.46 10.06
N ASN A 63 -0.99 -0.36 10.70
CA ASN A 63 -0.65 -0.14 12.11
C ASN A 63 -1.85 0.35 12.89
N SER A 64 -2.83 -0.53 13.09
CA SER A 64 -4.04 -0.20 13.83
C SER A 64 -3.78 -0.24 15.33
N ALA A 65 -3.42 -1.41 15.83
CA ALA A 65 -3.14 -1.59 17.25
C ALA A 65 -1.65 -1.49 17.54
N ARG A 66 -1.21 -0.31 17.98
CA ARG A 66 0.19 -0.07 18.29
C ARG A 66 1.08 -0.47 17.11
N ALA A 67 1.52 0.52 16.34
CA ALA A 67 2.37 0.28 15.19
C ALA A 67 3.57 -0.58 15.58
N ALA A 68 4.05 -0.40 16.79
CA ALA A 68 5.20 -1.15 17.28
C ALA A 68 4.76 -2.45 17.96
N ALA A 69 3.71 -3.06 17.42
CA ALA A 69 3.19 -4.31 17.97
C ALA A 69 4.28 -5.37 18.05
N ASN A 70 4.95 -5.44 19.19
CA ASN A 70 6.02 -6.42 19.38
C ASN A 70 6.17 -6.76 20.86
N SER A 71 6.21 -5.75 21.71
CA SER A 71 6.35 -5.94 23.14
C SER A 71 7.25 -7.13 23.45
N SER A 72 8.55 -6.88 23.52
CA SER A 72 9.52 -7.93 23.80
C SER A 72 9.84 -8.00 25.28
N GLY A 1 17.13 -14.70 10.08
CA GLY A 1 17.19 -16.12 9.80
C GLY A 1 16.48 -16.48 8.51
N SER A 2 15.34 -17.16 8.64
CA SER A 2 14.56 -17.57 7.48
C SER A 2 13.16 -16.96 7.52
N THR A 3 13.03 -15.75 7.00
CA THR A 3 11.75 -15.06 6.98
C THR A 3 10.90 -15.51 5.80
N MET A 4 9.59 -15.56 6.01
CA MET A 4 8.66 -15.97 4.95
C MET A 4 7.35 -15.19 5.04
N ALA A 5 6.66 -15.34 6.16
CA ALA A 5 5.39 -14.64 6.36
C ALA A 5 5.62 -13.19 6.74
N GLU A 6 5.49 -12.30 5.75
CA GLU A 6 5.68 -10.86 5.99
C GLU A 6 4.85 -10.04 5.01
N GLU A 7 3.63 -9.70 5.42
CA GLU A 7 2.74 -8.92 4.58
C GLU A 7 2.47 -7.55 5.20
N VAL A 8 2.48 -6.51 4.38
CA VAL A 8 2.23 -5.15 4.85
C VAL A 8 1.09 -4.50 4.07
N VAL A 9 0.26 -3.74 4.78
CA VAL A 9 -0.86 -3.05 4.16
C VAL A 9 -0.87 -1.56 4.50
N VAL A 10 -1.16 -0.73 3.52
CA VAL A 10 -1.20 0.71 3.72
C VAL A 10 -2.55 1.28 3.30
N VAL A 11 -2.97 2.36 3.97
CA VAL A 11 -4.24 3.00 3.67
C VAL A 11 -4.02 4.40 3.08
N ALA A 12 -4.78 4.70 2.03
CA ALA A 12 -4.68 6.00 1.37
C ALA A 12 -5.51 7.05 2.09
N LYS A 13 -4.89 8.19 2.37
CA LYS A 13 -5.57 9.28 3.06
C LYS A 13 -6.10 10.31 2.06
N PHE A 14 -5.67 10.18 0.80
CA PHE A 14 -6.09 11.10 -0.25
C PHE A 14 -6.25 10.37 -1.58
N ASP A 15 -6.56 11.13 -2.63
CA ASP A 15 -6.73 10.55 -3.96
C ASP A 15 -5.56 10.90 -4.86
N TYR A 16 -5.14 9.95 -5.68
CA TYR A 16 -4.02 10.15 -6.58
C TYR A 16 -4.26 9.43 -7.91
N VAL A 17 -3.72 10.00 -8.98
CA VAL A 17 -3.88 9.42 -10.32
C VAL A 17 -2.54 8.91 -10.85
N ALA A 18 -2.40 7.59 -10.89
CA ALA A 18 -1.18 6.96 -11.38
C ALA A 18 -0.69 7.64 -12.66
N GLN A 19 0.14 8.66 -12.51
CA GLN A 19 0.67 9.39 -13.65
C GLN A 19 1.11 8.43 -14.75
N GLN A 20 2.13 7.63 -14.48
CA GLN A 20 2.64 6.67 -15.45
C GLN A 20 1.72 5.46 -15.54
N GLU A 21 1.65 4.87 -16.73
CA GLU A 21 0.81 3.69 -16.95
C GLU A 21 1.26 2.53 -16.08
N GLN A 22 2.45 2.65 -15.52
CA GLN A 22 3.01 1.60 -14.66
C GLN A 22 2.53 1.76 -13.23
N GLU A 23 2.25 3.01 -12.84
CA GLU A 23 1.78 3.30 -11.49
C GLU A 23 0.33 2.84 -11.30
N LEU A 24 -0.06 2.66 -10.05
CA LEU A 24 -1.42 2.21 -9.73
C LEU A 24 -2.25 3.37 -9.19
N ASP A 25 -3.54 3.38 -9.53
CA ASP A 25 -4.44 4.43 -9.08
C ASP A 25 -4.92 4.14 -7.66
N ILE A 26 -5.05 5.21 -6.87
CA ILE A 26 -5.50 5.07 -5.48
C ILE A 26 -6.78 5.86 -5.24
N LYS A 27 -7.33 5.75 -4.04
CA LYS A 27 -8.56 6.45 -3.68
C LYS A 27 -8.60 6.73 -2.18
N LYS A 28 -9.12 7.91 -1.82
CA LYS A 28 -9.22 8.30 -0.43
C LYS A 28 -9.89 7.21 0.39
N ASN A 29 -9.30 6.89 1.54
CA ASN A 29 -9.84 5.87 2.42
C ASN A 29 -9.85 4.51 1.74
N GLU A 30 -8.77 4.21 1.03
CA GLU A 30 -8.65 2.93 0.32
C GLU A 30 -7.47 2.13 0.84
N ARG A 31 -7.74 0.94 1.37
CA ARG A 31 -6.70 0.08 1.90
C ARG A 31 -6.08 -0.78 0.79
N LEU A 32 -4.77 -0.64 0.61
CA LEU A 32 -4.06 -1.39 -0.41
C LEU A 32 -3.05 -2.34 0.21
N TRP A 33 -2.54 -3.27 -0.59
CA TRP A 33 -1.56 -4.24 -0.11
C TRP A 33 -0.15 -3.83 -0.52
N LEU A 34 0.70 -3.60 0.47
CA LEU A 34 2.09 -3.20 0.21
C LEU A 34 2.93 -4.40 -0.17
N LEU A 35 3.61 -4.30 -1.30
CA LEU A 35 4.47 -5.39 -1.78
C LEU A 35 5.95 -5.02 -1.63
N ASP A 36 6.37 -3.96 -2.31
CA ASP A 36 7.76 -3.51 -2.23
C ASP A 36 7.83 -2.04 -1.83
N ASP A 37 8.33 -1.79 -0.63
CA ASP A 37 8.44 -0.42 -0.13
C ASP A 37 9.91 -0.07 0.13
N SER A 38 10.81 -0.67 -0.64
CA SER A 38 12.24 -0.42 -0.49
C SER A 38 12.69 0.72 -1.39
N LYS A 39 12.24 0.70 -2.64
CA LYS A 39 12.60 1.72 -3.61
C LYS A 39 11.84 3.02 -3.33
N SER A 40 12.42 4.14 -3.73
CA SER A 40 11.81 5.45 -3.51
C SER A 40 10.29 5.35 -3.63
N TRP A 41 9.82 4.73 -4.70
CA TRP A 41 8.39 4.57 -4.92
C TRP A 41 7.86 3.32 -4.21
N TRP A 42 6.84 3.51 -3.37
CA TRP A 42 6.25 2.41 -2.63
C TRP A 42 5.30 1.61 -3.52
N ARG A 43 5.72 0.41 -3.88
CA ARG A 43 4.90 -0.46 -4.73
C ARG A 43 3.80 -1.14 -3.91
N VAL A 44 2.56 -1.01 -4.37
CA VAL A 44 1.43 -1.61 -3.69
C VAL A 44 0.52 -2.34 -4.66
N ARG A 45 -0.50 -3.02 -4.14
CA ARG A 45 -1.43 -3.76 -4.96
C ARG A 45 -2.86 -3.29 -4.72
N ASN A 46 -3.72 -3.47 -5.72
CA ASN A 46 -5.12 -3.05 -5.62
C ASN A 46 -6.04 -4.28 -5.55
N SER A 47 -7.31 -4.03 -5.24
CA SER A 47 -8.29 -5.10 -5.14
C SER A 47 -8.50 -5.77 -6.51
N MET A 48 -8.19 -5.04 -7.57
CA MET A 48 -8.34 -5.56 -8.92
C MET A 48 -7.17 -6.47 -9.29
N ASN A 49 -6.36 -6.82 -8.31
CA ASN A 49 -5.21 -7.68 -8.53
C ASN A 49 -4.10 -6.93 -9.24
N LYS A 50 -4.37 -5.68 -9.61
CA LYS A 50 -3.38 -4.86 -10.29
C LYS A 50 -2.32 -4.34 -9.32
N THR A 51 -1.17 -3.97 -9.85
CA THR A 51 -0.08 -3.47 -9.02
C THR A 51 0.62 -2.29 -9.70
N GLY A 52 1.22 -1.42 -8.89
CA GLY A 52 1.92 -0.27 -9.43
C GLY A 52 2.73 0.46 -8.37
N PHE A 53 3.57 1.38 -8.81
CA PHE A 53 4.42 2.15 -7.91
C PHE A 53 3.73 3.46 -7.51
N VAL A 54 3.74 3.75 -6.21
CA VAL A 54 3.12 4.98 -5.70
C VAL A 54 3.94 5.56 -4.57
N PRO A 55 3.86 6.90 -4.41
CA PRO A 55 4.58 7.61 -3.35
C PRO A 55 4.02 7.32 -1.97
N SER A 56 4.83 7.58 -0.94
CA SER A 56 4.43 7.34 0.43
C SER A 56 3.81 8.59 1.03
N ASN A 57 3.21 9.43 0.19
CA ASN A 57 2.58 10.66 0.64
C ASN A 57 1.07 10.51 0.72
N TYR A 58 0.54 9.55 -0.03
CA TYR A 58 -0.89 9.30 -0.05
C TYR A 58 -1.24 8.04 0.75
N VAL A 59 -0.38 7.03 0.65
CA VAL A 59 -0.58 5.78 1.37
C VAL A 59 0.41 5.63 2.51
N GLU A 60 0.07 4.78 3.47
CA GLU A 60 0.94 4.54 4.62
C GLU A 60 0.54 3.26 5.35
N ARG A 61 1.53 2.54 5.86
CA ARG A 61 1.28 1.31 6.59
C ARG A 61 0.21 1.51 7.67
N LYS A 62 -0.64 0.52 7.86
CA LYS A 62 -1.69 0.58 8.86
C LYS A 62 -1.12 0.93 10.23
N ASN A 63 -2.00 1.30 11.16
CA ASN A 63 -1.58 1.65 12.52
C ASN A 63 -0.60 0.62 13.06
N SER A 64 -0.66 -0.59 12.52
CA SER A 64 0.22 -1.67 12.96
C SER A 64 1.53 -1.65 12.19
N ALA A 65 2.64 -1.56 12.92
CA ALA A 65 3.97 -1.54 12.30
C ALA A 65 4.73 -2.82 12.59
N ARG A 66 4.97 -3.62 11.56
CA ARG A 66 5.70 -4.87 11.71
C ARG A 66 4.97 -5.81 12.67
N ALA A 67 4.62 -6.99 12.18
CA ALA A 67 3.92 -7.98 12.99
C ALA A 67 4.79 -8.44 14.16
N ALA A 68 6.09 -8.15 14.08
CA ALA A 68 7.02 -8.55 15.12
C ALA A 68 7.48 -7.34 15.92
N ALA A 69 6.58 -6.38 16.12
CA ALA A 69 6.91 -5.18 16.87
C ALA A 69 7.62 -5.51 18.17
N ASN A 70 7.23 -6.61 18.80
CA ASN A 70 7.83 -7.04 20.06
C ASN A 70 9.34 -7.20 19.90
N SER A 71 9.74 -8.00 18.91
CA SER A 71 11.16 -8.24 18.66
C SER A 71 11.95 -6.94 18.71
N SER A 72 13.01 -6.92 19.51
CA SER A 72 13.84 -5.74 19.66
C SER A 72 15.32 -6.09 19.41
N GLY A 1 3.40 -25.92 4.91
CA GLY A 1 4.80 -26.15 4.58
C GLY A 1 5.68 -24.95 4.88
N SER A 2 5.67 -23.97 3.98
CA SER A 2 6.47 -22.76 4.15
C SER A 2 5.62 -21.62 4.71
N THR A 3 5.76 -21.36 6.01
CA THR A 3 5.01 -20.30 6.66
C THR A 3 5.22 -18.96 5.95
N MET A 4 4.11 -18.31 5.60
CA MET A 4 4.18 -17.02 4.91
C MET A 4 4.74 -15.94 5.83
N ALA A 5 5.46 -14.99 5.26
CA ALA A 5 6.06 -13.90 6.03
C ALA A 5 5.00 -12.91 6.48
N GLU A 6 5.41 -11.89 7.21
CA GLU A 6 4.50 -10.87 7.72
C GLU A 6 4.24 -9.80 6.65
N GLU A 7 3.10 -9.91 5.98
CA GLU A 7 2.75 -8.95 4.93
C GLU A 7 2.51 -7.57 5.53
N VAL A 8 2.25 -6.59 4.66
CA VAL A 8 2.02 -5.23 5.10
C VAL A 8 0.92 -4.57 4.26
N VAL A 9 0.11 -3.74 4.91
CA VAL A 9 -0.98 -3.04 4.22
C VAL A 9 -0.94 -1.55 4.52
N VAL A 10 -1.16 -0.74 3.49
CA VAL A 10 -1.15 0.71 3.64
C VAL A 10 -2.48 1.31 3.19
N VAL A 11 -2.93 2.33 3.90
CA VAL A 11 -4.19 3.00 3.58
C VAL A 11 -3.95 4.36 2.94
N ALA A 12 -4.81 4.75 2.02
CA ALA A 12 -4.68 6.04 1.35
C ALA A 12 -5.49 7.12 2.06
N LYS A 13 -4.83 8.22 2.40
CA LYS A 13 -5.48 9.33 3.09
C LYS A 13 -6.07 10.32 2.09
N PHE A 14 -5.63 10.23 0.84
CA PHE A 14 -6.11 11.12 -0.21
C PHE A 14 -6.25 10.38 -1.53
N ASP A 15 -6.64 11.10 -2.57
CA ASP A 15 -6.81 10.51 -3.90
C ASP A 15 -5.64 10.86 -4.81
N TYR A 16 -5.23 9.90 -5.63
CA TYR A 16 -4.11 10.11 -6.54
C TYR A 16 -4.37 9.42 -7.89
N VAL A 17 -3.83 10.00 -8.95
CA VAL A 17 -4.00 9.44 -10.29
C VAL A 17 -2.68 8.92 -10.84
N ALA A 18 -2.57 7.60 -10.94
CA ALA A 18 -1.36 6.97 -11.45
C ALA A 18 -0.82 7.73 -12.66
N GLN A 19 0.10 8.65 -12.42
CA GLN A 19 0.69 9.44 -13.49
C GLN A 19 1.04 8.56 -14.69
N GLN A 20 1.98 7.64 -14.49
CA GLN A 20 2.40 6.74 -15.56
C GLN A 20 1.52 5.51 -15.61
N GLU A 21 1.50 4.84 -16.76
CA GLU A 21 0.70 3.64 -16.93
C GLU A 21 1.19 2.51 -16.02
N GLN A 22 2.40 2.68 -15.50
CA GLN A 22 3.00 1.67 -14.61
C GLN A 22 2.49 1.84 -13.18
N GLU A 23 2.29 3.09 -12.77
CA GLU A 23 1.81 3.37 -11.43
C GLU A 23 0.37 2.88 -11.25
N LEU A 24 -0.04 2.70 -9.99
CA LEU A 24 -1.38 2.23 -9.69
C LEU A 24 -2.23 3.36 -9.11
N ASP A 25 -3.47 3.45 -9.58
CA ASP A 25 -4.39 4.49 -9.10
C ASP A 25 -4.88 4.17 -7.70
N ILE A 26 -5.09 5.22 -6.90
CA ILE A 26 -5.56 5.05 -5.53
C ILE A 26 -6.85 5.85 -5.29
N LYS A 27 -7.38 5.76 -4.08
CA LYS A 27 -8.60 6.48 -3.72
C LYS A 27 -8.61 6.79 -2.22
N LYS A 28 -9.12 7.98 -1.88
CA LYS A 28 -9.20 8.39 -0.49
C LYS A 28 -9.86 7.31 0.37
N ASN A 29 -9.25 7.02 1.51
CA ASN A 29 -9.78 6.00 2.42
C ASN A 29 -9.81 4.64 1.74
N GLU A 30 -8.76 4.33 1.01
CA GLU A 30 -8.67 3.04 0.31
C GLU A 30 -7.48 2.23 0.81
N ARG A 31 -7.75 1.01 1.27
CA ARG A 31 -6.69 0.13 1.77
C ARG A 31 -6.06 -0.68 0.63
N LEU A 32 -4.74 -0.69 0.59
CA LEU A 32 -4.02 -1.44 -0.44
C LEU A 32 -3.00 -2.38 0.19
N TRP A 33 -2.55 -3.36 -0.60
CA TRP A 33 -1.57 -4.33 -0.14
C TRP A 33 -0.16 -3.93 -0.55
N LEU A 34 0.70 -3.69 0.44
CA LEU A 34 2.08 -3.30 0.18
C LEU A 34 2.92 -4.51 -0.21
N LEU A 35 3.67 -4.39 -1.30
CA LEU A 35 4.52 -5.47 -1.77
C LEU A 35 6.00 -5.11 -1.59
N ASP A 36 6.44 -4.10 -2.33
CA ASP A 36 7.84 -3.65 -2.26
C ASP A 36 7.91 -2.22 -1.78
N ASP A 37 8.43 -2.03 -0.57
CA ASP A 37 8.56 -0.69 0.00
C ASP A 37 10.03 -0.37 0.27
N SER A 38 10.90 -0.73 -0.67
CA SER A 38 12.33 -0.48 -0.53
C SER A 38 12.76 0.69 -1.42
N LYS A 39 12.29 0.70 -2.65
CA LYS A 39 12.63 1.77 -3.59
C LYS A 39 11.84 3.03 -3.29
N SER A 40 12.40 4.18 -3.65
CA SER A 40 11.75 5.46 -3.42
C SER A 40 10.23 5.34 -3.54
N TRP A 41 9.78 4.76 -4.66
CA TRP A 41 8.36 4.58 -4.89
C TRP A 41 7.85 3.33 -4.21
N TRP A 42 6.86 3.49 -3.34
CA TRP A 42 6.27 2.37 -2.62
C TRP A 42 5.33 1.57 -3.50
N ARG A 43 5.73 0.35 -3.85
CA ARG A 43 4.92 -0.50 -4.71
C ARG A 43 3.80 -1.16 -3.91
N VAL A 44 2.58 -1.05 -4.42
CA VAL A 44 1.42 -1.65 -3.75
C VAL A 44 0.53 -2.36 -4.74
N ARG A 45 -0.48 -3.07 -4.23
CA ARG A 45 -1.42 -3.80 -5.07
C ARG A 45 -2.85 -3.33 -4.84
N ASN A 46 -3.70 -3.55 -5.84
CA ASN A 46 -5.10 -3.14 -5.74
C ASN A 46 -6.02 -4.35 -5.70
N SER A 47 -7.28 -4.11 -5.38
CA SER A 47 -8.27 -5.19 -5.29
C SER A 47 -8.47 -5.84 -6.66
N MET A 48 -8.14 -5.11 -7.71
CA MET A 48 -8.28 -5.62 -9.08
C MET A 48 -7.11 -6.53 -9.44
N ASN A 49 -6.31 -6.89 -8.44
CA ASN A 49 -5.15 -7.74 -8.66
C ASN A 49 -4.03 -6.98 -9.34
N LYS A 50 -4.30 -5.74 -9.72
CA LYS A 50 -3.31 -4.90 -10.39
C LYS A 50 -2.26 -4.41 -9.40
N THR A 51 -1.08 -4.05 -9.93
CA THR A 51 0.00 -3.56 -9.09
C THR A 51 0.73 -2.40 -9.76
N GLY A 52 1.23 -1.48 -8.94
CA GLY A 52 1.94 -0.33 -9.47
C GLY A 52 2.76 0.38 -8.41
N PHE A 53 3.53 1.38 -8.84
CA PHE A 53 4.37 2.14 -7.92
C PHE A 53 3.70 3.46 -7.52
N VAL A 54 3.69 3.75 -6.22
CA VAL A 54 3.08 4.97 -5.72
C VAL A 54 3.89 5.56 -4.57
N PRO A 55 3.83 6.89 -4.42
CA PRO A 55 4.56 7.59 -3.36
C PRO A 55 3.98 7.31 -1.98
N SER A 56 4.77 7.61 -0.94
CA SER A 56 4.34 7.38 0.43
C SER A 56 3.77 8.66 1.04
N ASN A 57 3.24 9.52 0.18
CA ASN A 57 2.66 10.77 0.64
C ASN A 57 1.14 10.67 0.73
N TYR A 58 0.57 9.77 -0.05
CA TYR A 58 -0.87 9.57 -0.07
C TYR A 58 -1.25 8.31 0.70
N VAL A 59 -0.33 7.35 0.73
CA VAL A 59 -0.56 6.09 1.42
C VAL A 59 0.26 6.00 2.70
N GLU A 60 -0.07 5.03 3.54
CA GLU A 60 0.64 4.84 4.81
C GLU A 60 0.38 3.44 5.38
N ARG A 61 1.45 2.77 5.80
CA ARG A 61 1.32 1.43 6.37
C ARG A 61 0.53 1.46 7.67
N LYS A 62 -0.30 0.44 7.87
CA LYS A 62 -1.12 0.35 9.08
C LYS A 62 -0.24 0.39 10.33
N ASN A 63 -0.74 1.03 11.37
CA ASN A 63 0.00 1.15 12.63
C ASN A 63 -0.53 0.16 13.66
N SER A 64 -1.74 -0.33 13.42
CA SER A 64 -2.36 -1.29 14.34
C SER A 64 -1.90 -2.71 14.04
N ALA A 65 -0.74 -3.08 14.58
CA ALA A 65 -0.19 -4.41 14.37
C ALA A 65 -0.23 -5.22 15.66
N ARG A 66 -1.25 -6.06 15.80
CA ARG A 66 -1.41 -6.89 16.98
C ARG A 66 -0.24 -7.89 17.10
N ALA A 67 0.34 -7.96 18.29
CA ALA A 67 1.45 -8.87 18.54
C ALA A 67 1.02 -10.33 18.41
N ALA A 68 -0.07 -10.68 19.09
CA ALA A 68 -0.58 -12.04 19.05
C ALA A 68 -1.08 -12.40 17.65
N ALA A 69 -1.88 -11.51 17.07
CA ALA A 69 -2.42 -11.73 15.74
C ALA A 69 -1.31 -11.67 14.68
N ASN A 70 -0.95 -12.82 14.14
CA ASN A 70 0.09 -12.90 13.11
C ASN A 70 -0.50 -13.13 11.74
N SER A 71 -0.35 -12.15 10.85
CA SER A 71 -0.88 -12.25 9.50
C SER A 71 -0.47 -13.57 8.84
N SER A 72 -1.36 -14.54 8.89
CA SER A 72 -1.08 -15.85 8.31
C SER A 72 -2.02 -16.14 7.14
N GLY A 1 -7.67 -21.20 1.36
CA GLY A 1 -6.72 -21.16 2.45
C GLY A 1 -7.08 -20.15 3.50
N SER A 2 -6.09 -19.72 4.28
CA SER A 2 -6.32 -18.75 5.34
C SER A 2 -5.01 -18.11 5.79
N THR A 3 -4.02 -18.95 6.06
CA THR A 3 -2.70 -18.47 6.50
C THR A 3 -2.08 -17.55 5.45
N MET A 4 -1.50 -16.45 5.91
CA MET A 4 -0.86 -15.49 5.02
C MET A 4 0.62 -15.33 5.35
N ALA A 5 1.40 -14.89 4.38
CA ALA A 5 2.83 -14.69 4.57
C ALA A 5 3.14 -13.27 5.02
N GLU A 6 4.14 -13.12 5.88
CA GLU A 6 4.53 -11.81 6.38
C GLU A 6 4.45 -10.75 5.29
N GLU A 7 3.41 -9.93 5.34
CA GLU A 7 3.21 -8.88 4.35
C GLU A 7 2.92 -7.54 5.03
N VAL A 8 2.72 -6.51 4.22
CA VAL A 8 2.43 -5.18 4.74
C VAL A 8 1.24 -4.54 4.01
N VAL A 9 0.48 -3.74 4.73
CA VAL A 9 -0.68 -3.06 4.15
C VAL A 9 -0.65 -1.57 4.44
N VAL A 10 -1.03 -0.77 3.44
CA VAL A 10 -1.05 0.67 3.58
C VAL A 10 -2.38 1.25 3.11
N VAL A 11 -2.89 2.24 3.85
CA VAL A 11 -4.15 2.88 3.51
C VAL A 11 -3.92 4.29 2.98
N ALA A 12 -4.73 4.68 2.01
CA ALA A 12 -4.62 6.02 1.41
C ALA A 12 -5.52 7.01 2.13
N LYS A 13 -5.01 8.23 2.30
CA LYS A 13 -5.77 9.29 2.97
C LYS A 13 -6.33 10.29 1.96
N PHE A 14 -5.84 10.21 0.73
CA PHE A 14 -6.29 11.11 -0.33
C PHE A 14 -6.39 10.37 -1.66
N ASP A 15 -6.86 11.08 -2.68
CA ASP A 15 -7.00 10.50 -4.01
C ASP A 15 -5.81 10.86 -4.90
N TYR A 16 -5.33 9.89 -5.67
CA TYR A 16 -4.19 10.11 -6.55
C TYR A 16 -4.40 9.39 -7.89
N VAL A 17 -3.85 9.95 -8.95
CA VAL A 17 -3.96 9.37 -10.28
C VAL A 17 -2.60 8.87 -10.78
N ALA A 18 -2.44 7.55 -10.82
CA ALA A 18 -1.20 6.95 -11.28
C ALA A 18 -0.74 7.57 -12.60
N GLN A 19 0.03 8.66 -12.51
CA GLN A 19 0.52 9.35 -13.68
C GLN A 19 1.10 8.36 -14.69
N GLN A 20 2.15 7.65 -14.28
CA GLN A 20 2.80 6.68 -15.15
C GLN A 20 1.94 5.42 -15.28
N GLU A 21 1.99 4.79 -16.45
CA GLU A 21 1.22 3.58 -16.70
C GLU A 21 1.67 2.45 -15.77
N GLN A 22 2.84 2.63 -15.16
CA GLN A 22 3.37 1.63 -14.24
C GLN A 22 2.80 1.80 -12.85
N GLU A 23 2.44 3.03 -12.52
CA GLU A 23 1.88 3.34 -11.20
C GLU A 23 0.45 2.81 -11.08
N LEU A 24 -0.04 2.74 -9.85
CA LEU A 24 -1.39 2.25 -9.60
C LEU A 24 -2.30 3.37 -9.10
N ASP A 25 -3.58 3.30 -9.46
CA ASP A 25 -4.55 4.31 -9.05
C ASP A 25 -5.03 4.05 -7.63
N ILE A 26 -5.14 5.11 -6.84
CA ILE A 26 -5.61 4.99 -5.46
C ILE A 26 -6.91 5.76 -5.24
N LYS A 27 -7.42 5.71 -4.03
CA LYS A 27 -8.66 6.41 -3.69
C LYS A 27 -8.66 6.81 -2.22
N LYS A 28 -9.25 7.97 -1.93
CA LYS A 28 -9.34 8.47 -0.56
C LYS A 28 -9.96 7.43 0.36
N ASN A 29 -9.19 6.98 1.35
CA ASN A 29 -9.66 5.98 2.30
C ASN A 29 -9.69 4.60 1.67
N GLU A 30 -8.68 4.30 0.87
CA GLU A 30 -8.57 3.01 0.20
C GLU A 30 -7.42 2.19 0.77
N ARG A 31 -7.69 0.93 1.07
CA ARG A 31 -6.66 0.04 1.62
C ARG A 31 -5.96 -0.73 0.50
N LEU A 32 -4.65 -0.58 0.43
CA LEU A 32 -3.85 -1.27 -0.58
C LEU A 32 -2.87 -2.24 0.05
N TRP A 33 -2.51 -3.27 -0.68
CA TRP A 33 -1.57 -4.28 -0.19
C TRP A 33 -0.14 -3.92 -0.58
N LEU A 34 0.68 -3.59 0.41
CA LEU A 34 2.07 -3.24 0.16
C LEU A 34 2.89 -4.47 -0.20
N LEU A 35 3.55 -4.42 -1.36
CA LEU A 35 4.37 -5.53 -1.82
C LEU A 35 5.86 -5.20 -1.68
N ASP A 36 6.24 -4.03 -2.17
CA ASP A 36 7.64 -3.60 -2.11
C ASP A 36 7.72 -2.11 -1.76
N ASP A 37 8.21 -1.83 -0.55
CA ASP A 37 8.34 -0.44 -0.10
C ASP A 37 9.80 -0.11 0.18
N SER A 38 10.70 -0.69 -0.61
CA SER A 38 12.14 -0.46 -0.45
C SER A 38 12.60 0.69 -1.34
N LYS A 39 12.15 0.68 -2.59
CA LYS A 39 12.52 1.71 -3.54
C LYS A 39 11.75 3.01 -3.26
N SER A 40 12.35 4.13 -3.66
CA SER A 40 11.72 5.43 -3.45
C SER A 40 10.21 5.35 -3.59
N TRP A 41 9.75 4.63 -4.61
CA TRP A 41 8.33 4.45 -4.86
C TRP A 41 7.80 3.22 -4.14
N TRP A 42 6.75 3.41 -3.36
CA TRP A 42 6.14 2.30 -2.62
C TRP A 42 5.20 1.49 -3.51
N ARG A 43 5.62 0.28 -3.88
CA ARG A 43 4.82 -0.58 -4.73
C ARG A 43 3.72 -1.27 -3.92
N VAL A 44 2.48 -1.12 -4.37
CA VAL A 44 1.34 -1.73 -3.69
C VAL A 44 0.42 -2.43 -4.69
N ARG A 45 -0.58 -3.12 -4.16
CA ARG A 45 -1.54 -3.83 -5.00
C ARG A 45 -2.96 -3.32 -4.76
N ASN A 46 -3.82 -3.49 -5.76
CA ASN A 46 -5.21 -3.04 -5.67
C ASN A 46 -6.16 -4.24 -5.63
N SER A 47 -7.40 -3.98 -5.25
CA SER A 47 -8.42 -5.03 -5.16
C SER A 47 -8.64 -5.66 -6.53
N MET A 48 -8.28 -4.93 -7.59
CA MET A 48 -8.45 -5.42 -8.95
C MET A 48 -7.31 -6.36 -9.34
N ASN A 49 -6.50 -6.74 -8.35
CA ASN A 49 -5.38 -7.63 -8.60
C ASN A 49 -4.24 -6.89 -9.30
N LYS A 50 -4.48 -5.63 -9.64
CA LYS A 50 -3.48 -4.83 -10.33
C LYS A 50 -2.43 -4.32 -9.34
N THR A 51 -1.26 -3.97 -9.87
CA THR A 51 -0.17 -3.48 -9.04
C THR A 51 0.54 -2.30 -9.71
N GLY A 52 1.07 -1.40 -8.88
CA GLY A 52 1.77 -0.24 -9.40
C GLY A 52 2.55 0.50 -8.34
N PHE A 53 3.53 1.29 -8.77
CA PHE A 53 4.36 2.05 -7.84
C PHE A 53 3.67 3.36 -7.45
N VAL A 54 3.78 3.71 -6.17
CA VAL A 54 3.17 4.94 -5.67
C VAL A 54 3.97 5.52 -4.51
N PRO A 55 3.92 6.85 -4.37
CA PRO A 55 4.64 7.56 -3.30
C PRO A 55 4.06 7.28 -1.93
N SER A 56 4.78 7.70 -0.89
CA SER A 56 4.33 7.50 0.49
C SER A 56 3.74 8.78 1.06
N ASN A 57 3.16 9.59 0.18
CA ASN A 57 2.55 10.85 0.60
C ASN A 57 1.04 10.71 0.73
N TYR A 58 0.46 9.79 -0.05
CA TYR A 58 -0.97 9.56 -0.01
C TYR A 58 -1.30 8.27 0.74
N VAL A 59 -0.38 7.31 0.67
CA VAL A 59 -0.56 6.03 1.35
C VAL A 59 0.41 5.88 2.52
N GLU A 60 0.10 4.95 3.42
CA GLU A 60 0.94 4.72 4.60
C GLU A 60 0.61 3.38 5.24
N ARG A 61 1.65 2.65 5.62
CA ARG A 61 1.46 1.34 6.25
C ARG A 61 0.69 1.48 7.57
N LYS A 62 -0.17 0.50 7.86
CA LYS A 62 -0.96 0.52 9.08
C LYS A 62 -0.11 0.91 10.28
N ASN A 63 -0.77 1.26 11.38
CA ASN A 63 -0.07 1.66 12.60
C ASN A 63 -0.61 0.89 13.80
N SER A 64 -1.89 0.55 13.75
CA SER A 64 -2.53 -0.18 14.85
C SER A 64 -2.31 -1.68 14.70
N ALA A 65 -1.25 -2.18 15.32
CA ALA A 65 -0.93 -3.60 15.27
C ALA A 65 -1.51 -4.34 16.46
N ARG A 66 -2.63 -5.02 16.24
CA ARG A 66 -3.29 -5.77 17.31
C ARG A 66 -2.59 -7.12 17.53
N ALA A 67 -2.91 -7.75 18.65
CA ALA A 67 -2.31 -9.04 18.99
C ALA A 67 -3.03 -10.18 18.28
N ALA A 68 -4.36 -10.18 18.36
CA ALA A 68 -5.16 -11.21 17.71
C ALA A 68 -5.54 -10.81 16.29
N ALA A 69 -4.61 -10.15 15.61
CA ALA A 69 -4.84 -9.71 14.24
C ALA A 69 -4.22 -10.69 13.24
N ASN A 70 -4.22 -11.96 13.59
CA ASN A 70 -3.66 -12.99 12.72
C ASN A 70 -4.75 -13.68 11.92
N SER A 71 -4.35 -14.39 10.86
CA SER A 71 -5.29 -15.10 10.01
C SER A 71 -4.90 -16.57 9.88
N SER A 72 -5.28 -17.37 10.87
CA SER A 72 -4.95 -18.80 10.87
C SER A 72 -6.23 -19.63 10.81
N GLY A 1 14.74 -14.99 8.58
CA GLY A 1 13.56 -14.61 7.82
C GLY A 1 12.99 -15.76 7.02
N SER A 2 12.20 -16.61 7.68
CA SER A 2 11.59 -17.75 7.02
C SER A 2 10.33 -18.19 7.76
N THR A 3 10.43 -18.33 9.07
CA THR A 3 9.30 -18.74 9.90
C THR A 3 8.15 -17.76 9.76
N MET A 4 7.01 -18.25 9.25
CA MET A 4 5.84 -17.41 9.07
C MET A 4 6.11 -16.28 8.09
N ALA A 5 5.21 -16.10 7.14
CA ALA A 5 5.35 -15.06 6.13
C ALA A 5 5.09 -13.67 6.73
N GLU A 6 5.40 -12.64 5.97
CA GLU A 6 5.20 -11.27 6.43
C GLU A 6 4.65 -10.38 5.31
N GLU A 7 3.61 -9.62 5.62
CA GLU A 7 2.99 -8.74 4.64
C GLU A 7 2.75 -7.36 5.24
N VAL A 8 2.58 -6.36 4.37
CA VAL A 8 2.33 -5.00 4.80
C VAL A 8 1.15 -4.39 4.06
N VAL A 9 0.34 -3.61 4.78
CA VAL A 9 -0.83 -2.98 4.19
C VAL A 9 -0.84 -1.48 4.48
N VAL A 10 -1.22 -0.69 3.48
CA VAL A 10 -1.28 0.76 3.63
C VAL A 10 -2.58 1.33 3.06
N VAL A 11 -3.13 2.33 3.73
CA VAL A 11 -4.36 2.96 3.29
C VAL A 11 -4.11 4.38 2.80
N ALA A 12 -4.63 4.68 1.62
CA ALA A 12 -4.46 6.02 1.04
C ALA A 12 -5.31 7.05 1.79
N LYS A 13 -4.65 8.06 2.33
CA LYS A 13 -5.34 9.12 3.06
C LYS A 13 -5.87 10.19 2.12
N PHE A 14 -5.40 10.15 0.87
CA PHE A 14 -5.84 11.11 -0.14
C PHE A 14 -6.08 10.43 -1.48
N ASP A 15 -6.40 11.22 -2.50
CA ASP A 15 -6.65 10.70 -3.83
C ASP A 15 -5.51 11.04 -4.78
N TYR A 16 -5.16 10.10 -5.64
CA TYR A 16 -4.08 10.29 -6.60
C TYR A 16 -4.33 9.50 -7.88
N VAL A 17 -3.88 10.04 -9.01
CA VAL A 17 -4.05 9.39 -10.30
C VAL A 17 -2.73 8.86 -10.83
N ALA A 18 -2.61 7.53 -10.90
CA ALA A 18 -1.40 6.90 -11.39
C ALA A 18 -0.87 7.60 -12.64
N GLN A 19 -0.01 8.59 -12.45
CA GLN A 19 0.56 9.33 -13.56
C GLN A 19 0.93 8.41 -14.71
N GLN A 20 1.93 7.56 -14.48
CA GLN A 20 2.38 6.62 -15.49
C GLN A 20 1.55 5.34 -15.47
N GLU A 21 1.42 4.71 -16.64
CA GLU A 21 0.64 3.49 -16.74
C GLU A 21 1.15 2.42 -15.78
N GLN A 22 2.43 2.52 -15.43
CA GLN A 22 3.04 1.56 -14.52
C GLN A 22 2.51 1.75 -13.10
N GLU A 23 2.28 3.01 -12.72
CA GLU A 23 1.77 3.32 -11.39
C GLU A 23 0.35 2.80 -11.21
N LEU A 24 -0.17 2.92 -9.99
CA LEU A 24 -1.53 2.46 -9.70
C LEU A 24 -2.38 3.62 -9.16
N ASP A 25 -3.68 3.55 -9.42
CA ASP A 25 -4.60 4.58 -8.95
C ASP A 25 -5.02 4.33 -7.51
N ILE A 26 -5.11 5.40 -6.73
CA ILE A 26 -5.49 5.29 -5.33
C ILE A 26 -6.78 6.06 -5.06
N LYS A 27 -7.30 5.91 -3.85
CA LYS A 27 -8.54 6.59 -3.46
C LYS A 27 -8.57 6.83 -1.95
N LYS A 28 -9.07 8.00 -1.56
CA LYS A 28 -9.16 8.35 -0.15
C LYS A 28 -9.91 7.28 0.64
N ASN A 29 -9.25 6.71 1.64
CA ASN A 29 -9.85 5.67 2.47
C ASN A 29 -9.86 4.34 1.73
N GLU A 30 -8.77 4.04 1.03
CA GLU A 30 -8.67 2.79 0.28
C GLU A 30 -7.48 1.96 0.78
N ARG A 31 -7.78 0.81 1.36
CA ARG A 31 -6.74 -0.09 1.88
C ARG A 31 -6.12 -0.91 0.76
N LEU A 32 -4.81 -0.79 0.58
CA LEU A 32 -4.11 -1.53 -0.45
C LEU A 32 -3.08 -2.48 0.16
N TRP A 33 -2.53 -3.36 -0.67
CA TRP A 33 -1.53 -4.33 -0.21
C TRP A 33 -0.14 -3.91 -0.65
N LEU A 34 0.73 -3.64 0.33
CA LEU A 34 2.11 -3.23 0.03
C LEU A 34 2.97 -4.44 -0.33
N LEU A 35 3.67 -4.35 -1.45
CA LEU A 35 4.53 -5.43 -1.91
C LEU A 35 6.00 -5.07 -1.72
N ASP A 36 6.34 -3.82 -2.05
CA ASP A 36 7.72 -3.35 -1.91
C ASP A 36 7.75 -1.89 -1.48
N ASP A 37 8.18 -1.64 -0.25
CA ASP A 37 8.26 -0.29 0.27
C ASP A 37 9.70 0.08 0.60
N SER A 38 10.64 -0.38 -0.23
CA SER A 38 12.05 -0.10 -0.02
C SER A 38 12.55 0.97 -0.99
N LYS A 39 12.16 0.83 -2.25
CA LYS A 39 12.57 1.78 -3.28
C LYS A 39 11.80 3.09 -3.14
N SER A 40 12.36 4.17 -3.68
CA SER A 40 11.74 5.48 -3.60
C SER A 40 10.22 5.36 -3.67
N TRP A 41 9.72 4.80 -4.77
CA TRP A 41 8.29 4.62 -4.96
C TRP A 41 7.80 3.36 -4.29
N TRP A 42 6.83 3.50 -3.39
CA TRP A 42 6.27 2.37 -2.68
C TRP A 42 5.34 1.56 -3.58
N ARG A 43 5.78 0.36 -3.96
CA ARG A 43 4.98 -0.51 -4.81
C ARG A 43 3.90 -1.22 -4.02
N VAL A 44 2.66 -1.12 -4.49
CA VAL A 44 1.52 -1.75 -3.81
C VAL A 44 0.62 -2.46 -4.82
N ARG A 45 -0.43 -3.11 -4.30
CA ARG A 45 -1.37 -3.82 -5.14
C ARG A 45 -2.80 -3.33 -4.91
N ASN A 46 -3.68 -3.62 -5.86
CA ASN A 46 -5.07 -3.20 -5.75
C ASN A 46 -6.00 -4.41 -5.69
N SER A 47 -7.27 -4.17 -5.38
CA SER A 47 -8.26 -5.24 -5.29
C SER A 47 -8.46 -5.91 -6.64
N MET A 48 -8.19 -5.16 -7.71
CA MET A 48 -8.35 -5.69 -9.06
C MET A 48 -7.16 -6.58 -9.44
N ASN A 49 -6.34 -6.91 -8.45
CA ASN A 49 -5.17 -7.76 -8.68
C ASN A 49 -4.07 -6.98 -9.40
N LYS A 50 -4.37 -5.73 -9.76
CA LYS A 50 -3.41 -4.88 -10.45
C LYS A 50 -2.36 -4.36 -9.49
N THR A 51 -1.16 -4.10 -10.00
CA THR A 51 -0.07 -3.60 -9.19
C THR A 51 0.61 -2.40 -9.85
N GLY A 52 1.22 -1.54 -9.04
CA GLY A 52 1.88 -0.37 -9.56
C GLY A 52 2.67 0.38 -8.51
N PHE A 53 3.50 1.33 -8.93
CA PHE A 53 4.30 2.11 -8.01
C PHE A 53 3.59 3.40 -7.62
N VAL A 54 3.65 3.73 -6.33
CA VAL A 54 3.00 4.93 -5.82
C VAL A 54 3.81 5.56 -4.70
N PRO A 55 3.70 6.89 -4.55
CA PRO A 55 4.42 7.63 -3.52
C PRO A 55 3.89 7.34 -2.11
N SER A 56 4.81 7.13 -1.17
CA SER A 56 4.43 6.84 0.20
C SER A 56 3.80 8.06 0.87
N ASN A 57 4.01 9.22 0.26
CA ASN A 57 3.45 10.46 0.80
C ASN A 57 1.94 10.51 0.62
N TYR A 58 1.41 9.54 -0.11
CA TYR A 58 -0.03 9.47 -0.36
C TYR A 58 -0.67 8.35 0.46
N VAL A 59 0.08 7.28 0.67
CA VAL A 59 -0.41 6.14 1.44
C VAL A 59 0.26 6.07 2.80
N GLU A 60 -0.13 5.08 3.60
CA GLU A 60 0.43 4.91 4.93
C GLU A 60 0.11 3.51 5.48
N ARG A 61 1.12 2.85 6.03
CA ARG A 61 0.96 1.51 6.57
C ARG A 61 0.01 1.54 7.78
N LYS A 62 -0.90 0.57 7.83
CA LYS A 62 -1.86 0.47 8.92
C LYS A 62 -1.15 0.45 10.27
N ASN A 63 -1.59 1.29 11.19
CA ASN A 63 -0.99 1.37 12.52
C ASN A 63 -1.77 0.50 13.51
N SER A 64 -2.25 -0.65 13.04
CA SER A 64 -3.01 -1.56 13.88
C SER A 64 -2.10 -2.22 14.92
N ALA A 65 -2.71 -2.99 15.82
CA ALA A 65 -1.97 -3.68 16.87
C ALA A 65 -1.18 -4.85 16.30
N ARG A 66 0.05 -4.59 15.87
CA ARG A 66 0.91 -5.63 15.30
C ARG A 66 0.27 -6.23 14.05
N ALA A 67 1.06 -6.31 12.98
CA ALA A 67 0.59 -6.86 11.72
C ALA A 67 0.62 -8.38 11.74
N ALA A 68 1.51 -8.95 12.55
CA ALA A 68 1.65 -10.39 12.66
C ALA A 68 0.78 -10.94 13.79
N ALA A 69 -0.36 -10.29 14.02
CA ALA A 69 -1.27 -10.72 15.08
C ALA A 69 -2.49 -11.41 14.49
N ASN A 70 -2.33 -12.68 14.11
CA ASN A 70 -3.42 -13.46 13.53
C ASN A 70 -3.34 -14.92 13.98
N SER A 71 -2.12 -15.43 14.08
CA SER A 71 -1.90 -16.81 14.50
C SER A 71 -2.67 -17.78 13.60
N SER A 72 -2.37 -19.07 13.71
CA SER A 72 -3.03 -20.08 12.91
C SER A 72 -4.54 -20.07 13.14
N GLY A 1 -6.46 -18.55 0.63
CA GLY A 1 -5.25 -18.81 1.37
C GLY A 1 -4.01 -18.27 0.67
N SER A 2 -3.44 -17.21 1.22
CA SER A 2 -2.25 -16.59 0.63
C SER A 2 -1.16 -16.41 1.69
N THR A 3 -0.46 -17.49 2.01
CA THR A 3 0.60 -17.45 3.00
C THR A 3 1.84 -16.75 2.45
N MET A 4 2.26 -15.69 3.14
CA MET A 4 3.43 -14.94 2.73
C MET A 4 4.22 -14.43 3.93
N ALA A 5 5.52 -14.21 3.75
CA ALA A 5 6.36 -13.72 4.83
C ALA A 5 6.27 -12.21 4.97
N GLU A 6 6.38 -11.51 3.85
CA GLU A 6 6.30 -10.05 3.85
C GLU A 6 4.93 -9.58 3.37
N GLU A 7 4.03 -9.33 4.31
CA GLU A 7 2.69 -8.87 3.99
C GLU A 7 2.37 -7.56 4.70
N VAL A 8 2.59 -6.45 3.99
CA VAL A 8 2.33 -5.12 4.55
C VAL A 8 1.10 -4.49 3.91
N VAL A 9 0.35 -3.73 4.71
CA VAL A 9 -0.84 -3.07 4.22
C VAL A 9 -0.82 -1.57 4.56
N VAL A 10 -1.28 -0.75 3.62
CA VAL A 10 -1.30 0.70 3.81
C VAL A 10 -2.62 1.29 3.31
N VAL A 11 -3.02 2.41 3.91
CA VAL A 11 -4.26 3.07 3.53
C VAL A 11 -3.98 4.44 2.91
N ALA A 12 -4.82 4.84 1.96
CA ALA A 12 -4.66 6.13 1.30
C ALA A 12 -5.45 7.21 2.02
N LYS A 13 -4.75 8.24 2.47
CA LYS A 13 -5.38 9.36 3.17
C LYS A 13 -5.94 10.38 2.19
N PHE A 14 -5.49 10.31 0.94
CA PHE A 14 -5.94 11.23 -0.10
C PHE A 14 -6.12 10.50 -1.42
N ASP A 15 -6.47 11.25 -2.46
CA ASP A 15 -6.68 10.67 -3.78
C ASP A 15 -5.49 10.98 -4.70
N TYR A 16 -5.11 9.99 -5.50
CA TYR A 16 -3.98 10.14 -6.41
C TYR A 16 -4.28 9.48 -7.75
N VAL A 17 -3.72 10.04 -8.82
CA VAL A 17 -3.91 9.51 -10.17
C VAL A 17 -2.61 8.97 -10.74
N ALA A 18 -2.52 7.65 -10.85
CA ALA A 18 -1.32 7.01 -11.40
C ALA A 18 -0.87 7.70 -12.69
N GLN A 19 -0.04 8.72 -12.55
CA GLN A 19 0.46 9.46 -13.71
C GLN A 19 0.89 8.51 -14.81
N GLN A 20 1.90 7.68 -14.52
CA GLN A 20 2.41 6.72 -15.49
C GLN A 20 1.54 5.46 -15.51
N GLU A 21 1.45 4.84 -16.68
CA GLU A 21 0.65 3.63 -16.84
C GLU A 21 1.16 2.53 -15.91
N GLN A 22 2.41 2.65 -15.49
CA GLN A 22 3.01 1.65 -14.61
C GLN A 22 2.50 1.82 -13.18
N GLU A 23 2.24 3.07 -12.78
CA GLU A 23 1.75 3.36 -11.45
C GLU A 23 0.33 2.83 -11.25
N LEU A 24 -0.15 2.87 -10.02
CA LEU A 24 -1.49 2.40 -9.71
C LEU A 24 -2.39 3.54 -9.25
N ASP A 25 -3.69 3.38 -9.47
CA ASP A 25 -4.66 4.41 -9.07
C ASP A 25 -5.18 4.15 -7.66
N ILE A 26 -5.23 5.22 -6.87
CA ILE A 26 -5.70 5.11 -5.49
C ILE A 26 -6.92 6.00 -5.26
N LYS A 27 -7.48 5.93 -4.06
CA LYS A 27 -8.66 6.72 -3.70
C LYS A 27 -8.70 6.99 -2.20
N LYS A 28 -9.10 8.20 -1.83
CA LYS A 28 -9.20 8.58 -0.44
C LYS A 28 -9.93 7.52 0.38
N ASN A 29 -9.28 7.00 1.40
CA ASN A 29 -9.88 5.98 2.25
C ASN A 29 -9.90 4.63 1.55
N GLU A 30 -8.82 4.33 0.84
CA GLU A 30 -8.71 3.06 0.13
C GLU A 30 -7.54 2.23 0.66
N ARG A 31 -7.85 1.06 1.19
CA ARG A 31 -6.83 0.17 1.74
C ARG A 31 -6.17 -0.66 0.63
N LEU A 32 -4.84 -0.67 0.62
CA LEU A 32 -4.09 -1.42 -0.37
C LEU A 32 -3.09 -2.36 0.29
N TRP A 33 -2.56 -3.30 -0.50
CA TRP A 33 -1.59 -4.25 0.01
C TRP A 33 -0.18 -3.89 -0.43
N LEU A 34 0.65 -3.48 0.52
CA LEU A 34 2.02 -3.10 0.23
C LEU A 34 2.89 -4.33 -0.03
N LEU A 35 3.64 -4.31 -1.11
CA LEU A 35 4.52 -5.42 -1.47
C LEU A 35 5.98 -5.04 -1.30
N ASP A 36 6.40 -4.00 -2.01
CA ASP A 36 7.78 -3.53 -1.94
C ASP A 36 7.83 -2.04 -1.58
N ASP A 37 8.31 -1.75 -0.37
CA ASP A 37 8.40 -0.37 0.09
C ASP A 37 9.85 0.01 0.37
N SER A 38 10.77 -0.58 -0.38
CA SER A 38 12.19 -0.32 -0.21
C SER A 38 12.66 0.77 -1.17
N LYS A 39 12.24 0.66 -2.43
CA LYS A 39 12.60 1.65 -3.44
C LYS A 39 11.85 2.95 -3.25
N SER A 40 12.42 4.05 -3.74
CA SER A 40 11.79 5.36 -3.62
C SER A 40 10.27 5.24 -3.70
N TRP A 41 9.78 4.74 -4.82
CA TRP A 41 8.34 4.57 -5.03
C TRP A 41 7.83 3.34 -4.30
N TRP A 42 6.85 3.54 -3.41
CA TRP A 42 6.27 2.45 -2.65
C TRP A 42 5.35 1.60 -3.53
N ARG A 43 5.76 0.38 -3.81
CA ARG A 43 4.98 -0.52 -4.64
C ARG A 43 3.85 -1.16 -3.83
N VAL A 44 2.64 -1.10 -4.37
CA VAL A 44 1.48 -1.67 -3.70
C VAL A 44 0.60 -2.44 -4.67
N ARG A 45 -0.45 -3.07 -4.15
CA ARG A 45 -1.37 -3.84 -4.97
C ARG A 45 -2.80 -3.36 -4.78
N ASN A 46 -3.66 -3.68 -5.75
CA ASN A 46 -5.06 -3.28 -5.69
C ASN A 46 -5.97 -4.51 -5.66
N SER A 47 -7.24 -4.28 -5.35
CA SER A 47 -8.22 -5.36 -5.27
C SER A 47 -8.37 -6.04 -6.63
N MET A 48 -8.08 -5.29 -7.69
CA MET A 48 -8.20 -5.83 -9.05
C MET A 48 -6.98 -6.69 -9.39
N ASN A 49 -6.18 -7.00 -8.38
CA ASN A 49 -4.99 -7.81 -8.58
C ASN A 49 -3.89 -7.02 -9.27
N LYS A 50 -4.21 -5.78 -9.64
CA LYS A 50 -3.24 -4.91 -10.31
C LYS A 50 -2.20 -4.40 -9.32
N THR A 51 -0.96 -4.30 -9.77
CA THR A 51 0.13 -3.81 -8.93
C THR A 51 0.90 -2.69 -9.62
N GLY A 52 1.14 -1.61 -8.88
CA GLY A 52 1.87 -0.49 -9.45
C GLY A 52 2.72 0.22 -8.41
N PHE A 53 3.42 1.28 -8.84
CA PHE A 53 4.26 2.05 -7.93
C PHE A 53 3.60 3.36 -7.55
N VAL A 54 3.65 3.69 -6.26
CA VAL A 54 3.05 4.92 -5.76
C VAL A 54 3.89 5.52 -4.63
N PRO A 55 3.84 6.85 -4.50
CA PRO A 55 4.58 7.58 -3.48
C PRO A 55 4.04 7.32 -2.07
N SER A 56 4.92 7.43 -1.07
CA SER A 56 4.53 7.20 0.31
C SER A 56 3.96 8.48 0.93
N ASN A 57 3.35 9.31 0.10
CA ASN A 57 2.77 10.56 0.56
C ASN A 57 1.25 10.45 0.67
N TYR A 58 0.68 9.48 -0.04
CA TYR A 58 -0.76 9.26 -0.03
C TYR A 58 -1.12 8.03 0.79
N VAL A 59 -0.28 7.00 0.71
CA VAL A 59 -0.50 5.77 1.45
C VAL A 59 0.48 5.64 2.61
N GLU A 60 0.15 4.78 3.56
CA GLU A 60 1.00 4.55 4.72
C GLU A 60 0.61 3.26 5.44
N ARG A 61 1.60 2.58 6.02
CA ARG A 61 1.36 1.34 6.74
C ARG A 61 0.23 1.51 7.74
N LYS A 62 -0.70 0.55 7.77
CA LYS A 62 -1.82 0.58 8.68
C LYS A 62 -1.38 0.94 10.09
N ASN A 63 -0.84 -0.06 10.80
CA ASN A 63 -0.37 0.15 12.16
C ASN A 63 0.85 -0.73 12.45
N SER A 64 1.74 -0.84 11.47
CA SER A 64 2.94 -1.64 11.62
C SER A 64 4.06 -0.84 12.27
N ALA A 65 4.15 0.43 11.90
CA ALA A 65 5.18 1.32 12.46
C ALA A 65 4.70 1.98 13.74
N ARG A 66 5.17 1.46 14.87
CA ARG A 66 4.78 1.99 16.18
C ARG A 66 3.27 1.94 16.36
N ALA A 67 2.80 0.94 17.10
CA ALA A 67 1.38 0.78 17.36
C ALA A 67 0.78 2.06 17.91
N ALA A 68 1.57 2.81 18.67
CA ALA A 68 1.11 4.06 19.26
C ALA A 68 0.48 4.96 18.20
N ALA A 69 1.29 5.37 17.23
CA ALA A 69 0.82 6.25 16.15
C ALA A 69 -0.44 5.67 15.49
N ASN A 70 -1.59 6.14 15.94
CA ASN A 70 -2.86 5.67 15.39
C ASN A 70 -3.73 6.84 14.93
N SER A 71 -4.85 6.54 14.30
CA SER A 71 -5.76 7.55 13.81
C SER A 71 -6.31 8.40 14.95
N SER A 72 -6.98 9.49 14.62
CA SER A 72 -7.55 10.38 15.62
C SER A 72 -6.46 10.97 16.51
N GLY A 1 4.36 -24.31 1.18
CA GLY A 1 4.56 -24.89 2.49
C GLY A 1 4.34 -23.89 3.61
N SER A 2 5.20 -23.92 4.62
CA SER A 2 5.09 -23.02 5.76
C SER A 2 5.76 -21.68 5.45
N THR A 3 5.51 -21.16 4.26
CA THR A 3 6.09 -19.89 3.85
C THR A 3 5.59 -18.74 4.71
N MET A 4 6.51 -17.94 5.22
CA MET A 4 6.15 -16.80 6.05
C MET A 4 5.26 -15.82 5.31
N ALA A 5 4.49 -15.03 6.05
CA ALA A 5 3.59 -14.06 5.45
C ALA A 5 4.32 -12.76 5.12
N GLU A 6 4.88 -12.12 6.14
CA GLU A 6 5.61 -10.88 5.95
C GLU A 6 4.86 -9.94 5.01
N GLU A 7 3.54 -9.89 5.17
CA GLU A 7 2.71 -9.03 4.33
C GLU A 7 2.45 -7.69 5.00
N VAL A 8 2.26 -6.65 4.19
CA VAL A 8 2.01 -5.31 4.70
C VAL A 8 0.87 -4.64 3.95
N VAL A 9 0.05 -3.88 4.68
CA VAL A 9 -1.08 -3.18 4.07
C VAL A 9 -1.06 -1.70 4.43
N VAL A 10 -1.42 -0.86 3.47
CA VAL A 10 -1.43 0.59 3.67
C VAL A 10 -2.74 1.20 3.14
N VAL A 11 -3.23 2.20 3.84
CA VAL A 11 -4.47 2.88 3.45
C VAL A 11 -4.18 4.30 2.96
N ALA A 12 -4.63 4.59 1.74
CA ALA A 12 -4.42 5.91 1.16
C ALA A 12 -5.21 6.97 1.93
N LYS A 13 -4.62 8.15 2.08
CA LYS A 13 -5.25 9.25 2.79
C LYS A 13 -5.94 10.20 1.80
N PHE A 14 -5.30 10.44 0.67
CA PHE A 14 -5.84 11.33 -0.35
C PHE A 14 -6.00 10.59 -1.67
N ASP A 15 -6.61 11.27 -2.65
CA ASP A 15 -6.83 10.69 -3.96
C ASP A 15 -5.66 11.01 -4.89
N TYR A 16 -5.19 9.99 -5.60
CA TYR A 16 -4.07 10.16 -6.53
C TYR A 16 -4.32 9.38 -7.81
N VAL A 17 -3.78 9.89 -8.92
CA VAL A 17 -3.94 9.25 -10.22
C VAL A 17 -2.59 8.73 -10.73
N ALA A 18 -2.50 7.41 -10.88
CA ALA A 18 -1.28 6.78 -11.37
C ALA A 18 -0.89 7.33 -12.74
N GLN A 19 -0.29 8.51 -12.74
CA GLN A 19 0.14 9.15 -13.98
C GLN A 19 0.70 8.12 -14.96
N GLN A 20 1.78 7.45 -14.56
CA GLN A 20 2.41 6.44 -15.40
C GLN A 20 1.59 5.16 -15.40
N GLU A 21 1.65 4.45 -16.53
CA GLU A 21 0.90 3.19 -16.66
C GLU A 21 1.38 2.16 -15.65
N GLN A 22 2.65 2.26 -15.26
CA GLN A 22 3.23 1.34 -14.29
C GLN A 22 2.66 1.59 -12.89
N GLU A 23 2.43 2.86 -12.58
CA GLU A 23 1.90 3.23 -11.27
C GLU A 23 0.48 2.70 -11.10
N LEU A 24 0.00 2.72 -9.86
CA LEU A 24 -1.34 2.24 -9.56
C LEU A 24 -2.24 3.37 -9.08
N ASP A 25 -3.53 3.27 -9.40
CA ASP A 25 -4.50 4.30 -9.01
C ASP A 25 -4.98 4.08 -7.58
N ILE A 26 -5.06 5.15 -6.81
CA ILE A 26 -5.50 5.08 -5.42
C ILE A 26 -6.78 5.88 -5.20
N LYS A 27 -7.29 5.85 -3.98
CA LYS A 27 -8.50 6.59 -3.64
C LYS A 27 -8.51 6.96 -2.16
N LYS A 28 -8.98 8.17 -1.86
CA LYS A 28 -9.04 8.65 -0.50
C LYS A 28 -9.75 7.63 0.41
N ASN A 29 -9.01 7.10 1.38
CA ASN A 29 -9.55 6.12 2.31
C ASN A 29 -9.69 4.76 1.64
N GLU A 30 -8.70 4.39 0.84
CA GLU A 30 -8.71 3.11 0.14
C GLU A 30 -7.54 2.23 0.59
N ARG A 31 -7.86 1.10 1.20
CA ARG A 31 -6.84 0.17 1.67
C ARG A 31 -6.10 -0.48 0.49
N LEU A 32 -4.82 -0.74 0.68
CA LEU A 32 -4.00 -1.36 -0.37
C LEU A 32 -2.98 -2.31 0.24
N TRP A 33 -2.48 -3.23 -0.59
CA TRP A 33 -1.50 -4.20 -0.14
C TRP A 33 -0.09 -3.79 -0.56
N LEU A 34 0.77 -3.56 0.42
CA LEU A 34 2.15 -3.16 0.14
C LEU A 34 3.00 -4.37 -0.25
N LEU A 35 3.77 -4.23 -1.32
CA LEU A 35 4.63 -5.31 -1.79
C LEU A 35 6.10 -4.93 -1.66
N ASP A 36 6.49 -3.87 -2.37
CA ASP A 36 7.87 -3.40 -2.33
C ASP A 36 7.93 -1.95 -1.86
N ASP A 37 8.48 -1.74 -0.68
CA ASP A 37 8.61 -0.41 -0.11
C ASP A 37 10.07 -0.04 0.11
N SER A 38 10.93 -0.48 -0.80
CA SER A 38 12.36 -0.20 -0.71
C SER A 38 12.75 0.96 -1.61
N LYS A 39 12.24 0.95 -2.83
CA LYS A 39 12.53 2.01 -3.79
C LYS A 39 11.79 3.29 -3.43
N SER A 40 12.35 4.43 -3.83
CA SER A 40 11.74 5.73 -3.54
C SER A 40 10.22 5.62 -3.59
N TRP A 41 9.71 4.97 -4.62
CA TRP A 41 8.27 4.81 -4.79
C TRP A 41 7.79 3.53 -4.12
N TRP A 42 6.77 3.66 -3.26
CA TRP A 42 6.22 2.52 -2.56
C TRP A 42 5.25 1.74 -3.44
N ARG A 43 5.64 0.52 -3.81
CA ARG A 43 4.82 -0.32 -4.66
C ARG A 43 3.70 -0.98 -3.85
N VAL A 44 2.47 -0.87 -4.33
CA VAL A 44 1.32 -1.46 -3.66
C VAL A 44 0.44 -2.23 -4.64
N ARG A 45 -0.55 -2.94 -4.10
CA ARG A 45 -1.46 -3.72 -4.93
C ARG A 45 -2.91 -3.29 -4.68
N ASN A 46 -3.75 -3.48 -5.70
CA ASN A 46 -5.16 -3.12 -5.60
C ASN A 46 -6.04 -4.36 -5.59
N SER A 47 -7.30 -4.19 -5.20
CA SER A 47 -8.24 -5.29 -5.14
C SER A 47 -8.41 -5.93 -6.52
N MET A 48 -8.14 -5.15 -7.57
CA MET A 48 -8.27 -5.65 -8.94
C MET A 48 -7.08 -6.53 -9.31
N ASN A 49 -6.26 -6.85 -8.31
CA ASN A 49 -5.09 -7.69 -8.54
C ASN A 49 -3.98 -6.90 -9.24
N LYS A 50 -4.29 -5.68 -9.63
CA LYS A 50 -3.32 -4.81 -10.30
C LYS A 50 -2.26 -4.30 -9.32
N THR A 51 -1.14 -3.86 -9.86
CA THR A 51 -0.05 -3.35 -9.03
C THR A 51 0.63 -2.15 -9.70
N GLY A 52 1.12 -1.23 -8.88
CA GLY A 52 1.77 -0.05 -9.40
C GLY A 52 2.52 0.72 -8.32
N PHE A 53 3.51 1.50 -8.74
CA PHE A 53 4.31 2.29 -7.80
C PHE A 53 3.58 3.57 -7.42
N VAL A 54 3.59 3.89 -6.12
CA VAL A 54 2.93 5.09 -5.63
C VAL A 54 3.72 5.71 -4.48
N PRO A 55 3.61 7.04 -4.35
CA PRO A 55 4.31 7.79 -3.29
C PRO A 55 3.74 7.50 -1.91
N SER A 56 4.62 7.13 -0.99
CA SER A 56 4.22 6.81 0.37
C SER A 56 3.56 8.03 1.03
N ASN A 57 3.70 9.18 0.40
CA ASN A 57 3.12 10.41 0.92
C ASN A 57 1.59 10.37 0.85
N TYR A 58 1.07 9.46 0.04
CA TYR A 58 -0.37 9.32 -0.13
C TYR A 58 -0.89 8.11 0.65
N VAL A 59 -0.02 7.13 0.85
CA VAL A 59 -0.39 5.92 1.58
C VAL A 59 0.33 5.86 2.92
N GLU A 60 -0.02 4.85 3.73
CA GLU A 60 0.58 4.68 5.04
C GLU A 60 0.32 3.28 5.58
N ARG A 61 1.36 2.67 6.16
CA ARG A 61 1.25 1.33 6.71
C ARG A 61 0.13 1.25 7.74
N LYS A 62 -0.56 0.13 7.78
CA LYS A 62 -1.66 -0.07 8.72
C LYS A 62 -1.23 0.31 10.13
N ASN A 63 -0.41 -0.54 10.75
CA ASN A 63 0.06 -0.28 12.10
C ASN A 63 -1.09 0.08 13.03
N SER A 64 -2.03 -0.84 13.19
CA SER A 64 -3.19 -0.62 14.04
C SER A 64 -2.77 -0.48 15.50
N ALA A 65 -3.70 -0.01 16.34
CA ALA A 65 -3.42 0.16 17.76
C ALA A 65 -3.18 -1.17 18.45
N ARG A 66 -1.90 -1.53 18.61
CA ARG A 66 -1.54 -2.78 19.24
C ARG A 66 -0.37 -2.58 20.21
N ALA A 67 -0.49 -3.14 21.41
CA ALA A 67 0.55 -3.02 22.42
C ALA A 67 1.73 -3.93 22.10
N ALA A 68 1.47 -4.98 21.33
CA ALA A 68 2.51 -5.93 20.95
C ALA A 68 3.04 -5.62 19.56
N ALA A 69 2.96 -4.35 19.16
CA ALA A 69 3.43 -3.92 17.86
C ALA A 69 4.94 -4.12 17.73
N ASN A 70 5.42 -4.22 16.49
CA ASN A 70 6.84 -4.42 16.24
C ASN A 70 7.28 -3.65 14.99
N SER A 71 8.59 -3.63 14.75
CA SER A 71 9.14 -2.92 13.61
C SER A 71 8.82 -1.44 13.67
N SER A 72 9.64 -0.68 14.39
CA SER A 72 9.44 0.75 14.55
C SER A 72 7.96 1.09 14.58
N GLY A 1 -8.33 -19.66 1.15
CA GLY A 1 -7.08 -19.27 1.78
C GLY A 1 -7.17 -17.92 2.45
N SER A 2 -6.02 -17.44 2.95
CA SER A 2 -5.97 -16.14 3.62
C SER A 2 -4.60 -15.90 4.24
N THR A 3 -3.96 -16.99 4.67
CA THR A 3 -2.64 -16.90 5.29
C THR A 3 -1.56 -16.64 4.23
N MET A 4 -0.62 -15.77 4.57
CA MET A 4 0.47 -15.43 3.65
C MET A 4 1.74 -15.07 4.43
N ALA A 5 2.84 -14.92 3.71
CA ALA A 5 4.12 -14.57 4.32
C ALA A 5 4.12 -13.12 4.78
N GLU A 6 5.23 -12.70 5.40
CA GLU A 6 5.36 -11.33 5.89
C GLU A 6 4.90 -10.34 4.82
N GLU A 7 3.71 -9.78 5.03
CA GLU A 7 3.15 -8.80 4.10
C GLU A 7 2.75 -7.52 4.81
N VAL A 8 2.80 -6.40 4.09
CA VAL A 8 2.44 -5.12 4.66
C VAL A 8 1.25 -4.50 3.93
N VAL A 9 0.43 -3.76 4.66
CA VAL A 9 -0.73 -3.11 4.08
C VAL A 9 -0.77 -1.62 4.41
N VAL A 10 -1.22 -0.82 3.45
CA VAL A 10 -1.29 0.62 3.63
C VAL A 10 -2.58 1.18 3.03
N VAL A 11 -3.18 2.13 3.73
CA VAL A 11 -4.41 2.75 3.27
C VAL A 11 -4.18 4.20 2.86
N ALA A 12 -4.56 4.54 1.63
CA ALA A 12 -4.39 5.89 1.12
C ALA A 12 -5.24 6.88 1.90
N LYS A 13 -4.65 8.01 2.26
CA LYS A 13 -5.36 9.05 3.01
C LYS A 13 -5.88 10.13 2.08
N PHE A 14 -5.39 10.14 0.84
CA PHE A 14 -5.82 11.12 -0.15
C PHE A 14 -6.11 10.45 -1.49
N ASP A 15 -6.30 11.27 -2.52
CA ASP A 15 -6.59 10.76 -3.85
C ASP A 15 -5.44 11.05 -4.80
N TYR A 16 -5.10 10.08 -5.64
CA TYR A 16 -4.01 10.23 -6.60
C TYR A 16 -4.28 9.40 -7.85
N VAL A 17 -3.78 9.89 -8.99
CA VAL A 17 -3.96 9.20 -10.26
C VAL A 17 -2.62 8.72 -10.81
N ALA A 18 -2.44 7.40 -10.86
CA ALA A 18 -1.21 6.82 -11.37
C ALA A 18 -0.81 7.45 -12.69
N GLN A 19 -0.04 8.53 -12.62
CA GLN A 19 0.42 9.25 -13.81
C GLN A 19 0.71 8.26 -14.94
N GLN A 20 1.52 7.24 -14.64
CA GLN A 20 1.87 6.24 -15.64
C GLN A 20 1.02 4.99 -15.48
N GLU A 21 0.79 4.30 -16.59
CA GLU A 21 -0.03 3.09 -16.58
C GLU A 21 0.61 2.02 -15.69
N GLN A 22 1.89 2.19 -15.39
CA GLN A 22 2.61 1.25 -14.55
C GLN A 22 2.28 1.47 -13.08
N GLU A 23 1.99 2.71 -12.72
CA GLU A 23 1.66 3.06 -11.35
C GLU A 23 0.27 2.56 -10.98
N LEU A 24 -0.05 2.60 -9.69
CA LEU A 24 -1.36 2.16 -9.20
C LEU A 24 -2.18 3.34 -8.71
N ASP A 25 -3.42 3.43 -9.20
CA ASP A 25 -4.31 4.51 -8.81
C ASP A 25 -4.83 4.30 -7.38
N ILE A 26 -4.92 5.39 -6.62
CA ILE A 26 -5.38 5.33 -5.24
C ILE A 26 -6.66 6.14 -5.06
N LYS A 27 -7.24 6.05 -3.88
CA LYS A 27 -8.46 6.78 -3.56
C LYS A 27 -8.55 7.09 -2.07
N LYS A 28 -9.05 8.28 -1.75
CA LYS A 28 -9.20 8.70 -0.36
C LYS A 28 -9.87 7.61 0.47
N ASN A 29 -9.12 7.02 1.39
CA ASN A 29 -9.64 5.97 2.26
C ASN A 29 -9.69 4.64 1.52
N GLU A 30 -8.63 4.34 0.76
CA GLU A 30 -8.56 3.10 0.00
C GLU A 30 -7.48 2.19 0.56
N ARG A 31 -7.83 0.92 0.77
CA ARG A 31 -6.89 -0.05 1.30
C ARG A 31 -6.07 -0.69 0.18
N LEU A 32 -4.77 -0.80 0.40
CA LEU A 32 -3.88 -1.39 -0.60
C LEU A 32 -2.87 -2.32 0.06
N TRP A 33 -2.44 -3.35 -0.67
CA TRP A 33 -1.48 -4.31 -0.15
C TRP A 33 -0.06 -3.93 -0.57
N LEU A 34 0.75 -3.55 0.41
CA LEU A 34 2.13 -3.16 0.15
C LEU A 34 3.00 -4.38 -0.19
N LEU A 35 3.71 -4.31 -1.30
CA LEU A 35 4.57 -5.41 -1.73
C LEU A 35 6.04 -5.02 -1.63
N ASP A 36 6.33 -3.75 -1.85
CA ASP A 36 7.70 -3.24 -1.77
C ASP A 36 7.72 -1.79 -1.32
N ASP A 37 8.22 -1.56 -0.10
CA ASP A 37 8.30 -0.22 0.45
C ASP A 37 9.75 0.18 0.72
N SER A 38 10.65 -0.27 -0.16
CA SER A 38 12.07 0.03 -0.01
C SER A 38 12.51 1.08 -1.03
N LYS A 39 12.08 0.90 -2.27
CA LYS A 39 12.42 1.84 -3.35
C LYS A 39 11.68 3.15 -3.18
N SER A 40 12.27 4.22 -3.68
CA SER A 40 11.66 5.55 -3.60
C SER A 40 10.14 5.46 -3.69
N TRP A 41 9.66 4.82 -4.75
CA TRP A 41 8.22 4.66 -4.95
C TRP A 41 7.71 3.40 -4.27
N TRP A 42 6.75 3.57 -3.36
CA TRP A 42 6.18 2.44 -2.64
C TRP A 42 5.25 1.64 -3.54
N ARG A 43 5.70 0.44 -3.91
CA ARG A 43 4.90 -0.44 -4.78
C ARG A 43 3.82 -1.15 -3.97
N VAL A 44 2.56 -0.90 -4.34
CA VAL A 44 1.44 -1.52 -3.64
C VAL A 44 0.53 -2.25 -4.64
N ARG A 45 -0.39 -3.03 -4.10
CA ARG A 45 -1.33 -3.79 -4.93
C ARG A 45 -2.74 -3.22 -4.82
N ASN A 46 -3.56 -3.47 -5.83
CA ASN A 46 -4.94 -2.98 -5.84
C ASN A 46 -5.92 -4.15 -5.88
N SER A 47 -7.17 -3.88 -5.49
CA SER A 47 -8.20 -4.90 -5.48
C SER A 47 -8.36 -5.54 -6.85
N MET A 48 -7.98 -4.80 -7.89
CA MET A 48 -8.08 -5.29 -9.26
C MET A 48 -6.94 -6.24 -9.58
N ASN A 49 -6.19 -6.62 -8.54
CA ASN A 49 -5.06 -7.53 -8.72
C ASN A 49 -3.88 -6.81 -9.38
N LYS A 50 -4.09 -5.55 -9.74
CA LYS A 50 -3.05 -4.76 -10.39
C LYS A 50 -2.12 -4.15 -9.35
N THR A 51 -0.84 -4.10 -9.67
CA THR A 51 0.17 -3.54 -8.76
C THR A 51 0.97 -2.45 -9.45
N GLY A 52 0.90 -1.23 -8.91
CA GLY A 52 1.62 -0.11 -9.47
C GLY A 52 2.43 0.64 -8.43
N PHE A 53 3.44 1.37 -8.90
CA PHE A 53 4.29 2.14 -8.00
C PHE A 53 3.61 3.44 -7.57
N VAL A 54 3.57 3.67 -6.26
CA VAL A 54 2.94 4.87 -5.72
C VAL A 54 3.78 5.48 -4.60
N PRO A 55 3.68 6.81 -4.44
CA PRO A 55 4.43 7.53 -3.41
C PRO A 55 3.93 7.22 -2.00
N SER A 56 4.86 7.17 -1.05
CA SER A 56 4.52 6.87 0.33
C SER A 56 3.97 8.12 1.03
N ASN A 57 3.66 9.14 0.26
CA ASN A 57 3.12 10.39 0.79
C ASN A 57 1.60 10.37 0.78
N TYR A 58 1.02 9.51 -0.05
CA TYR A 58 -0.43 9.40 -0.16
C TYR A 58 -0.93 8.17 0.58
N VAL A 59 -0.03 7.23 0.87
CA VAL A 59 -0.38 6.01 1.58
C VAL A 59 0.38 5.89 2.90
N GLU A 60 0.01 4.92 3.71
CA GLU A 60 0.65 4.70 5.00
C GLU A 60 0.32 3.32 5.55
N ARG A 61 1.31 2.68 6.16
CA ARG A 61 1.13 1.35 6.72
C ARG A 61 -0.02 1.34 7.73
N LYS A 62 -0.78 0.24 7.75
CA LYS A 62 -1.90 0.11 8.66
C LYS A 62 -1.53 0.57 10.07
N ASN A 63 -1.11 -0.36 10.91
CA ASN A 63 -0.73 -0.05 12.28
C ASN A 63 0.75 -0.35 12.51
N SER A 64 1.47 -0.67 11.43
CA SER A 64 2.88 -0.98 11.52
C SER A 64 3.65 0.16 12.17
N ALA A 65 3.65 0.18 13.50
CA ALA A 65 4.35 1.21 14.25
C ALA A 65 5.68 0.69 14.80
N ARG A 66 6.77 1.15 14.22
CA ARG A 66 8.11 0.73 14.65
C ARG A 66 8.66 1.68 15.69
N ALA A 67 9.17 1.12 16.78
CA ALA A 67 9.74 1.93 17.86
C ALA A 67 10.98 2.68 17.39
N ALA A 68 11.85 1.98 16.66
CA ALA A 68 13.08 2.58 16.15
C ALA A 68 12.78 3.91 15.46
N ALA A 69 11.95 3.87 14.43
CA ALA A 69 11.60 5.08 13.69
C ALA A 69 10.87 6.07 14.59
N ASN A 70 11.55 7.15 14.95
CA ASN A 70 10.97 8.18 15.80
C ASN A 70 11.58 9.54 15.50
N SER A 71 10.89 10.60 15.93
CA SER A 71 11.37 11.96 15.71
C SER A 71 11.40 12.74 17.02
N SER A 72 12.00 13.93 16.98
CA SER A 72 12.10 14.77 18.17
C SER A 72 12.51 13.97 19.39
N GLY A 1 -10.55 -16.74 0.39
CA GLY A 1 -9.12 -16.97 0.53
C GLY A 1 -8.54 -16.34 1.78
N SER A 2 -7.56 -17.01 2.37
CA SER A 2 -6.92 -16.52 3.59
C SER A 2 -5.44 -16.85 3.59
N THR A 3 -4.64 -15.97 3.00
CA THR A 3 -3.19 -16.16 2.93
C THR A 3 -2.54 -15.89 4.28
N MET A 4 -1.57 -16.71 4.64
CA MET A 4 -0.86 -16.56 5.90
C MET A 4 -0.50 -15.10 6.15
N ALA A 5 -0.46 -14.71 7.42
CA ALA A 5 -0.13 -13.34 7.80
C ALA A 5 1.38 -13.10 7.71
N GLU A 6 1.81 -12.51 6.60
CA GLU A 6 3.23 -12.22 6.40
C GLU A 6 3.43 -11.13 5.36
N GLU A 7 2.55 -10.13 5.40
CA GLU A 7 2.63 -9.02 4.46
C GLU A 7 2.27 -7.69 5.15
N VAL A 8 2.38 -6.60 4.41
CA VAL A 8 2.07 -5.28 4.93
C VAL A 8 0.97 -4.61 4.13
N VAL A 9 0.15 -3.81 4.81
CA VAL A 9 -0.96 -3.11 4.16
C VAL A 9 -0.93 -1.62 4.51
N VAL A 10 -1.15 -0.78 3.50
CA VAL A 10 -1.15 0.66 3.69
C VAL A 10 -2.49 1.27 3.27
N VAL A 11 -2.88 2.35 3.93
CA VAL A 11 -4.14 3.02 3.63
C VAL A 11 -3.88 4.40 3.00
N ALA A 12 -4.71 4.75 2.02
CA ALA A 12 -4.58 6.04 1.36
C ALA A 12 -5.38 7.12 2.08
N LYS A 13 -4.73 8.25 2.35
CA LYS A 13 -5.38 9.36 3.04
C LYS A 13 -5.86 10.41 2.04
N PHE A 14 -5.44 10.26 0.79
CA PHE A 14 -5.82 11.20 -0.26
C PHE A 14 -6.05 10.47 -1.59
N ASP A 15 -6.46 11.22 -2.60
CA ASP A 15 -6.71 10.66 -3.92
C ASP A 15 -5.55 10.97 -4.87
N TYR A 16 -5.18 9.97 -5.68
CA TYR A 16 -4.08 10.15 -6.63
C TYR A 16 -4.38 9.41 -7.93
N VAL A 17 -3.87 9.95 -9.04
CA VAL A 17 -4.08 9.34 -10.35
C VAL A 17 -2.77 8.83 -10.94
N ALA A 18 -2.64 7.51 -11.00
CA ALA A 18 -1.44 6.89 -11.55
C ALA A 18 -1.01 7.57 -12.85
N GLN A 19 -0.18 8.60 -12.73
CA GLN A 19 0.30 9.32 -13.90
C GLN A 19 0.77 8.36 -14.99
N GLN A 20 1.81 7.60 -14.69
CA GLN A 20 2.35 6.64 -15.64
C GLN A 20 1.53 5.36 -15.65
N GLU A 21 1.49 4.70 -16.81
CA GLU A 21 0.74 3.45 -16.95
C GLU A 21 1.28 2.37 -16.03
N GLN A 22 2.45 2.64 -15.45
CA GLN A 22 3.09 1.69 -14.54
C GLN A 22 2.55 1.84 -13.12
N GLU A 23 2.30 3.08 -12.73
CA GLU A 23 1.78 3.38 -11.39
C GLU A 23 0.36 2.84 -11.23
N LEU A 24 -0.13 2.84 -10.00
CA LEU A 24 -1.47 2.36 -9.70
C LEU A 24 -2.35 3.48 -9.16
N ASP A 25 -3.62 3.46 -9.54
CA ASP A 25 -4.57 4.48 -9.09
C ASP A 25 -5.03 4.20 -7.66
N ILE A 26 -5.16 5.26 -6.88
CA ILE A 26 -5.60 5.13 -5.49
C ILE A 26 -6.85 5.96 -5.22
N LYS A 27 -7.34 5.90 -3.99
CA LYS A 27 -8.53 6.63 -3.61
C LYS A 27 -8.52 6.97 -2.12
N LYS A 28 -8.98 8.16 -1.78
CA LYS A 28 -9.01 8.60 -0.39
C LYS A 28 -9.68 7.56 0.50
N ASN A 29 -9.00 7.17 1.57
CA ASN A 29 -9.52 6.19 2.50
C ASN A 29 -9.61 4.81 1.83
N GLU A 30 -8.56 4.45 1.09
CA GLU A 30 -8.53 3.17 0.40
C GLU A 30 -7.34 2.33 0.87
N ARG A 31 -7.62 1.10 1.30
CA ARG A 31 -6.59 0.20 1.78
C ARG A 31 -6.01 -0.63 0.63
N LEU A 32 -4.69 -0.74 0.60
CA LEU A 32 -4.01 -1.51 -0.45
C LEU A 32 -3.00 -2.47 0.16
N TRP A 33 -2.58 -3.45 -0.64
CA TRP A 33 -1.60 -4.44 -0.18
C TRP A 33 -0.19 -4.03 -0.57
N LEU A 34 0.64 -3.76 0.44
CA LEU A 34 2.02 -3.36 0.20
C LEU A 34 2.89 -4.56 -0.17
N LEU A 35 3.71 -4.39 -1.19
CA LEU A 35 4.59 -5.47 -1.65
C LEU A 35 6.06 -5.08 -1.48
N ASP A 36 6.46 -4.01 -2.17
CA ASP A 36 7.84 -3.53 -2.10
C ASP A 36 7.88 -2.09 -1.63
N ASP A 37 8.39 -1.88 -0.42
CA ASP A 37 8.49 -0.53 0.15
C ASP A 37 9.95 -0.17 0.41
N SER A 38 10.83 -0.60 -0.48
CA SER A 38 12.26 -0.32 -0.34
C SER A 38 12.68 0.83 -1.25
N LYS A 39 12.20 0.79 -2.49
CA LYS A 39 12.53 1.83 -3.46
C LYS A 39 11.75 3.11 -3.17
N SER A 40 12.28 4.25 -3.61
CA SER A 40 11.63 5.53 -3.39
C SER A 40 10.12 5.40 -3.46
N TRP A 41 9.62 4.93 -4.59
CA TRP A 41 8.19 4.75 -4.79
C TRP A 41 7.70 3.48 -4.11
N TRP A 42 6.70 3.62 -3.24
CA TRP A 42 6.14 2.46 -2.53
C TRP A 42 5.22 1.66 -3.43
N ARG A 43 5.63 0.44 -3.77
CA ARG A 43 4.84 -0.43 -4.63
C ARG A 43 3.73 -1.09 -3.84
N VAL A 44 2.50 -0.98 -4.34
CA VAL A 44 1.34 -1.58 -3.68
C VAL A 44 0.49 -2.38 -4.66
N ARG A 45 -0.55 -3.01 -4.15
CA ARG A 45 -1.44 -3.81 -4.99
C ARG A 45 -2.90 -3.43 -4.76
N ASN A 46 -3.70 -3.52 -5.81
CA ASN A 46 -5.12 -3.18 -5.72
C ASN A 46 -5.98 -4.44 -5.66
N SER A 47 -7.26 -4.26 -5.40
CA SER A 47 -8.20 -5.39 -5.32
C SER A 47 -8.37 -6.04 -6.69
N MET A 48 -8.02 -5.31 -7.74
CA MET A 48 -8.14 -5.82 -9.11
C MET A 48 -6.92 -6.68 -9.46
N ASN A 49 -6.11 -7.00 -8.46
CA ASN A 49 -4.92 -7.82 -8.68
C ASN A 49 -3.83 -7.02 -9.36
N LYS A 50 -4.15 -5.78 -9.73
CA LYS A 50 -3.18 -4.90 -10.39
C LYS A 50 -2.16 -4.38 -9.39
N THR A 51 -0.98 -4.03 -9.90
CA THR A 51 0.09 -3.50 -9.06
C THR A 51 0.78 -2.31 -9.71
N GLY A 52 1.25 -1.38 -8.90
CA GLY A 52 1.92 -0.20 -9.42
C GLY A 52 2.68 0.56 -8.35
N PHE A 53 3.49 1.51 -8.77
CA PHE A 53 4.28 2.31 -7.83
C PHE A 53 3.56 3.60 -7.46
N VAL A 54 3.60 3.94 -6.18
CA VAL A 54 2.93 5.15 -5.70
C VAL A 54 3.72 5.78 -4.54
N PRO A 55 3.60 7.10 -4.40
CA PRO A 55 4.28 7.85 -3.34
C PRO A 55 3.72 7.55 -1.96
N SER A 56 4.60 7.39 -0.98
CA SER A 56 4.18 7.10 0.39
C SER A 56 3.47 8.30 1.01
N ASN A 57 3.47 9.41 0.29
CA ASN A 57 2.83 10.63 0.77
C ASN A 57 1.31 10.46 0.78
N TYR A 58 0.81 9.51 0.01
CA TYR A 58 -0.62 9.25 -0.07
C TYR A 58 -1.00 8.03 0.76
N VAL A 59 -0.22 6.95 0.60
CA VAL A 59 -0.47 5.72 1.34
C VAL A 59 0.57 5.51 2.43
N GLU A 60 0.24 4.68 3.41
CA GLU A 60 1.14 4.40 4.52
C GLU A 60 0.70 3.14 5.28
N ARG A 61 1.67 2.38 5.77
CA ARG A 61 1.37 1.16 6.52
C ARG A 61 0.34 1.43 7.61
N LYS A 62 -0.54 0.46 7.84
CA LYS A 62 -1.57 0.59 8.86
C LYS A 62 -1.00 1.22 10.13
N ASN A 63 -1.88 1.77 10.96
CA ASN A 63 -1.47 2.39 12.20
C ASN A 63 -2.03 1.64 13.41
N SER A 64 -3.13 0.93 13.19
CA SER A 64 -3.76 0.17 14.25
C SER A 64 -2.77 -0.79 14.91
N ALA A 65 -1.95 -1.44 14.09
CA ALA A 65 -0.95 -2.38 14.59
C ALA A 65 -0.08 -1.72 15.67
N ARG A 66 -0.43 -1.96 16.93
CA ARG A 66 0.32 -1.39 18.05
C ARG A 66 0.49 0.11 17.88
N ALA A 67 -0.34 0.88 18.59
CA ALA A 67 -0.27 2.33 18.52
C ALA A 67 1.13 2.84 18.84
N ALA A 68 1.76 2.22 19.83
CA ALA A 68 3.11 2.61 20.23
C ALA A 68 4.04 2.68 19.03
N ALA A 69 3.87 1.75 18.09
CA ALA A 69 4.69 1.70 16.89
C ALA A 69 4.87 3.10 16.30
N ASN A 70 6.13 3.50 16.12
CA ASN A 70 6.45 4.81 15.56
C ASN A 70 5.57 5.11 14.36
N SER A 71 4.46 5.81 14.59
CA SER A 71 3.54 6.16 13.53
C SER A 71 3.68 7.63 13.14
N SER A 72 4.68 8.29 13.73
CA SER A 72 4.93 9.70 13.44
C SER A 72 6.42 9.96 13.29
N GLY A 1 0.93 -19.37 -3.22
CA GLY A 1 -0.21 -18.48 -3.39
C GLY A 1 -0.57 -17.75 -2.11
N SER A 2 -0.45 -16.42 -2.14
CA SER A 2 -0.78 -15.61 -0.97
C SER A 2 -0.07 -16.15 0.27
N THR A 3 1.15 -15.67 0.51
CA THR A 3 1.92 -16.11 1.66
C THR A 3 1.39 -15.49 2.95
N MET A 4 1.43 -16.25 4.04
CA MET A 4 0.95 -15.78 5.33
C MET A 4 1.96 -14.83 5.97
N ALA A 5 3.22 -15.25 6.02
CA ALA A 5 4.29 -14.44 6.60
C ALA A 5 4.73 -13.35 5.63
N GLU A 6 5.29 -12.27 6.18
CA GLU A 6 5.76 -11.16 5.37
C GLU A 6 4.60 -10.53 4.59
N GLU A 7 3.97 -9.53 5.19
CA GLU A 7 2.85 -8.84 4.55
C GLU A 7 2.58 -7.50 5.23
N VAL A 8 2.33 -6.48 4.42
CA VAL A 8 2.05 -5.14 4.94
C VAL A 8 0.91 -4.48 4.16
N VAL A 9 0.10 -3.70 4.88
CA VAL A 9 -1.02 -3.00 4.26
C VAL A 9 -0.99 -1.51 4.58
N VAL A 10 -1.37 -0.69 3.60
CA VAL A 10 -1.38 0.75 3.77
C VAL A 10 -2.72 1.35 3.34
N VAL A 11 -3.24 2.26 4.14
CA VAL A 11 -4.51 2.91 3.85
C VAL A 11 -4.30 4.30 3.27
N ALA A 12 -4.86 4.54 2.10
CA ALA A 12 -4.73 5.84 1.44
C ALA A 12 -5.52 6.91 2.18
N LYS A 13 -4.91 8.08 2.35
CA LYS A 13 -5.54 9.18 3.05
C LYS A 13 -6.01 10.25 2.06
N PHE A 14 -5.64 10.09 0.80
CA PHE A 14 -6.02 11.04 -0.24
C PHE A 14 -6.27 10.33 -1.57
N ASP A 15 -6.54 11.10 -2.60
CA ASP A 15 -6.79 10.54 -3.93
C ASP A 15 -5.64 10.85 -4.88
N TYR A 16 -5.16 9.82 -5.56
CA TYR A 16 -4.05 9.98 -6.49
C TYR A 16 -4.33 9.24 -7.80
N VAL A 17 -3.80 9.78 -8.90
CA VAL A 17 -3.99 9.17 -10.21
C VAL A 17 -2.67 8.67 -10.78
N ALA A 18 -2.58 7.36 -10.98
CA ALA A 18 -1.37 6.75 -11.52
C ALA A 18 -1.01 7.35 -12.87
N GLN A 19 -0.40 8.53 -12.85
CA GLN A 19 0.00 9.21 -14.07
C GLN A 19 0.57 8.23 -15.08
N GLN A 20 1.60 7.50 -14.66
CA GLN A 20 2.25 6.52 -15.54
C GLN A 20 1.49 5.21 -15.53
N GLU A 21 1.41 4.56 -16.70
CA GLU A 21 0.71 3.30 -16.82
C GLU A 21 1.28 2.25 -15.87
N GLN A 22 2.52 2.47 -15.45
CA GLN A 22 3.19 1.55 -14.52
C GLN A 22 2.67 1.73 -13.11
N GLU A 23 2.40 2.97 -12.74
CA GLU A 23 1.90 3.28 -11.40
C GLU A 23 0.48 2.76 -11.22
N LEU A 24 0.04 2.66 -9.97
CA LEU A 24 -1.30 2.18 -9.65
C LEU A 24 -2.20 3.32 -9.18
N ASP A 25 -3.48 3.23 -9.51
CA ASP A 25 -4.44 4.25 -9.11
C ASP A 25 -4.96 3.99 -7.70
N ILE A 26 -5.01 5.04 -6.89
CA ILE A 26 -5.48 4.93 -5.52
C ILE A 26 -6.73 5.78 -5.29
N LYS A 27 -7.27 5.74 -4.07
CA LYS A 27 -8.45 6.51 -3.73
C LYS A 27 -8.47 6.84 -2.24
N LYS A 28 -8.95 8.04 -1.91
CA LYS A 28 -9.01 8.48 -0.52
C LYS A 28 -9.80 7.48 0.33
N ASN A 29 -9.17 6.98 1.37
CA ASN A 29 -9.80 6.01 2.27
C ASN A 29 -9.86 4.63 1.61
N GLU A 30 -8.79 4.26 0.91
CA GLU A 30 -8.72 2.97 0.25
C GLU A 30 -7.53 2.16 0.75
N ARG A 31 -7.81 0.96 1.25
CA ARG A 31 -6.76 0.09 1.76
C ARG A 31 -6.12 -0.71 0.63
N LEU A 32 -4.79 -0.66 0.55
CA LEU A 32 -4.05 -1.37 -0.48
C LEU A 32 -3.05 -2.35 0.13
N TRP A 33 -2.51 -3.23 -0.69
CA TRP A 33 -1.54 -4.21 -0.22
C TRP A 33 -0.13 -3.83 -0.63
N LEU A 34 0.70 -3.49 0.35
CA LEU A 34 2.08 -3.09 0.09
C LEU A 34 2.93 -4.31 -0.28
N LEU A 35 3.59 -4.22 -1.43
CA LEU A 35 4.44 -5.32 -1.90
C LEU A 35 5.92 -4.99 -1.68
N ASP A 36 6.38 -3.93 -2.35
CA ASP A 36 7.77 -3.51 -2.24
C ASP A 36 7.86 -2.06 -1.79
N ASP A 37 8.33 -1.84 -0.56
CA ASP A 37 8.46 -0.49 -0.03
C ASP A 37 9.92 -0.17 0.29
N SER A 38 10.83 -0.70 -0.54
CA SER A 38 12.26 -0.46 -0.36
C SER A 38 12.75 0.67 -1.25
N LYS A 39 12.32 0.66 -2.50
CA LYS A 39 12.71 1.70 -3.45
C LYS A 39 11.95 2.99 -3.19
N SER A 40 12.50 4.10 -3.67
CA SER A 40 11.88 5.41 -3.48
C SER A 40 10.36 5.30 -3.52
N TRP A 41 9.83 4.83 -4.66
CA TRP A 41 8.39 4.68 -4.82
C TRP A 41 7.90 3.40 -4.15
N TRP A 42 6.84 3.53 -3.36
CA TRP A 42 6.27 2.39 -2.65
C TRP A 42 5.35 1.60 -3.57
N ARG A 43 5.76 0.38 -3.92
CA ARG A 43 4.96 -0.47 -4.79
C ARG A 43 3.86 -1.17 -4.00
N VAL A 44 2.61 -0.97 -4.43
CA VAL A 44 1.47 -1.58 -3.76
C VAL A 44 0.54 -2.26 -4.76
N ARG A 45 -0.45 -2.99 -4.26
CA ARG A 45 -1.40 -3.68 -5.11
C ARG A 45 -2.82 -3.16 -4.88
N ASN A 46 -3.69 -3.41 -5.85
CA ASN A 46 -5.08 -2.96 -5.76
C ASN A 46 -6.04 -4.15 -5.75
N SER A 47 -7.29 -3.88 -5.39
CA SER A 47 -8.30 -4.92 -5.33
C SER A 47 -8.51 -5.56 -6.71
N MET A 48 -8.17 -4.82 -7.75
CA MET A 48 -8.30 -5.31 -9.11
C MET A 48 -7.17 -6.26 -9.47
N ASN A 49 -6.38 -6.64 -8.47
CA ASN A 49 -5.25 -7.54 -8.68
C ASN A 49 -4.10 -6.83 -9.38
N LYS A 50 -4.33 -5.57 -9.75
CA LYS A 50 -3.32 -4.77 -10.42
C LYS A 50 -2.26 -4.28 -9.42
N THR A 51 -1.13 -3.79 -9.95
CA THR A 51 -0.06 -3.29 -9.11
C THR A 51 0.60 -2.07 -9.74
N GLY A 52 1.29 -1.28 -8.93
CA GLY A 52 1.97 -0.10 -9.43
C GLY A 52 2.76 0.62 -8.34
N PHE A 53 3.65 1.51 -8.77
CA PHE A 53 4.47 2.27 -7.83
C PHE A 53 3.78 3.56 -7.41
N VAL A 54 3.71 3.81 -6.11
CA VAL A 54 3.09 5.01 -5.59
C VAL A 54 3.90 5.60 -4.44
N PRO A 55 3.80 6.93 -4.26
CA PRO A 55 4.51 7.64 -3.20
C PRO A 55 3.95 7.33 -1.81
N SER A 56 4.82 7.28 -0.82
CA SER A 56 4.42 6.99 0.55
C SER A 56 3.80 8.21 1.21
N ASN A 57 3.56 9.25 0.41
CA ASN A 57 2.97 10.49 0.91
C ASN A 57 1.45 10.45 0.79
N TYR A 58 0.95 9.57 -0.06
CA TYR A 58 -0.49 9.44 -0.28
C TYR A 58 -1.05 8.28 0.55
N VAL A 59 -0.23 7.27 0.77
CA VAL A 59 -0.64 6.11 1.55
C VAL A 59 0.06 6.07 2.91
N GLU A 60 -0.29 5.07 3.71
CA GLU A 60 0.30 4.93 5.04
C GLU A 60 0.14 3.49 5.55
N ARG A 61 1.25 2.85 5.87
CA ARG A 61 1.24 1.49 6.37
C ARG A 61 0.56 1.42 7.73
N LYS A 62 -0.17 0.33 7.97
CA LYS A 62 -0.87 0.14 9.23
C LYS A 62 0.04 0.46 10.41
N ASN A 63 -0.54 0.52 11.61
CA ASN A 63 0.22 0.81 12.81
C ASN A 63 -0.17 -0.13 13.95
N SER A 64 -1.44 -0.51 13.98
CA SER A 64 -1.96 -1.40 15.01
C SER A 64 -1.53 -2.84 14.75
N ALA A 65 -0.31 -3.18 15.17
CA ALA A 65 0.22 -4.53 14.98
C ALA A 65 0.30 -5.28 16.30
N ARG A 66 -0.84 -5.83 16.73
CA ARG A 66 -0.90 -6.57 17.98
C ARG A 66 -1.87 -7.74 17.86
N ALA A 67 -1.69 -8.75 18.72
CA ALA A 67 -2.54 -9.93 18.72
C ALA A 67 -3.97 -9.57 19.16
N ALA A 68 -4.07 -8.77 20.22
CA ALA A 68 -5.36 -8.36 20.73
C ALA A 68 -6.23 -7.76 19.63
N ALA A 69 -5.63 -6.88 18.82
CA ALA A 69 -6.34 -6.24 17.73
C ALA A 69 -7.15 -7.24 16.93
N ASN A 70 -8.47 -7.12 17.01
CA ASN A 70 -9.36 -8.03 16.28
C ASN A 70 -8.95 -8.15 14.82
N SER A 71 -8.46 -9.33 14.44
CA SER A 71 -8.03 -9.57 13.07
C SER A 71 -8.31 -11.01 12.66
N SER A 72 -9.21 -11.18 11.71
CA SER A 72 -9.59 -12.50 11.22
C SER A 72 -8.38 -13.21 10.62
N GLY A 1 -8.60 -21.95 2.87
CA GLY A 1 -7.67 -21.68 3.96
C GLY A 1 -7.20 -20.24 3.97
N SER A 2 -7.31 -19.59 5.11
CA SER A 2 -6.89 -18.19 5.25
C SER A 2 -5.68 -18.07 6.17
N THR A 3 -4.50 -18.26 5.60
CA THR A 3 -3.26 -18.19 6.37
C THR A 3 -3.07 -16.80 6.96
N MET A 4 -2.57 -16.74 8.18
CA MET A 4 -2.34 -15.48 8.87
C MET A 4 -1.86 -14.41 7.89
N ALA A 5 -2.14 -13.15 8.21
CA ALA A 5 -1.73 -12.03 7.35
C ALA A 5 -0.21 -11.83 7.41
N GLU A 6 0.28 -11.44 8.57
CA GLU A 6 1.72 -11.21 8.76
C GLU A 6 2.33 -10.60 7.49
N GLU A 7 1.71 -9.53 7.01
CA GLU A 7 2.19 -8.85 5.81
C GLU A 7 2.24 -7.34 6.02
N VAL A 8 2.44 -6.61 4.93
CA VAL A 8 2.51 -5.15 5.00
C VAL A 8 1.44 -4.50 4.12
N VAL A 9 0.48 -3.83 4.75
CA VAL A 9 -0.60 -3.18 4.03
C VAL A 9 -0.70 -1.71 4.43
N VAL A 10 -0.96 -0.85 3.44
CA VAL A 10 -1.09 0.58 3.68
C VAL A 10 -2.40 1.11 3.13
N VAL A 11 -3.02 2.03 3.86
CA VAL A 11 -4.28 2.62 3.44
C VAL A 11 -4.06 4.02 2.87
N ALA A 12 -4.89 4.39 1.89
CA ALA A 12 -4.80 5.70 1.26
C ALA A 12 -5.61 6.74 2.03
N LYS A 13 -5.04 7.94 2.16
CA LYS A 13 -5.70 9.02 2.88
C LYS A 13 -6.29 10.04 1.90
N PHE A 14 -5.65 10.17 0.75
CA PHE A 14 -6.10 11.11 -0.28
C PHE A 14 -6.18 10.43 -1.64
N ASP A 15 -6.86 11.09 -2.58
CA ASP A 15 -7.00 10.55 -3.93
C ASP A 15 -5.80 10.91 -4.79
N TYR A 16 -5.32 9.94 -5.57
CA TYR A 16 -4.18 10.16 -6.44
C TYR A 16 -4.39 9.49 -7.80
N VAL A 17 -3.81 10.08 -8.84
CA VAL A 17 -3.93 9.54 -10.19
C VAL A 17 -2.60 9.04 -10.71
N ALA A 18 -2.47 7.72 -10.83
CA ALA A 18 -1.24 7.11 -11.31
C ALA A 18 -0.78 7.76 -12.61
N GLN A 19 -0.03 8.84 -12.50
CA GLN A 19 0.48 9.55 -13.67
C GLN A 19 1.03 8.57 -14.70
N GLN A 20 2.07 7.83 -14.31
CA GLN A 20 2.69 6.87 -15.21
C GLN A 20 1.84 5.61 -15.32
N GLU A 21 1.90 4.96 -16.49
CA GLU A 21 1.13 3.74 -16.72
C GLU A 21 1.56 2.63 -15.76
N GLN A 22 2.79 2.73 -15.27
CA GLN A 22 3.32 1.73 -14.34
C GLN A 22 2.76 1.94 -12.95
N GLU A 23 2.45 3.19 -12.61
CA GLU A 23 1.90 3.51 -11.29
C GLU A 23 0.49 2.96 -11.14
N LEU A 24 0.02 2.91 -9.90
CA LEU A 24 -1.31 2.39 -9.61
C LEU A 24 -2.24 3.51 -9.14
N ASP A 25 -3.51 3.44 -9.52
CA ASP A 25 -4.49 4.45 -9.13
C ASP A 25 -5.03 4.15 -7.73
N ILE A 26 -5.18 5.20 -6.93
CA ILE A 26 -5.69 5.05 -5.57
C ILE A 26 -6.96 5.88 -5.37
N LYS A 27 -7.52 5.81 -4.17
CA LYS A 27 -8.74 6.54 -3.85
C LYS A 27 -8.80 6.86 -2.35
N LYS A 28 -9.27 8.06 -2.02
CA LYS A 28 -9.40 8.48 -0.64
C LYS A 28 -10.02 7.37 0.22
N ASN A 29 -9.26 6.88 1.19
CA ASN A 29 -9.74 5.83 2.07
C ASN A 29 -9.72 4.48 1.37
N GLU A 30 -8.72 4.27 0.52
CA GLU A 30 -8.57 3.03 -0.22
C GLU A 30 -7.43 2.20 0.33
N ARG A 31 -7.75 1.00 0.82
CA ARG A 31 -6.73 0.11 1.38
C ARG A 31 -5.92 -0.55 0.28
N LEU A 32 -4.59 -0.55 0.44
CA LEU A 32 -3.70 -1.16 -0.55
C LEU A 32 -2.65 -2.03 0.14
N TRP A 33 -2.29 -3.13 -0.52
CA TRP A 33 -1.30 -4.04 0.02
C TRP A 33 0.11 -3.66 -0.45
N LEU A 34 1.04 -3.59 0.49
CA LEU A 34 2.42 -3.22 0.16
C LEU A 34 3.21 -4.47 -0.26
N LEU A 35 3.81 -4.40 -1.45
CA LEU A 35 4.59 -5.51 -1.97
C LEU A 35 6.08 -5.18 -1.93
N ASP A 36 6.46 -4.05 -2.52
CA ASP A 36 7.85 -3.63 -2.55
C ASP A 36 7.98 -2.16 -2.16
N ASP A 37 8.56 -1.93 -0.99
CA ASP A 37 8.75 -0.56 -0.48
C ASP A 37 10.23 -0.24 -0.32
N SER A 38 11.05 -0.79 -1.21
CA SER A 38 12.50 -0.56 -1.15
C SER A 38 12.89 0.60 -2.05
N LYS A 39 12.34 0.63 -3.26
CA LYS A 39 12.65 1.69 -4.21
C LYS A 39 11.92 2.98 -3.84
N SER A 40 12.48 4.11 -4.24
CA SER A 40 11.90 5.41 -3.94
C SER A 40 10.37 5.33 -3.95
N TRP A 41 9.82 4.72 -5.00
CA TRP A 41 8.38 4.57 -5.13
C TRP A 41 7.89 3.32 -4.41
N TRP A 42 6.91 3.48 -3.55
CA TRP A 42 6.35 2.35 -2.81
C TRP A 42 5.35 1.57 -3.65
N ARG A 43 5.72 0.34 -4.01
CA ARG A 43 4.86 -0.50 -4.83
C ARG A 43 3.76 -1.14 -3.98
N VAL A 44 2.51 -0.97 -4.41
CA VAL A 44 1.37 -1.52 -3.69
C VAL A 44 0.44 -2.28 -4.64
N ARG A 45 -0.54 -2.97 -4.06
CA ARG A 45 -1.48 -3.74 -4.86
C ARG A 45 -2.92 -3.30 -4.56
N ASN A 46 -3.81 -3.54 -5.51
CA ASN A 46 -5.21 -3.16 -5.37
C ASN A 46 -6.11 -4.39 -5.40
N SER A 47 -7.33 -4.24 -4.88
CA SER A 47 -8.29 -5.34 -4.85
C SER A 47 -8.51 -5.90 -6.24
N MET A 48 -8.21 -5.10 -7.26
CA MET A 48 -8.38 -5.52 -8.65
C MET A 48 -7.21 -6.39 -9.09
N ASN A 49 -6.34 -6.75 -8.15
CA ASN A 49 -5.18 -7.58 -8.44
C ASN A 49 -4.10 -6.76 -9.15
N LYS A 50 -4.43 -5.52 -9.47
CA LYS A 50 -3.48 -4.63 -10.16
C LYS A 50 -2.41 -4.15 -9.19
N THR A 51 -1.20 -3.97 -9.71
CA THR A 51 -0.08 -3.50 -8.90
C THR A 51 0.68 -2.39 -9.61
N GLY A 52 1.18 -1.43 -8.83
CA GLY A 52 1.94 -0.32 -9.40
C GLY A 52 2.80 0.38 -8.38
N PHE A 53 3.53 1.39 -8.83
CA PHE A 53 4.42 2.14 -7.94
C PHE A 53 3.77 3.45 -7.52
N VAL A 54 3.73 3.71 -6.22
CA VAL A 54 3.14 4.93 -5.69
C VAL A 54 3.95 5.48 -4.53
N PRO A 55 3.92 6.81 -4.35
CA PRO A 55 4.65 7.48 -3.27
C PRO A 55 4.06 7.19 -1.90
N SER A 56 4.85 7.41 -0.85
CA SER A 56 4.41 7.17 0.51
C SER A 56 3.83 8.44 1.13
N ASN A 57 3.23 9.28 0.29
CA ASN A 57 2.63 10.52 0.75
C ASN A 57 1.12 10.40 0.82
N TYR A 58 0.56 9.50 0.03
CA TYR A 58 -0.89 9.28 0.00
C TYR A 58 -1.27 8.02 0.75
N VAL A 59 -0.32 7.08 0.84
CA VAL A 59 -0.56 5.82 1.54
C VAL A 59 0.32 5.70 2.78
N GLU A 60 -0.06 4.82 3.68
CA GLU A 60 0.70 4.61 4.91
C GLU A 60 0.29 3.29 5.59
N ARG A 61 1.24 2.68 6.29
CA ARG A 61 0.99 1.42 6.97
C ARG A 61 -0.05 1.61 8.07
N LYS A 62 -0.99 0.66 8.17
CA LYS A 62 -2.03 0.71 9.18
C LYS A 62 -1.43 0.70 10.58
N ASN A 63 -0.96 -0.46 11.00
CA ASN A 63 -0.36 -0.62 12.32
C ASN A 63 -1.08 0.26 13.35
N SER A 64 -2.41 0.31 13.23
CA SER A 64 -3.22 1.12 14.14
C SER A 64 -3.51 0.35 15.44
N ALA A 65 -3.07 0.89 16.56
CA ALA A 65 -3.28 0.26 17.86
C ALA A 65 -4.48 0.87 18.57
N ARG A 66 -5.51 1.19 17.82
CA ARG A 66 -6.72 1.80 18.38
C ARG A 66 -7.93 0.87 18.20
N ALA A 67 -8.71 0.71 19.26
CA ALA A 67 -9.88 -0.15 19.22
C ALA A 67 -11.06 0.59 18.59
N ALA A 68 -11.12 1.90 18.80
CA ALA A 68 -12.20 2.71 18.25
C ALA A 68 -11.96 2.99 16.76
N ALA A 69 -10.83 3.61 16.45
CA ALA A 69 -10.49 3.94 15.07
C ALA A 69 -10.64 2.72 14.17
N ASN A 70 -11.69 2.74 13.34
CA ASN A 70 -11.94 1.63 12.42
C ASN A 70 -12.81 2.10 11.25
N SER A 71 -12.43 1.69 10.05
CA SER A 71 -13.16 2.06 8.84
C SER A 71 -13.72 3.47 8.97
N SER A 72 -12.94 4.46 8.53
CA SER A 72 -13.36 5.85 8.60
C SER A 72 -14.86 5.98 8.36
N GLY A 1 -10.92 -13.88 1.79
CA GLY A 1 -9.95 -13.07 2.51
C GLY A 1 -8.78 -13.89 3.04
N SER A 2 -9.09 -15.05 3.60
CA SER A 2 -8.07 -15.94 4.16
C SER A 2 -7.36 -15.27 5.33
N THR A 3 -6.41 -14.39 5.02
CA THR A 3 -5.66 -13.69 6.05
C THR A 3 -4.81 -14.65 6.88
N MET A 4 -3.50 -14.62 6.65
CA MET A 4 -2.57 -15.49 7.36
C MET A 4 -1.13 -15.09 7.10
N ALA A 5 -0.82 -14.79 5.84
CA ALA A 5 0.52 -14.39 5.44
C ALA A 5 0.93 -13.09 6.13
N GLU A 6 2.12 -13.08 6.71
CA GLU A 6 2.63 -11.89 7.39
C GLU A 6 3.12 -10.85 6.39
N GLU A 7 2.24 -9.93 6.02
CA GLU A 7 2.59 -8.88 5.07
C GLU A 7 2.26 -7.50 5.64
N VAL A 8 2.61 -6.46 4.87
CA VAL A 8 2.34 -5.09 5.30
C VAL A 8 1.24 -4.45 4.46
N VAL A 9 0.35 -3.72 5.12
CA VAL A 9 -0.76 -3.05 4.43
C VAL A 9 -0.74 -1.56 4.69
N VAL A 10 -1.02 -0.77 3.66
CA VAL A 10 -1.05 0.67 3.77
C VAL A 10 -2.40 1.24 3.34
N VAL A 11 -2.86 2.26 4.05
CA VAL A 11 -4.14 2.89 3.74
C VAL A 11 -3.93 4.27 3.12
N ALA A 12 -4.69 4.56 2.07
CA ALA A 12 -4.60 5.84 1.39
C ALA A 12 -5.44 6.90 2.08
N LYS A 13 -4.92 8.13 2.14
CA LYS A 13 -5.63 9.23 2.78
C LYS A 13 -6.30 10.12 1.74
N PHE A 14 -5.70 10.19 0.56
CA PHE A 14 -6.25 11.01 -0.53
C PHE A 14 -6.23 10.25 -1.84
N ASP A 15 -7.01 10.72 -2.80
CA ASP A 15 -7.09 10.08 -4.11
C ASP A 15 -5.94 10.54 -5.01
N TYR A 16 -5.35 9.61 -5.74
CA TYR A 16 -4.25 9.91 -6.63
C TYR A 16 -4.41 9.21 -7.97
N VAL A 17 -3.90 9.83 -9.03
CA VAL A 17 -4.00 9.27 -10.36
C VAL A 17 -2.62 8.84 -10.88
N ALA A 18 -2.41 7.52 -10.94
CA ALA A 18 -1.13 6.99 -11.41
C ALA A 18 -0.66 7.73 -12.65
N GLN A 19 0.12 8.78 -12.45
CA GLN A 19 0.65 9.57 -13.57
C GLN A 19 1.01 8.67 -14.75
N GLN A 20 2.07 7.90 -14.58
CA GLN A 20 2.53 7.00 -15.64
C GLN A 20 1.68 5.73 -15.68
N GLU A 21 1.46 5.21 -16.88
CA GLU A 21 0.66 4.00 -17.05
C GLU A 21 1.20 2.87 -16.19
N GLN A 22 2.47 2.97 -15.81
CA GLN A 22 3.11 1.95 -14.99
C GLN A 22 2.64 2.03 -13.55
N GLU A 23 2.42 3.26 -13.07
CA GLU A 23 1.97 3.49 -11.71
C GLU A 23 0.56 2.94 -11.50
N LEU A 24 0.20 2.68 -10.24
CA LEU A 24 -1.11 2.15 -9.92
C LEU A 24 -1.98 3.22 -9.24
N ASP A 25 -3.19 3.39 -9.75
CA ASP A 25 -4.12 4.38 -9.20
C ASP A 25 -4.54 3.99 -7.79
N ILE A 26 -4.85 4.99 -6.97
CA ILE A 26 -5.28 4.75 -5.59
C ILE A 26 -6.61 5.42 -5.30
N LYS A 27 -7.09 5.26 -4.08
CA LYS A 27 -8.36 5.87 -3.67
C LYS A 27 -8.34 6.22 -2.19
N LYS A 28 -8.98 7.33 -1.84
CA LYS A 28 -9.04 7.78 -0.45
C LYS A 28 -9.77 6.77 0.41
N ASN A 29 -9.22 6.49 1.60
CA ASN A 29 -9.83 5.55 2.52
C ASN A 29 -9.86 4.15 1.91
N GLU A 30 -8.87 3.84 1.08
CA GLU A 30 -8.79 2.53 0.44
C GLU A 30 -7.58 1.76 0.94
N ARG A 31 -7.83 0.63 1.61
CA ARG A 31 -6.75 -0.20 2.13
C ARG A 31 -6.07 -0.98 1.01
N LEU A 32 -4.78 -0.71 0.82
CA LEU A 32 -4.02 -1.39 -0.22
C LEU A 32 -3.00 -2.34 0.39
N TRP A 33 -2.46 -3.24 -0.43
CA TRP A 33 -1.47 -4.20 0.03
C TRP A 33 -0.07 -3.82 -0.44
N LEU A 34 0.86 -3.73 0.50
CA LEU A 34 2.23 -3.37 0.18
C LEU A 34 3.03 -4.59 -0.26
N LEU A 35 3.80 -4.43 -1.33
CA LEU A 35 4.61 -5.53 -1.85
C LEU A 35 6.09 -5.13 -1.90
N ASP A 36 6.34 -3.84 -2.04
CA ASP A 36 7.71 -3.32 -2.10
C ASP A 36 7.75 -1.86 -1.72
N ASP A 37 8.39 -1.57 -0.59
CA ASP A 37 8.51 -0.19 -0.10
C ASP A 37 9.97 0.23 -0.02
N SER A 38 10.87 -0.74 -0.18
CA SER A 38 12.30 -0.47 -0.12
C SER A 38 12.70 0.54 -1.20
N LYS A 39 12.20 0.34 -2.41
CA LYS A 39 12.51 1.22 -3.52
C LYS A 39 11.86 2.59 -3.34
N SER A 40 12.50 3.63 -3.86
CA SER A 40 11.98 4.98 -3.74
C SER A 40 10.46 4.99 -3.79
N TRP A 41 9.90 4.43 -4.85
CA TRP A 41 8.45 4.36 -5.02
C TRP A 41 7.88 3.13 -4.33
N TRP A 42 6.89 3.36 -3.45
CA TRP A 42 6.26 2.27 -2.72
C TRP A 42 5.27 1.52 -3.61
N ARG A 43 5.65 0.32 -4.03
CA ARG A 43 4.79 -0.49 -4.88
C ARG A 43 3.70 -1.18 -4.07
N VAL A 44 2.44 -0.83 -4.33
CA VAL A 44 1.32 -1.41 -3.63
C VAL A 44 0.37 -2.14 -4.59
N ARG A 45 -0.60 -2.85 -4.03
CA ARG A 45 -1.56 -3.59 -4.84
C ARG A 45 -2.97 -3.05 -4.63
N ASN A 46 -3.83 -3.26 -5.62
CA ASN A 46 -5.21 -2.78 -5.55
C ASN A 46 -6.18 -3.96 -5.61
N SER A 47 -7.40 -3.73 -5.13
CA SER A 47 -8.43 -4.76 -5.12
C SER A 47 -8.63 -5.34 -6.53
N MET A 48 -8.29 -4.55 -7.53
CA MET A 48 -8.42 -4.99 -8.92
C MET A 48 -7.26 -5.88 -9.34
N ASN A 49 -6.45 -6.28 -8.35
CA ASN A 49 -5.31 -7.14 -8.61
C ASN A 49 -4.17 -6.35 -9.26
N LYS A 50 -4.44 -5.09 -9.58
CA LYS A 50 -3.45 -4.23 -10.21
C LYS A 50 -2.40 -3.77 -9.20
N THR A 51 -1.15 -3.71 -9.63
CA THR A 51 -0.06 -3.29 -8.76
C THR A 51 0.85 -2.29 -9.46
N GLY A 52 0.96 -1.09 -8.90
CA GLY A 52 1.80 -0.07 -9.48
C GLY A 52 2.61 0.68 -8.44
N PHE A 53 3.62 1.43 -8.90
CA PHE A 53 4.48 2.19 -7.99
C PHE A 53 3.81 3.51 -7.60
N VAL A 54 3.70 3.74 -6.30
CA VAL A 54 3.08 4.97 -5.80
C VAL A 54 3.91 5.57 -4.67
N PRO A 55 3.83 6.90 -4.53
CA PRO A 55 4.57 7.63 -3.48
C PRO A 55 4.03 7.35 -2.09
N SER A 56 4.88 7.52 -1.08
CA SER A 56 4.48 7.29 0.30
C SER A 56 3.89 8.54 0.92
N ASN A 57 3.22 9.34 0.10
CA ASN A 57 2.60 10.58 0.56
C ASN A 57 1.08 10.42 0.67
N TYR A 58 0.52 9.61 -0.22
CA TYR A 58 -0.93 9.37 -0.22
C TYR A 58 -1.28 8.12 0.58
N VAL A 59 -0.34 7.17 0.62
CA VAL A 59 -0.55 5.93 1.34
C VAL A 59 0.36 5.84 2.56
N GLU A 60 0.03 4.95 3.48
CA GLU A 60 0.82 4.76 4.70
C GLU A 60 0.47 3.45 5.38
N ARG A 61 1.49 2.80 5.95
CA ARG A 61 1.28 1.53 6.64
C ARG A 61 0.22 1.67 7.73
N LYS A 62 -0.58 0.63 7.92
CA LYS A 62 -1.62 0.62 8.93
C LYS A 62 -1.05 0.98 10.30
N ASN A 63 -1.71 1.90 10.99
CA ASN A 63 -1.27 2.33 12.32
C ASN A 63 -2.18 1.74 13.41
N SER A 64 -2.68 0.53 13.17
CA SER A 64 -3.55 -0.12 14.12
C SER A 64 -2.75 -0.92 15.15
N ALA A 65 -2.31 -0.23 16.19
CA ALA A 65 -1.51 -0.87 17.24
C ALA A 65 -2.26 -0.86 18.57
N ARG A 66 -1.53 -0.94 19.67
CA ARG A 66 -2.13 -0.95 21.00
C ARG A 66 -3.09 0.21 21.17
N ALA A 67 -4.21 -0.04 21.85
CA ALA A 67 -5.21 0.99 22.07
C ALA A 67 -4.60 2.23 22.70
N ALA A 68 -3.87 2.04 23.80
CA ALA A 68 -3.22 3.15 24.49
C ALA A 68 -2.25 3.88 23.57
N ALA A 69 -1.32 3.13 22.97
CA ALA A 69 -0.34 3.69 22.06
C ALA A 69 -1.01 4.33 20.85
N ASN A 70 -0.45 5.44 20.39
CA ASN A 70 -0.99 6.14 19.23
C ASN A 70 -2.43 6.60 19.49
N SER A 71 -2.65 7.90 19.46
CA SER A 71 -3.98 8.46 19.69
C SER A 71 -3.95 9.98 19.62
N SER A 72 -5.13 10.59 19.49
CA SER A 72 -5.23 12.04 19.40
C SER A 72 -4.53 12.56 18.16
N GLY A 1 -1.13 -21.97 -2.11
CA GLY A 1 0.14 -21.66 -1.48
C GLY A 1 0.09 -21.79 0.03
N SER A 2 1.27 -21.75 0.66
CA SER A 2 1.35 -21.87 2.11
C SER A 2 2.72 -21.39 2.62
N THR A 3 2.88 -20.08 2.67
CA THR A 3 4.14 -19.49 3.13
C THR A 3 3.95 -18.75 4.46
N MET A 4 5.04 -18.18 4.97
CA MET A 4 4.98 -17.44 6.23
C MET A 4 4.21 -16.14 6.06
N ALA A 5 3.63 -15.66 7.15
CA ALA A 5 2.85 -14.42 7.13
C ALA A 5 3.77 -13.20 7.13
N GLU A 6 4.11 -12.72 5.94
CA GLU A 6 4.99 -11.56 5.81
C GLU A 6 4.48 -10.61 4.72
N GLU A 7 3.51 -9.77 5.09
CA GLU A 7 2.93 -8.83 4.14
C GLU A 7 2.62 -7.50 4.83
N VAL A 8 2.55 -6.43 4.04
CA VAL A 8 2.25 -5.11 4.57
C VAL A 8 1.09 -4.46 3.83
N VAL A 9 0.24 -3.75 4.57
CA VAL A 9 -0.92 -3.08 3.98
C VAL A 9 -0.96 -1.61 4.37
N VAL A 10 -1.27 -0.76 3.40
CA VAL A 10 -1.35 0.68 3.65
C VAL A 10 -2.70 1.23 3.23
N VAL A 11 -3.17 2.26 3.95
CA VAL A 11 -4.45 2.88 3.66
C VAL A 11 -4.27 4.30 3.15
N ALA A 12 -4.59 4.52 1.87
CA ALA A 12 -4.47 5.83 1.26
C ALA A 12 -5.29 6.86 2.02
N LYS A 13 -4.63 7.95 2.44
CA LYS A 13 -5.29 9.01 3.18
C LYS A 13 -5.75 10.12 2.24
N PHE A 14 -5.38 10.00 0.97
CA PHE A 14 -5.76 11.00 -0.03
C PHE A 14 -6.04 10.33 -1.38
N ASP A 15 -6.19 11.14 -2.42
CA ASP A 15 -6.46 10.63 -3.75
C ASP A 15 -5.30 10.93 -4.70
N TYR A 16 -4.98 9.96 -5.55
CA TYR A 16 -3.89 10.11 -6.50
C TYR A 16 -4.16 9.32 -7.77
N VAL A 17 -3.65 9.82 -8.89
CA VAL A 17 -3.83 9.16 -10.18
C VAL A 17 -2.52 8.60 -10.71
N ALA A 18 -2.50 7.30 -10.96
CA ALA A 18 -1.30 6.64 -11.47
C ALA A 18 -0.83 7.29 -12.76
N GLN A 19 -0.11 8.40 -12.63
CA GLN A 19 0.41 9.12 -13.79
C GLN A 19 0.82 8.16 -14.90
N GLN A 20 1.85 7.36 -14.62
CA GLN A 20 2.35 6.39 -15.59
C GLN A 20 1.49 5.14 -15.59
N GLU A 21 1.41 4.48 -16.75
CA GLU A 21 0.62 3.27 -16.88
C GLU A 21 1.10 2.18 -15.92
N GLN A 22 2.38 2.26 -15.55
CA GLN A 22 2.98 1.29 -14.64
C GLN A 22 2.47 1.49 -13.22
N GLU A 23 2.27 2.75 -12.85
CA GLU A 23 1.79 3.09 -11.51
C GLU A 23 0.33 2.67 -11.34
N LEU A 24 -0.12 2.58 -10.10
CA LEU A 24 -1.50 2.20 -9.80
C LEU A 24 -2.31 3.40 -9.31
N ASP A 25 -3.61 3.36 -9.53
CA ASP A 25 -4.50 4.44 -9.11
C ASP A 25 -4.99 4.20 -7.68
N ILE A 26 -5.03 5.27 -6.89
CA ILE A 26 -5.48 5.17 -5.50
C ILE A 26 -6.71 6.04 -5.27
N LYS A 27 -7.24 5.99 -4.05
CA LYS A 27 -8.42 6.77 -3.71
C LYS A 27 -8.43 7.10 -2.21
N LYS A 28 -8.86 8.31 -1.88
CA LYS A 28 -8.92 8.76 -0.50
C LYS A 28 -9.63 7.72 0.37
N ASN A 29 -8.89 7.14 1.30
CA ASN A 29 -9.44 6.13 2.21
C ASN A 29 -9.55 4.78 1.52
N GLU A 30 -8.49 4.40 0.81
CA GLU A 30 -8.46 3.12 0.09
C GLU A 30 -7.42 2.19 0.69
N ARG A 31 -7.87 1.00 1.09
CA ARG A 31 -6.98 0.01 1.68
C ARG A 31 -6.32 -0.84 0.60
N LEU A 32 -5.00 -0.69 0.46
CA LEU A 32 -4.25 -1.44 -0.53
C LEU A 32 -3.24 -2.37 0.14
N TRP A 33 -2.63 -3.24 -0.66
CA TRP A 33 -1.63 -4.18 -0.14
C TRP A 33 -0.23 -3.78 -0.57
N LEU A 34 0.62 -3.46 0.41
CA LEU A 34 2.00 -3.06 0.12
C LEU A 34 2.86 -4.28 -0.23
N LEU A 35 3.61 -4.17 -1.31
CA LEU A 35 4.47 -5.26 -1.76
C LEU A 35 5.95 -4.87 -1.61
N ASP A 36 6.27 -3.63 -1.95
CA ASP A 36 7.63 -3.14 -1.86
C ASP A 36 7.66 -1.67 -1.42
N ASP A 37 8.13 -1.44 -0.20
CA ASP A 37 8.20 -0.09 0.34
C ASP A 37 9.65 0.31 0.63
N SER A 38 10.56 -0.14 -0.22
CA SER A 38 11.98 0.16 -0.05
C SER A 38 12.44 1.21 -1.05
N LYS A 39 12.03 1.05 -2.30
CA LYS A 39 12.40 1.99 -3.36
C LYS A 39 11.66 3.31 -3.20
N SER A 40 12.24 4.38 -3.72
CA SER A 40 11.63 5.70 -3.64
C SER A 40 10.11 5.60 -3.71
N TRP A 41 9.61 4.91 -4.72
CA TRP A 41 8.18 4.74 -4.90
C TRP A 41 7.69 3.48 -4.19
N TRP A 42 6.66 3.62 -3.37
CA TRP A 42 6.10 2.50 -2.64
C TRP A 42 5.16 1.68 -3.53
N ARG A 43 5.60 0.49 -3.90
CA ARG A 43 4.80 -0.39 -4.75
C ARG A 43 3.71 -1.09 -3.94
N VAL A 44 2.47 -0.96 -4.39
CA VAL A 44 1.34 -1.58 -3.71
C VAL A 44 0.45 -2.34 -4.70
N ARG A 45 -0.57 -3.02 -4.17
CA ARG A 45 -1.49 -3.78 -5.00
C ARG A 45 -2.93 -3.30 -4.80
N ASN A 46 -3.78 -3.58 -5.78
CA ASN A 46 -5.18 -3.18 -5.72
C ASN A 46 -6.10 -4.39 -5.72
N SER A 47 -7.35 -4.19 -5.32
CA SER A 47 -8.32 -5.27 -5.28
C SER A 47 -8.48 -5.92 -6.65
N MET A 48 -8.13 -5.16 -7.70
CA MET A 48 -8.23 -5.66 -9.06
C MET A 48 -7.07 -6.60 -9.38
N ASN A 49 -6.28 -6.92 -8.37
CA ASN A 49 -5.14 -7.81 -8.56
C ASN A 49 -4.00 -7.09 -9.26
N LYS A 50 -4.25 -5.85 -9.66
CA LYS A 50 -3.25 -5.04 -10.35
C LYS A 50 -2.22 -4.49 -9.37
N THR A 51 -1.09 -4.03 -9.89
CA THR A 51 -0.03 -3.48 -9.06
C THR A 51 0.58 -2.24 -9.70
N GLY A 52 1.16 -1.37 -8.87
CA GLY A 52 1.76 -0.16 -9.38
C GLY A 52 2.55 0.59 -8.32
N PHE A 53 3.46 1.45 -8.75
CA PHE A 53 4.28 2.23 -7.82
C PHE A 53 3.57 3.52 -7.42
N VAL A 54 3.66 3.86 -6.14
CA VAL A 54 3.03 5.07 -5.63
C VAL A 54 3.83 5.66 -4.48
N PRO A 55 3.76 7.00 -4.32
CA PRO A 55 4.48 7.71 -3.26
C PRO A 55 3.89 7.42 -1.89
N SER A 56 4.77 7.29 -0.89
CA SER A 56 4.35 7.01 0.48
C SER A 56 3.70 8.24 1.10
N ASN A 57 3.77 9.37 0.39
CA ASN A 57 3.18 10.61 0.88
C ASN A 57 1.66 10.59 0.75
N TYR A 58 1.15 9.57 0.05
CA TYR A 58 -0.29 9.43 -0.16
C TYR A 58 -0.85 8.29 0.68
N VAL A 59 -0.03 7.26 0.87
CA VAL A 59 -0.45 6.10 1.66
C VAL A 59 0.29 6.04 2.99
N GLU A 60 0.02 4.99 3.77
CA GLU A 60 0.66 4.82 5.06
C GLU A 60 0.50 3.40 5.57
N ARG A 61 1.57 2.84 6.11
CA ARG A 61 1.55 1.47 6.64
C ARG A 61 0.39 1.29 7.62
N LYS A 62 -0.21 0.11 7.61
CA LYS A 62 -1.33 -0.20 8.49
C LYS A 62 -0.89 -1.14 9.61
N ASN A 63 -1.55 -1.05 10.76
CA ASN A 63 -1.23 -1.90 11.90
C ASN A 63 -2.20 -3.07 12.00
N SER A 64 -2.69 -3.53 10.85
CA SER A 64 -3.63 -4.64 10.80
C SER A 64 -2.93 -5.95 11.17
N ALA A 65 -1.78 -6.20 10.55
CA ALA A 65 -1.03 -7.41 10.82
C ALA A 65 -0.18 -7.27 12.08
N ARG A 66 -0.74 -7.68 13.21
CA ARG A 66 -0.02 -7.59 14.49
C ARG A 66 0.65 -8.91 14.82
N ALA A 67 1.62 -8.87 15.72
CA ALA A 67 2.34 -10.06 16.14
C ALA A 67 1.38 -11.15 16.59
N ALA A 68 0.45 -10.80 17.47
CA ALA A 68 -0.53 -11.75 17.98
C ALA A 68 -1.75 -11.81 17.07
N ALA A 69 -1.51 -11.70 15.76
CA ALA A 69 -2.59 -11.76 14.78
C ALA A 69 -2.64 -13.12 14.10
N ASN A 70 -1.47 -13.60 13.67
CA ASN A 70 -1.38 -14.89 12.99
C ASN A 70 -0.03 -15.54 13.24
N SER A 71 1.03 -14.75 13.16
CA SER A 71 2.38 -15.26 13.38
C SER A 71 2.45 -16.06 14.67
N SER A 72 3.43 -16.97 14.73
CA SER A 72 3.61 -17.83 15.91
C SER A 72 3.94 -16.98 17.13
N GLY A 1 -3.83 -17.78 6.65
CA GLY A 1 -2.64 -16.98 6.86
C GLY A 1 -1.40 -17.81 7.11
N SER A 2 -0.35 -17.56 6.35
CA SER A 2 0.90 -18.30 6.49
C SER A 2 2.09 -17.34 6.63
N THR A 3 2.27 -16.49 5.63
CA THR A 3 3.36 -15.52 5.64
C THR A 3 4.71 -16.23 5.61
N MET A 4 5.75 -15.52 5.18
CA MET A 4 7.09 -16.07 5.10
C MET A 4 8.11 -15.00 4.71
N ALA A 5 7.78 -14.24 3.68
CA ALA A 5 8.67 -13.18 3.21
C ALA A 5 8.38 -11.87 3.95
N GLU A 6 7.24 -11.26 3.63
CA GLU A 6 6.86 -10.00 4.25
C GLU A 6 5.44 -9.59 3.86
N GLU A 7 4.63 -9.22 4.86
CA GLU A 7 3.25 -8.83 4.61
C GLU A 7 2.95 -7.50 5.30
N VAL A 8 2.75 -6.45 4.49
CA VAL A 8 2.45 -5.13 5.03
C VAL A 8 1.26 -4.51 4.30
N VAL A 9 0.46 -3.75 5.03
CA VAL A 9 -0.72 -3.09 4.46
C VAL A 9 -0.72 -1.61 4.78
N VAL A 10 -1.13 -0.80 3.80
CA VAL A 10 -1.19 0.65 3.97
C VAL A 10 -2.54 1.20 3.52
N VAL A 11 -2.95 2.31 4.13
CA VAL A 11 -4.22 2.93 3.80
C VAL A 11 -4.00 4.30 3.14
N ALA A 12 -4.82 4.61 2.14
CA ALA A 12 -4.71 5.88 1.44
C ALA A 12 -5.57 6.95 2.10
N LYS A 13 -5.05 8.17 2.15
CA LYS A 13 -5.77 9.28 2.77
C LYS A 13 -6.34 10.21 1.70
N PHE A 14 -5.68 10.24 0.54
CA PHE A 14 -6.13 11.10 -0.56
C PHE A 14 -6.13 10.32 -1.87
N ASP A 15 -6.87 10.83 -2.85
CA ASP A 15 -6.96 10.19 -4.16
C ASP A 15 -5.78 10.57 -5.04
N TYR A 16 -5.18 9.58 -5.68
CA TYR A 16 -4.04 9.82 -6.56
C TYR A 16 -4.26 9.18 -7.93
N VAL A 17 -3.68 9.80 -8.95
CA VAL A 17 -3.81 9.30 -10.32
C VAL A 17 -2.47 8.81 -10.85
N ALA A 18 -2.33 7.50 -10.98
CA ALA A 18 -1.09 6.90 -11.49
C ALA A 18 -0.54 7.71 -12.67
N GLN A 19 0.32 8.68 -12.37
CA GLN A 19 0.91 9.51 -13.41
C GLN A 19 1.15 8.70 -14.69
N GLN A 20 2.07 7.75 -14.60
CA GLN A 20 2.41 6.91 -15.75
C GLN A 20 1.48 5.69 -15.82
N GLU A 21 1.19 5.25 -17.03
CA GLU A 21 0.33 4.09 -17.23
C GLU A 21 0.87 2.86 -16.50
N GLN A 22 2.14 2.93 -16.11
CA GLN A 22 2.78 1.83 -15.40
C GLN A 22 2.43 1.86 -13.92
N GLU A 23 2.18 3.06 -13.39
CA GLU A 23 1.82 3.22 -11.99
C GLU A 23 0.42 2.67 -11.71
N LEU A 24 0.10 2.51 -10.43
CA LEU A 24 -1.21 2.00 -10.03
C LEU A 24 -2.05 3.09 -9.39
N ASP A 25 -3.27 3.26 -9.87
CA ASP A 25 -4.18 4.27 -9.34
C ASP A 25 -4.67 3.88 -7.95
N ILE A 26 -4.93 4.89 -7.12
CA ILE A 26 -5.40 4.65 -5.76
C ILE A 26 -6.68 5.43 -5.48
N LYS A 27 -7.21 5.28 -4.27
CA LYS A 27 -8.43 5.97 -3.87
C LYS A 27 -8.38 6.36 -2.40
N LYS A 28 -8.87 7.55 -2.08
CA LYS A 28 -8.89 8.03 -0.70
C LYS A 28 -9.58 7.03 0.22
N ASN A 29 -9.00 6.82 1.40
CA ASN A 29 -9.56 5.89 2.38
C ASN A 29 -9.67 4.48 1.78
N GLU A 30 -8.71 4.14 0.91
CA GLU A 30 -8.70 2.82 0.28
C GLU A 30 -7.52 2.00 0.77
N ARG A 31 -7.83 0.93 1.52
CA ARG A 31 -6.79 0.06 2.05
C ARG A 31 -6.13 -0.74 0.93
N LEU A 32 -4.81 -0.57 0.80
CA LEU A 32 -4.05 -1.28 -0.23
C LEU A 32 -3.08 -2.28 0.40
N TRP A 33 -2.51 -3.14 -0.44
CA TRP A 33 -1.56 -4.14 0.03
C TRP A 33 -0.14 -3.80 -0.42
N LEU A 34 0.71 -3.45 0.54
CA LEU A 34 2.09 -3.10 0.25
C LEU A 34 2.92 -4.34 -0.04
N LEU A 35 3.58 -4.35 -1.19
CA LEU A 35 4.41 -5.49 -1.59
C LEU A 35 5.90 -5.14 -1.48
N ASP A 36 6.29 -4.05 -2.14
CA ASP A 36 7.68 -3.60 -2.11
C ASP A 36 7.78 -2.18 -1.59
N ASP A 37 8.36 -2.03 -0.40
CA ASP A 37 8.52 -0.72 0.22
C ASP A 37 10.00 -0.39 0.42
N SER A 38 10.84 -0.87 -0.50
CA SER A 38 12.28 -0.64 -0.42
C SER A 38 12.70 0.48 -1.36
N LYS A 39 12.19 0.44 -2.59
CA LYS A 39 12.51 1.44 -3.58
C LYS A 39 11.81 2.76 -3.28
N SER A 40 12.42 3.86 -3.67
CA SER A 40 11.86 5.18 -3.44
C SER A 40 10.34 5.14 -3.53
N TRP A 41 9.83 4.56 -4.61
CA TRP A 41 8.39 4.46 -4.82
C TRP A 41 7.82 3.23 -4.10
N TRP A 42 6.80 3.45 -3.29
CA TRP A 42 6.17 2.37 -2.55
C TRP A 42 5.22 1.58 -3.44
N ARG A 43 5.62 0.37 -3.81
CA ARG A 43 4.80 -0.49 -4.66
C ARG A 43 3.70 -1.16 -3.85
N VAL A 44 2.45 -0.86 -4.19
CA VAL A 44 1.32 -1.44 -3.50
C VAL A 44 0.38 -2.14 -4.48
N ARG A 45 -0.57 -2.91 -3.94
CA ARG A 45 -1.53 -3.63 -4.77
C ARG A 45 -2.94 -3.09 -4.56
N ASN A 46 -3.80 -3.29 -5.54
CA ASN A 46 -5.18 -2.83 -5.47
C ASN A 46 -6.15 -4.00 -5.53
N SER A 47 -7.41 -3.75 -5.14
CA SER A 47 -8.43 -4.78 -5.14
C SER A 47 -8.63 -5.34 -6.55
N MET A 48 -8.25 -4.57 -7.55
CA MET A 48 -8.38 -4.98 -8.93
C MET A 48 -7.22 -5.89 -9.36
N ASN A 49 -6.42 -6.30 -8.37
CA ASN A 49 -5.28 -7.18 -8.64
C ASN A 49 -4.14 -6.40 -9.28
N LYS A 50 -4.40 -5.13 -9.59
CA LYS A 50 -3.40 -4.27 -10.20
C LYS A 50 -2.36 -3.81 -9.18
N THR A 51 -1.11 -3.75 -9.59
CA THR A 51 -0.03 -3.33 -8.71
C THR A 51 0.88 -2.31 -9.40
N GLY A 52 0.98 -1.13 -8.82
CA GLY A 52 1.81 -0.08 -9.39
C GLY A 52 2.60 0.68 -8.33
N PHE A 53 3.61 1.42 -8.76
CA PHE A 53 4.44 2.19 -7.84
C PHE A 53 3.76 3.50 -7.47
N VAL A 54 3.74 3.81 -6.17
CA VAL A 54 3.12 5.03 -5.69
C VAL A 54 3.89 5.61 -4.51
N PRO A 55 3.83 6.94 -4.36
CA PRO A 55 4.53 7.64 -3.28
C PRO A 55 3.91 7.36 -1.91
N SER A 56 4.71 7.50 -0.86
CA SER A 56 4.24 7.25 0.49
C SER A 56 3.60 8.51 1.08
N ASN A 57 3.08 9.36 0.20
CA ASN A 57 2.44 10.60 0.64
C ASN A 57 0.93 10.43 0.71
N TYR A 58 0.39 9.53 -0.10
CA TYR A 58 -1.04 9.26 -0.13
C TYR A 58 -1.39 8.05 0.73
N VAL A 59 -0.49 7.07 0.72
CA VAL A 59 -0.70 5.84 1.49
C VAL A 59 0.30 5.73 2.63
N GLU A 60 0.02 4.85 3.59
CA GLU A 60 0.91 4.65 4.72
C GLU A 60 0.56 3.36 5.46
N ARG A 61 1.59 2.71 6.01
CA ARG A 61 1.40 1.46 6.73
C ARG A 61 0.30 1.59 7.78
N LYS A 62 -0.47 0.52 7.97
CA LYS A 62 -1.55 0.52 8.93
C LYS A 62 -1.04 0.19 10.33
N ASN A 63 -1.69 0.76 11.35
CA ASN A 63 -1.30 0.52 12.73
C ASN A 63 -2.47 0.02 13.56
N SER A 64 -3.21 -0.94 13.01
CA SER A 64 -4.38 -1.50 13.69
C SER A 64 -3.97 -2.11 15.03
N ALA A 65 -2.94 -2.94 15.01
CA ALA A 65 -2.45 -3.59 16.22
C ALA A 65 -1.05 -3.11 16.57
N ARG A 66 -0.27 -3.98 17.20
CA ARG A 66 1.09 -3.64 17.60
C ARG A 66 1.99 -3.45 16.38
N ALA A 67 2.87 -2.46 16.45
CA ALA A 67 3.78 -2.18 15.34
C ALA A 67 5.09 -2.97 15.50
N ALA A 68 5.32 -3.47 16.70
CA ALA A 68 6.53 -4.24 16.98
C ALA A 68 6.23 -5.74 17.02
N ALA A 69 5.17 -6.15 16.32
CA ALA A 69 4.78 -7.55 16.28
C ALA A 69 5.87 -8.41 15.66
N ASN A 70 6.84 -8.80 16.49
CA ASN A 70 7.95 -9.63 16.03
C ASN A 70 7.98 -10.97 16.77
N SER A 71 8.20 -12.04 16.04
CA SER A 71 8.25 -13.38 16.63
C SER A 71 9.64 -13.66 17.19
N SER A 72 9.72 -14.71 18.01
CA SER A 72 11.00 -15.09 18.62
C SER A 72 11.59 -13.92 19.40
N GLY A 1 -5.75 -13.80 1.00
CA GLY A 1 -4.44 -13.84 1.62
C GLY A 1 -3.39 -14.48 0.74
N SER A 2 -3.21 -13.93 -0.45
CA SER A 2 -2.22 -14.47 -1.39
C SER A 2 -0.81 -14.04 -1.00
N THR A 3 -0.64 -12.77 -0.67
CA THR A 3 0.65 -12.25 -0.27
C THR A 3 1.22 -13.01 0.91
N MET A 4 2.51 -13.31 0.85
CA MET A 4 3.18 -14.04 1.92
C MET A 4 4.39 -13.28 2.44
N ALA A 5 5.36 -13.05 1.56
CA ALA A 5 6.57 -12.32 1.93
C ALA A 5 6.23 -10.93 2.46
N GLU A 6 6.79 -10.59 3.61
CA GLU A 6 6.55 -9.29 4.23
C GLU A 6 5.10 -8.84 3.99
N GLU A 7 4.20 -9.27 4.86
CA GLU A 7 2.79 -8.91 4.74
C GLU A 7 2.54 -7.54 5.34
N VAL A 8 2.48 -6.53 4.49
CA VAL A 8 2.24 -5.16 4.93
C VAL A 8 1.12 -4.51 4.12
N VAL A 9 0.30 -3.70 4.79
CA VAL A 9 -0.81 -3.03 4.14
C VAL A 9 -0.80 -1.53 4.45
N VAL A 10 -1.14 -0.72 3.46
CA VAL A 10 -1.17 0.73 3.62
C VAL A 10 -2.54 1.29 3.30
N VAL A 11 -2.83 2.48 3.81
CA VAL A 11 -4.11 3.15 3.56
C VAL A 11 -3.92 4.52 2.94
N ALA A 12 -4.70 4.81 1.91
CA ALA A 12 -4.62 6.10 1.24
C ALA A 12 -5.44 7.16 1.96
N LYS A 13 -4.77 8.23 2.38
CA LYS A 13 -5.44 9.31 3.08
C LYS A 13 -6.10 10.28 2.11
N PHE A 14 -5.72 10.17 0.84
CA PHE A 14 -6.27 11.04 -0.19
C PHE A 14 -6.43 10.28 -1.51
N ASP A 15 -6.82 11.00 -2.56
CA ASP A 15 -7.01 10.40 -3.88
C ASP A 15 -5.87 10.77 -4.81
N TYR A 16 -5.39 9.78 -5.58
CA TYR A 16 -4.30 10.02 -6.51
C TYR A 16 -4.52 9.22 -7.81
N VAL A 17 -4.03 9.77 -8.91
CA VAL A 17 -4.17 9.11 -10.21
C VAL A 17 -2.81 8.65 -10.74
N ALA A 18 -2.63 7.34 -10.81
CA ALA A 18 -1.39 6.77 -11.29
C ALA A 18 -0.99 7.38 -12.63
N GLN A 19 -0.29 8.50 -12.58
CA GLN A 19 0.15 9.18 -13.80
C GLN A 19 0.69 8.19 -14.81
N GLN A 20 1.78 7.52 -14.46
CA GLN A 20 2.40 6.54 -15.34
C GLN A 20 1.62 5.23 -15.33
N GLU A 21 1.57 4.57 -16.49
CA GLU A 21 0.85 3.31 -16.61
C GLU A 21 1.45 2.24 -15.69
N GLN A 22 2.61 2.55 -15.13
CA GLN A 22 3.30 1.62 -14.23
C GLN A 22 2.84 1.84 -12.79
N GLU A 23 2.33 3.04 -12.51
CA GLU A 23 1.87 3.38 -11.17
C GLU A 23 0.51 2.75 -10.89
N LEU A 24 0.10 2.77 -9.63
CA LEU A 24 -1.19 2.21 -9.24
C LEU A 24 -2.12 3.30 -8.69
N ASP A 25 -3.32 3.39 -9.27
CA ASP A 25 -4.29 4.39 -8.84
C ASP A 25 -4.79 4.08 -7.43
N ILE A 26 -4.96 5.13 -6.63
CA ILE A 26 -5.44 4.97 -5.26
C ILE A 26 -6.76 5.69 -5.05
N LYS A 27 -7.31 5.59 -3.85
CA LYS A 27 -8.57 6.23 -3.52
C LYS A 27 -8.65 6.55 -2.03
N LYS A 28 -9.21 7.71 -1.71
CA LYS A 28 -9.35 8.14 -0.32
C LYS A 28 -10.00 7.05 0.52
N ASN A 29 -9.35 6.67 1.61
CA ASN A 29 -9.87 5.65 2.50
C ASN A 29 -9.82 4.27 1.83
N GLU A 30 -8.80 4.06 1.00
CA GLU A 30 -8.63 2.80 0.30
C GLU A 30 -7.37 2.08 0.77
N ARG A 31 -7.55 0.97 1.47
CA ARG A 31 -6.44 0.19 1.99
C ARG A 31 -5.83 -0.68 0.88
N LEU A 32 -4.57 -0.42 0.55
CA LEU A 32 -3.88 -1.19 -0.48
C LEU A 32 -2.95 -2.23 0.14
N TRP A 33 -2.50 -3.17 -0.68
CA TRP A 33 -1.60 -4.22 -0.22
C TRP A 33 -0.17 -3.92 -0.61
N LEU A 34 0.66 -3.55 0.36
CA LEU A 34 2.06 -3.24 0.11
C LEU A 34 2.86 -4.50 -0.19
N LEU A 35 3.61 -4.47 -1.28
CA LEU A 35 4.43 -5.62 -1.68
C LEU A 35 5.91 -5.29 -1.57
N ASP A 36 6.26 -4.02 -1.76
CA ASP A 36 7.64 -3.58 -1.67
C ASP A 36 7.72 -2.09 -1.35
N ASP A 37 8.19 -1.77 -0.14
CA ASP A 37 8.31 -0.38 0.29
C ASP A 37 9.76 -0.04 0.58
N SER A 38 10.66 -0.47 -0.29
CA SER A 38 12.09 -0.21 -0.12
C SER A 38 12.56 0.86 -1.10
N LYS A 39 12.15 0.73 -2.35
CA LYS A 39 12.53 1.70 -3.39
C LYS A 39 11.78 3.00 -3.22
N SER A 40 12.36 4.09 -3.72
CA SER A 40 11.74 5.41 -3.63
C SER A 40 10.22 5.30 -3.72
N TRP A 41 9.74 4.69 -4.80
CA TRP A 41 8.30 4.52 -5.01
C TRP A 41 7.79 3.27 -4.30
N TRP A 42 6.82 3.45 -3.43
CA TRP A 42 6.24 2.33 -2.68
C TRP A 42 5.34 1.49 -3.59
N ARG A 43 5.81 0.28 -3.90
CA ARG A 43 5.05 -0.63 -4.76
C ARG A 43 3.93 -1.32 -3.96
N VAL A 44 2.70 -1.07 -4.36
CA VAL A 44 1.54 -1.65 -3.69
C VAL A 44 0.60 -2.31 -4.70
N ARG A 45 -0.38 -3.04 -4.19
CA ARG A 45 -1.35 -3.72 -5.04
C ARG A 45 -2.73 -3.08 -4.91
N ASN A 46 -3.58 -3.30 -5.91
CA ASN A 46 -4.92 -2.74 -5.92
C ASN A 46 -5.97 -3.85 -5.90
N SER A 47 -7.20 -3.49 -5.56
CA SER A 47 -8.29 -4.46 -5.50
C SER A 47 -8.53 -5.10 -6.88
N MET A 48 -8.15 -4.37 -7.93
CA MET A 48 -8.30 -4.86 -9.29
C MET A 48 -7.22 -5.88 -9.64
N ASN A 49 -6.46 -6.30 -8.63
CA ASN A 49 -5.38 -7.26 -8.82
C ASN A 49 -4.19 -6.60 -9.51
N LYS A 50 -4.35 -5.34 -9.89
CA LYS A 50 -3.28 -4.59 -10.54
C LYS A 50 -2.27 -4.06 -9.53
N THR A 51 -0.99 -4.09 -9.90
CA THR A 51 0.06 -3.62 -9.01
C THR A 51 0.91 -2.55 -9.69
N GLY A 52 0.92 -1.35 -9.11
CA GLY A 52 1.70 -0.27 -9.69
C GLY A 52 2.52 0.47 -8.65
N PHE A 53 3.47 1.27 -9.11
CA PHE A 53 4.32 2.03 -8.20
C PHE A 53 3.66 3.35 -7.81
N VAL A 54 3.64 3.63 -6.51
CA VAL A 54 3.04 4.85 -6.00
C VAL A 54 3.86 5.45 -4.86
N PRO A 55 3.81 6.78 -4.71
CA PRO A 55 4.54 7.49 -3.67
C PRO A 55 3.99 7.21 -2.27
N SER A 56 4.84 7.38 -1.26
CA SER A 56 4.43 7.15 0.12
C SER A 56 3.94 8.44 0.77
N ASN A 57 3.43 9.35 -0.05
CA ASN A 57 2.92 10.63 0.44
C ASN A 57 1.41 10.57 0.64
N TYR A 58 0.76 9.69 -0.09
CA TYR A 58 -0.69 9.54 -0.01
C TYR A 58 -1.06 8.25 0.72
N VAL A 59 -0.18 7.27 0.66
CA VAL A 59 -0.40 5.97 1.31
C VAL A 59 0.56 5.78 2.48
N GLU A 60 0.18 4.91 3.40
CA GLU A 60 1.01 4.62 4.57
C GLU A 60 0.56 3.33 5.25
N ARG A 61 1.52 2.58 5.77
CA ARG A 61 1.24 1.32 6.45
C ARG A 61 0.22 1.53 7.57
N LYS A 62 -0.72 0.60 7.69
CA LYS A 62 -1.75 0.67 8.72
C LYS A 62 -1.13 0.58 10.12
N ASN A 63 -1.97 0.66 11.14
CA ASN A 63 -1.51 0.58 12.52
C ASN A 63 -2.20 -0.56 13.26
N SER A 64 -2.35 -1.69 12.58
CA SER A 64 -3.00 -2.86 13.18
C SER A 64 -1.98 -3.71 13.94
N ALA A 65 -0.99 -4.23 13.20
CA ALA A 65 0.05 -5.06 13.80
C ALA A 65 0.88 -4.26 14.80
N ARG A 66 1.19 -3.02 14.44
CA ARG A 66 1.99 -2.15 15.29
C ARG A 66 3.35 -2.79 15.59
N ALA A 67 4.23 -2.00 16.20
CA ALA A 67 5.57 -2.49 16.55
C ALA A 67 5.58 -3.14 17.93
N ALA A 68 4.90 -2.49 18.88
CA ALA A 68 4.83 -3.00 20.24
C ALA A 68 4.48 -4.48 20.26
N ALA A 69 3.36 -4.83 19.62
CA ALA A 69 2.92 -6.22 19.56
C ALA A 69 4.02 -7.13 19.05
N ASN A 70 3.99 -8.40 19.46
CA ASN A 70 4.99 -9.36 19.05
C ASN A 70 6.39 -8.92 19.47
N SER A 71 6.90 -9.51 20.54
CA SER A 71 8.22 -9.18 21.05
C SER A 71 9.21 -10.30 20.76
N SER A 72 10.01 -10.14 19.71
CA SER A 72 10.99 -11.14 19.34
C SER A 72 10.48 -12.54 19.63
N GLY A 1 5.73 -24.24 1.24
CA GLY A 1 6.72 -23.26 0.82
C GLY A 1 6.21 -22.35 -0.28
N SER A 2 5.47 -21.31 0.11
CA SER A 2 4.92 -20.36 -0.84
C SER A 2 4.54 -19.05 -0.16
N THR A 3 4.14 -18.07 -0.96
CA THR A 3 3.74 -16.77 -0.43
C THR A 3 2.82 -16.92 0.78
N MET A 4 3.27 -16.41 1.92
CA MET A 4 2.47 -16.49 3.14
C MET A 4 3.05 -15.59 4.23
N ALA A 5 4.36 -15.72 4.47
CA ALA A 5 5.03 -14.91 5.47
C ALA A 5 5.37 -13.53 4.93
N GLU A 6 5.50 -12.56 5.84
CA GLU A 6 5.81 -11.19 5.45
C GLU A 6 4.66 -10.57 4.66
N GLU A 7 3.90 -9.70 5.31
CA GLU A 7 2.77 -9.04 4.65
C GLU A 7 2.48 -7.69 5.32
N VAL A 8 2.43 -6.65 4.50
CA VAL A 8 2.15 -5.30 5.00
C VAL A 8 1.05 -4.63 4.19
N VAL A 9 0.25 -3.80 4.86
CA VAL A 9 -0.84 -3.09 4.20
C VAL A 9 -0.78 -1.60 4.50
N VAL A 10 -0.99 -0.78 3.47
CA VAL A 10 -0.96 0.66 3.63
C VAL A 10 -2.26 1.30 3.12
N VAL A 11 -2.80 2.21 3.91
CA VAL A 11 -4.04 2.88 3.54
C VAL A 11 -3.76 4.27 2.96
N ALA A 12 -4.67 4.74 2.11
CA ALA A 12 -4.51 6.05 1.49
C ALA A 12 -5.36 7.10 2.21
N LYS A 13 -4.81 8.31 2.34
CA LYS A 13 -5.52 9.39 3.02
C LYS A 13 -6.15 10.34 2.00
N PHE A 14 -5.57 10.37 0.79
CA PHE A 14 -6.08 11.24 -0.27
C PHE A 14 -6.21 10.47 -1.58
N ASP A 15 -6.71 11.14 -2.60
CA ASP A 15 -6.89 10.53 -3.92
C ASP A 15 -5.73 10.89 -4.84
N TYR A 16 -5.26 9.92 -5.60
CA TYR A 16 -4.16 10.14 -6.52
C TYR A 16 -4.39 9.40 -7.85
N VAL A 17 -3.88 9.97 -8.93
CA VAL A 17 -4.04 9.37 -10.25
C VAL A 17 -2.70 8.86 -10.79
N ALA A 18 -2.56 7.54 -10.86
CA ALA A 18 -1.33 6.94 -11.36
C ALA A 18 -0.94 7.53 -12.71
N GLN A 19 -0.22 8.64 -12.69
CA GLN A 19 0.22 9.30 -13.90
C GLN A 19 0.74 8.28 -14.91
N GLN A 20 1.76 7.52 -14.50
CA GLN A 20 2.36 6.52 -15.37
C GLN A 20 1.55 5.22 -15.33
N GLU A 21 1.49 4.54 -16.47
CA GLU A 21 0.76 3.28 -16.56
C GLU A 21 1.36 2.23 -15.64
N GLN A 22 2.53 2.53 -15.08
CA GLN A 22 3.22 1.61 -14.18
C GLN A 22 2.74 1.80 -12.75
N GLU A 23 2.32 3.01 -12.42
CA GLU A 23 1.84 3.33 -11.08
C GLU A 23 0.48 2.70 -10.83
N LEU A 24 0.04 2.72 -9.58
CA LEU A 24 -1.26 2.16 -9.22
C LEU A 24 -2.20 3.24 -8.71
N ASP A 25 -3.39 3.32 -9.31
CA ASP A 25 -4.37 4.32 -8.92
C ASP A 25 -4.86 4.07 -7.50
N ILE A 26 -4.96 5.15 -6.72
CA ILE A 26 -5.40 5.04 -5.34
C ILE A 26 -6.69 5.84 -5.11
N LYS A 27 -7.21 5.77 -3.90
CA LYS A 27 -8.44 6.49 -3.55
C LYS A 27 -8.47 6.84 -2.07
N LYS A 28 -9.07 7.98 -1.75
CA LYS A 28 -9.17 8.43 -0.36
C LYS A 28 -9.83 7.37 0.50
N ASN A 29 -9.12 6.94 1.55
CA ASN A 29 -9.64 5.93 2.46
C ASN A 29 -9.66 4.56 1.80
N GLU A 30 -8.67 4.31 0.95
CA GLU A 30 -8.58 3.04 0.24
C GLU A 30 -7.40 2.21 0.76
N ARG A 31 -7.69 0.99 1.22
CA ARG A 31 -6.66 0.10 1.74
C ARG A 31 -6.03 -0.71 0.62
N LEU A 32 -4.70 -0.66 0.54
CA LEU A 32 -3.96 -1.40 -0.48
C LEU A 32 -2.99 -2.39 0.15
N TRP A 33 -2.48 -3.30 -0.66
CA TRP A 33 -1.54 -4.31 -0.18
C TRP A 33 -0.11 -3.95 -0.59
N LEU A 34 0.69 -3.54 0.40
CA LEU A 34 2.08 -3.17 0.13
C LEU A 34 2.94 -4.40 -0.15
N LEU A 35 3.64 -4.37 -1.27
CA LEU A 35 4.50 -5.49 -1.66
C LEU A 35 5.97 -5.11 -1.53
N ASP A 36 6.36 -4.02 -2.16
CA ASP A 36 7.74 -3.55 -2.12
C ASP A 36 7.80 -2.08 -1.74
N ASP A 37 8.31 -1.79 -0.55
CA ASP A 37 8.43 -0.41 -0.07
C ASP A 37 9.88 -0.04 0.17
N SER A 38 10.77 -0.56 -0.67
CA SER A 38 12.19 -0.28 -0.55
C SER A 38 12.60 0.90 -1.43
N LYS A 39 12.10 0.91 -2.67
CA LYS A 39 12.42 1.99 -3.60
C LYS A 39 11.58 3.23 -3.29
N SER A 40 12.12 4.39 -3.63
CA SER A 40 11.43 5.65 -3.39
C SER A 40 9.92 5.49 -3.54
N TRP A 41 9.51 4.87 -4.64
CA TRP A 41 8.09 4.64 -4.91
C TRP A 41 7.60 3.36 -4.22
N TRP A 42 6.62 3.51 -3.34
CA TRP A 42 6.07 2.36 -2.62
C TRP A 42 5.19 1.53 -3.54
N ARG A 43 5.66 0.33 -3.86
CA ARG A 43 4.91 -0.57 -4.73
C ARG A 43 3.83 -1.30 -3.95
N VAL A 44 2.58 -1.05 -4.32
CA VAL A 44 1.44 -1.69 -3.66
C VAL A 44 0.53 -2.37 -4.65
N ARG A 45 -0.43 -3.15 -4.15
CA ARG A 45 -1.37 -3.86 -5.00
C ARG A 45 -2.77 -3.27 -4.89
N ASN A 46 -3.60 -3.51 -5.91
CA ASN A 46 -4.96 -3.00 -5.91
C ASN A 46 -5.97 -4.14 -5.93
N SER A 47 -7.22 -3.83 -5.55
CA SER A 47 -8.27 -4.83 -5.51
C SER A 47 -8.46 -5.46 -6.89
N MET A 48 -8.09 -4.73 -7.93
CA MET A 48 -8.22 -5.22 -9.30
C MET A 48 -7.09 -6.18 -9.64
N ASN A 49 -6.33 -6.58 -8.63
CA ASN A 49 -5.22 -7.51 -8.82
C ASN A 49 -4.04 -6.80 -9.48
N LYS A 50 -4.24 -5.54 -9.84
CA LYS A 50 -3.19 -4.75 -10.47
C LYS A 50 -2.22 -4.18 -9.43
N THR A 51 -0.94 -4.16 -9.78
CA THR A 51 0.08 -3.65 -8.87
C THR A 51 0.93 -2.57 -9.55
N GLY A 52 0.90 -1.36 -9.01
CA GLY A 52 1.67 -0.27 -9.57
C GLY A 52 2.47 0.47 -8.52
N PHE A 53 3.43 1.28 -8.98
CA PHE A 53 4.28 2.05 -8.08
C PHE A 53 3.58 3.34 -7.65
N VAL A 54 3.72 3.70 -6.38
CA VAL A 54 3.11 4.92 -5.86
C VAL A 54 3.93 5.49 -4.71
N PRO A 55 3.87 6.81 -4.54
CA PRO A 55 4.60 7.52 -3.48
C PRO A 55 4.05 7.22 -2.09
N SER A 56 4.89 7.37 -1.07
CA SER A 56 4.48 7.11 0.30
C SER A 56 3.92 8.37 0.94
N ASN A 57 3.42 9.28 0.12
CA ASN A 57 2.84 10.53 0.61
C ASN A 57 1.33 10.45 0.68
N TYR A 58 0.76 9.54 -0.11
CA TYR A 58 -0.69 9.36 -0.15
C TYR A 58 -1.11 8.13 0.64
N VAL A 59 -0.29 7.08 0.58
CA VAL A 59 -0.57 5.84 1.29
C VAL A 59 0.48 5.58 2.36
N GLU A 60 0.11 4.78 3.37
CA GLU A 60 1.02 4.45 4.46
C GLU A 60 0.51 3.24 5.24
N ARG A 61 1.43 2.51 5.85
CA ARG A 61 1.08 1.34 6.64
C ARG A 61 0.05 1.69 7.70
N LYS A 62 -0.89 0.76 7.93
CA LYS A 62 -1.93 0.98 8.93
C LYS A 62 -1.33 1.12 10.33
N ASN A 63 -2.15 1.60 11.27
CA ASN A 63 -1.69 1.78 12.64
C ASN A 63 -2.47 0.88 13.59
N SER A 64 -2.68 -0.37 13.19
CA SER A 64 -3.41 -1.33 14.00
C SER A 64 -2.77 -1.47 15.37
N ALA A 65 -3.51 -1.10 16.41
CA ALA A 65 -3.02 -1.19 17.78
C ALA A 65 -3.35 -2.54 18.40
N ARG A 66 -3.13 -3.61 17.63
CA ARG A 66 -3.41 -4.96 18.10
C ARG A 66 -2.17 -5.83 17.99
N ALA A 67 -1.95 -6.67 19.01
CA ALA A 67 -0.80 -7.57 19.03
C ALA A 67 -1.12 -8.88 18.31
N ALA A 68 -2.40 -9.17 18.17
CA ALA A 68 -2.83 -10.40 17.51
C ALA A 68 -3.35 -10.10 16.10
N ALA A 69 -2.80 -9.06 15.48
CA ALA A 69 -3.20 -8.68 14.13
C ALA A 69 -3.29 -9.89 13.21
N ASN A 70 -4.39 -10.00 12.48
CA ASN A 70 -4.59 -11.12 11.57
C ASN A 70 -3.39 -11.29 10.63
N SER A 71 -2.79 -12.47 10.65
CA SER A 71 -1.64 -12.75 9.81
C SER A 71 -1.79 -14.11 9.12
N SER A 72 -2.53 -14.11 8.01
CA SER A 72 -2.75 -15.35 7.26
C SER A 72 -2.96 -15.04 5.78
#